data_1FB8
# 
_entry.id   1FB8 
# 
_audit_conform.dict_name       mmcif_pdbx.dic 
_audit_conform.dict_version    5.397 
_audit_conform.dict_location   http://mmcif.pdb.org/dictionaries/ascii/mmcif_pdbx.dic 
# 
loop_
_database_2.database_id 
_database_2.database_code 
_database_2.pdbx_database_accession 
_database_2.pdbx_DOI 
PDB   1FB8         pdb_00001fb8 10.2210/pdb1fb8/pdb 
RCSB  RCSB011453   ?            ?                   
WWPDB D_1000011453 ?            ?                   
# 
loop_
_pdbx_audit_revision_history.ordinal 
_pdbx_audit_revision_history.data_content_type 
_pdbx_audit_revision_history.major_revision 
_pdbx_audit_revision_history.minor_revision 
_pdbx_audit_revision_history.revision_date 
1 'Structure model' 1 0 2000-07-20 
2 'Structure model' 1 1 2008-04-27 
3 'Structure model' 1 2 2011-07-13 
4 'Structure model' 1 3 2024-10-16 
# 
_pdbx_audit_revision_details.ordinal             1 
_pdbx_audit_revision_details.revision_ordinal    1 
_pdbx_audit_revision_details.data_content_type   'Structure model' 
_pdbx_audit_revision_details.provider            repository 
_pdbx_audit_revision_details.type                'Initial release' 
_pdbx_audit_revision_details.description         ? 
_pdbx_audit_revision_details.details             ? 
# 
loop_
_pdbx_audit_revision_group.ordinal 
_pdbx_audit_revision_group.revision_ordinal 
_pdbx_audit_revision_group.data_content_type 
_pdbx_audit_revision_group.group 
1 2 'Structure model' 'Version format compliance' 
2 3 'Structure model' 'Derived calculations'      
3 3 'Structure model' 'Version format compliance' 
4 4 'Structure model' 'Data collection'           
5 4 'Structure model' 'Database references'       
6 4 'Structure model' 'Derived calculations'      
7 4 'Structure model' 'Structure summary'         
# 
loop_
_pdbx_audit_revision_category.ordinal 
_pdbx_audit_revision_category.revision_ordinal 
_pdbx_audit_revision_category.data_content_type 
_pdbx_audit_revision_category.category 
1 4 'Structure model' chem_comp_atom            
2 4 'Structure model' chem_comp_bond            
3 4 'Structure model' database_2                
4 4 'Structure model' pdbx_entry_details        
5 4 'Structure model' pdbx_modification_feature 
6 4 'Structure model' struct_site               
# 
loop_
_pdbx_audit_revision_item.ordinal 
_pdbx_audit_revision_item.revision_ordinal 
_pdbx_audit_revision_item.data_content_type 
_pdbx_audit_revision_item.item 
1 4 'Structure model' '_database_2.pdbx_DOI'                
2 4 'Structure model' '_database_2.pdbx_database_accession' 
3 4 'Structure model' '_struct_site.pdbx_auth_asym_id'      
4 4 'Structure model' '_struct_site.pdbx_auth_comp_id'      
5 4 'Structure model' '_struct_site.pdbx_auth_seq_id'       
# 
_pdbx_database_status.status_code                     REL 
_pdbx_database_status.entry_id                        1FB8 
_pdbx_database_status.recvd_initial_deposition_date   2000-07-14 
_pdbx_database_status.deposit_site                    RCSB 
_pdbx_database_status.process_site                    RCSB 
_pdbx_database_status.SG_entry                        . 
_pdbx_database_status.pdb_format_compatible           Y 
_pdbx_database_status.status_code_mr                  ? 
_pdbx_database_status.status_code_sf                  ? 
_pdbx_database_status.status_code_cs                  ? 
_pdbx_database_status.status_code_nmr_data            ? 
_pdbx_database_status.methods_development_category    ? 
# 
_pdbx_database_related.db_name        PDB 
_pdbx_database_related.db_id          1FAO 
_pdbx_database_related.details        
;STRUCTURE OF THE PLECKSTRIN HOMOLOGY DOMAIN FROM 
DAPP1/PHISH IN COMPLEX WITH INOSITOL 1,3,4,5- 
TETRAKISPHOSPHATE
;
_pdbx_database_related.content_type   unspecified 
# 
loop_
_audit_author.name 
_audit_author.pdbx_ordinal 
'Ferguson, K.M.' 1 
'Kavran, J.M.'   2 
'Sankaran, V.G.' 3 
'Fournier, E.'   4 
'Isakoff, S.J.'  5 
'Skolnik, E.Y.'  6 
'Lemmon, M.A.'   7 
# 
_citation.id                        primary 
_citation.title                     'Structural basis for discrimination of 3-phosphoinositides by pleckstrin homology domains.' 
_citation.journal_abbrev            Mol.Cell 
_citation.journal_volume            6 
_citation.page_first                373 
_citation.page_last                 384 
_citation.year                      2000 
_citation.journal_id_ASTM           MOCEFL 
_citation.country                   US 
_citation.journal_id_ISSN           1097-2765 
_citation.journal_id_CSD            2168 
_citation.book_publisher            ? 
_citation.pdbx_database_id_PubMed   10983984 
_citation.pdbx_database_id_DOI      '10.1016/S1097-2765(00)00037-X' 
# 
loop_
_citation_author.citation_id 
_citation_author.name 
_citation_author.ordinal 
_citation_author.identifier_ORCID 
primary 'Ferguson, K.M.' 1 ? 
primary 'Kavran, J.M.'   2 ? 
primary 'Sankaran, V.G.' 3 ? 
primary 'Fournier, E.'   4 ? 
primary 'Isakoff, S.J.'  5 ? 
primary 'Skolnik, E.Y.'  6 ? 
primary 'Lemmon, M.A.'   7 ? 
# 
loop_
_entity.id 
_entity.type 
_entity.src_method 
_entity.pdbx_description 
_entity.formula_weight 
_entity.pdbx_number_of_molecules 
_entity.pdbx_ec 
_entity.pdbx_mutation 
_entity.pdbx_fragment 
_entity.details 
1 polymer     man 'DUAL ADAPTOR OF PHOSPHOTYROSINE AND 3-PHOSPHOINOSITIDES' 14805.023 1  ? ? 'PLECKSTRIN HOMOLOGY DOMAIN' ? 
2 non-polymer syn 'PHOSPHATE ION'                                           94.971    2  ? ? ?                            ? 
3 water       nat water                                                     18.015    28 ? ? ?                            ? 
# 
_entity_name_com.entity_id   1 
_entity_name_com.name        'DAPP1, PHISH, BAM32' 
# 
_entity_poly.entity_id                      1 
_entity_poly.type                           'polypeptide(L)' 
_entity_poly.nstd_linkage                   no 
_entity_poly.nstd_monomer                   no 
_entity_poly.pdbx_seq_one_letter_code       
;MQTGRTEDDLVPTAPSLGTKEGYLTKQGGLVKTWKTRWFTLHRNELKYFKDQMSPEPIRILDLTECSAVQFDYSQERVNC
FCLVFPFRTFYLCAKTGVEADEWIKILRWKLSQIRKQLNQGEGTIR
;
_entity_poly.pdbx_seq_one_letter_code_can   
;MQTGRTEDDLVPTAPSLGTKEGYLTKQGGLVKTWKTRWFTLHRNELKYFKDQMSPEPIRILDLTECSAVQFDYSQERVNC
FCLVFPFRTFYLCAKTGVEADEWIKILRWKLSQIRKQLNQGEGTIR
;
_entity_poly.pdbx_strand_id                 A 
_entity_poly.pdbx_target_identifier         ? 
# 
loop_
_pdbx_entity_nonpoly.entity_id 
_pdbx_entity_nonpoly.name 
_pdbx_entity_nonpoly.comp_id 
2 'PHOSPHATE ION' PO4 
3 water           HOH 
# 
loop_
_entity_poly_seq.entity_id 
_entity_poly_seq.num 
_entity_poly_seq.mon_id 
_entity_poly_seq.hetero 
1 1   MET n 
1 2   GLN n 
1 3   THR n 
1 4   GLY n 
1 5   ARG n 
1 6   THR n 
1 7   GLU n 
1 8   ASP n 
1 9   ASP n 
1 10  LEU n 
1 11  VAL n 
1 12  PRO n 
1 13  THR n 
1 14  ALA n 
1 15  PRO n 
1 16  SER n 
1 17  LEU n 
1 18  GLY n 
1 19  THR n 
1 20  LYS n 
1 21  GLU n 
1 22  GLY n 
1 23  TYR n 
1 24  LEU n 
1 25  THR n 
1 26  LYS n 
1 27  GLN n 
1 28  GLY n 
1 29  GLY n 
1 30  LEU n 
1 31  VAL n 
1 32  LYS n 
1 33  THR n 
1 34  TRP n 
1 35  LYS n 
1 36  THR n 
1 37  ARG n 
1 38  TRP n 
1 39  PHE n 
1 40  THR n 
1 41  LEU n 
1 42  HIS n 
1 43  ARG n 
1 44  ASN n 
1 45  GLU n 
1 46  LEU n 
1 47  LYS n 
1 48  TYR n 
1 49  PHE n 
1 50  LYS n 
1 51  ASP n 
1 52  GLN n 
1 53  MET n 
1 54  SER n 
1 55  PRO n 
1 56  GLU n 
1 57  PRO n 
1 58  ILE n 
1 59  ARG n 
1 60  ILE n 
1 61  LEU n 
1 62  ASP n 
1 63  LEU n 
1 64  THR n 
1 65  GLU n 
1 66  CYS n 
1 67  SER n 
1 68  ALA n 
1 69  VAL n 
1 70  GLN n 
1 71  PHE n 
1 72  ASP n 
1 73  TYR n 
1 74  SER n 
1 75  GLN n 
1 76  GLU n 
1 77  ARG n 
1 78  VAL n 
1 79  ASN n 
1 80  CYS n 
1 81  PHE n 
1 82  CYS n 
1 83  LEU n 
1 84  VAL n 
1 85  PHE n 
1 86  PRO n 
1 87  PHE n 
1 88  ARG n 
1 89  THR n 
1 90  PHE n 
1 91  TYR n 
1 92  LEU n 
1 93  CYS n 
1 94  ALA n 
1 95  LYS n 
1 96  THR n 
1 97  GLY n 
1 98  VAL n 
1 99  GLU n 
1 100 ALA n 
1 101 ASP n 
1 102 GLU n 
1 103 TRP n 
1 104 ILE n 
1 105 LYS n 
1 106 ILE n 
1 107 LEU n 
1 108 ARG n 
1 109 TRP n 
1 110 LYS n 
1 111 LEU n 
1 112 SER n 
1 113 GLN n 
1 114 ILE n 
1 115 ARG n 
1 116 LYS n 
1 117 GLN n 
1 118 LEU n 
1 119 ASN n 
1 120 GLN n 
1 121 GLY n 
1 122 GLU n 
1 123 GLY n 
1 124 THR n 
1 125 ILE n 
1 126 ARG n 
# 
_entity_src_gen.entity_id                          1 
_entity_src_gen.pdbx_src_id                        1 
_entity_src_gen.pdbx_alt_source_flag               sample 
_entity_src_gen.pdbx_seq_type                      ? 
_entity_src_gen.pdbx_beg_seq_num                   ? 
_entity_src_gen.pdbx_end_seq_num                   ? 
_entity_src_gen.gene_src_common_name               human 
_entity_src_gen.gene_src_genus                     Homo 
_entity_src_gen.pdbx_gene_src_gene                 ? 
_entity_src_gen.gene_src_species                   ? 
_entity_src_gen.gene_src_strain                    ? 
_entity_src_gen.gene_src_tissue                    ? 
_entity_src_gen.gene_src_tissue_fraction           ? 
_entity_src_gen.gene_src_details                   ? 
_entity_src_gen.pdbx_gene_src_fragment             ? 
_entity_src_gen.pdbx_gene_src_scientific_name      'Homo sapiens' 
_entity_src_gen.pdbx_gene_src_ncbi_taxonomy_id     9606 
_entity_src_gen.pdbx_gene_src_variant              ? 
_entity_src_gen.pdbx_gene_src_cell_line            ? 
_entity_src_gen.pdbx_gene_src_atcc                 ? 
_entity_src_gen.pdbx_gene_src_organ                ? 
_entity_src_gen.pdbx_gene_src_organelle            ? 
_entity_src_gen.pdbx_gene_src_cell                 ? 
_entity_src_gen.pdbx_gene_src_cellular_location    ? 
_entity_src_gen.host_org_common_name               ? 
_entity_src_gen.pdbx_host_org_scientific_name      'Escherichia coli' 
_entity_src_gen.pdbx_host_org_ncbi_taxonomy_id     562 
_entity_src_gen.host_org_genus                     Escherichia 
_entity_src_gen.pdbx_host_org_gene                 ? 
_entity_src_gen.pdbx_host_org_organ                ? 
_entity_src_gen.host_org_species                   ? 
_entity_src_gen.pdbx_host_org_tissue               ? 
_entity_src_gen.pdbx_host_org_tissue_fraction      ? 
_entity_src_gen.pdbx_host_org_strain               ? 
_entity_src_gen.pdbx_host_org_variant              ? 
_entity_src_gen.pdbx_host_org_cell_line            ? 
_entity_src_gen.pdbx_host_org_atcc                 ? 
_entity_src_gen.pdbx_host_org_culture_collection   ? 
_entity_src_gen.pdbx_host_org_cell                 ? 
_entity_src_gen.pdbx_host_org_organelle            ? 
_entity_src_gen.pdbx_host_org_cellular_location    ? 
_entity_src_gen.pdbx_host_org_vector_type          PLASMID 
_entity_src_gen.pdbx_host_org_vector               ? 
_entity_src_gen.host_org_details                   ? 
_entity_src_gen.expression_system_id               ? 
_entity_src_gen.plasmid_name                       PET11A 
_entity_src_gen.plasmid_details                    ? 
_entity_src_gen.pdbx_description                   ? 
# 
loop_
_chem_comp.id 
_chem_comp.type 
_chem_comp.mon_nstd_flag 
_chem_comp.name 
_chem_comp.pdbx_synonyms 
_chem_comp.formula 
_chem_comp.formula_weight 
ALA 'L-peptide linking' y ALANINE         ? 'C3 H7 N O2'     89.093  
ARG 'L-peptide linking' y ARGININE        ? 'C6 H15 N4 O2 1' 175.209 
ASN 'L-peptide linking' y ASPARAGINE      ? 'C4 H8 N2 O3'    132.118 
ASP 'L-peptide linking' y 'ASPARTIC ACID' ? 'C4 H7 N O4'     133.103 
CYS 'L-peptide linking' y CYSTEINE        ? 'C3 H7 N O2 S'   121.158 
GLN 'L-peptide linking' y GLUTAMINE       ? 'C5 H10 N2 O3'   146.144 
GLU 'L-peptide linking' y 'GLUTAMIC ACID' ? 'C5 H9 N O4'     147.129 
GLY 'peptide linking'   y GLYCINE         ? 'C2 H5 N O2'     75.067  
HIS 'L-peptide linking' y HISTIDINE       ? 'C6 H10 N3 O2 1' 156.162 
HOH non-polymer         . WATER           ? 'H2 O'           18.015  
ILE 'L-peptide linking' y ISOLEUCINE      ? 'C6 H13 N O2'    131.173 
LEU 'L-peptide linking' y LEUCINE         ? 'C6 H13 N O2'    131.173 
LYS 'L-peptide linking' y LYSINE          ? 'C6 H15 N2 O2 1' 147.195 
MET 'L-peptide linking' y METHIONINE      ? 'C5 H11 N O2 S'  149.211 
PHE 'L-peptide linking' y PHENYLALANINE   ? 'C9 H11 N O2'    165.189 
PO4 non-polymer         . 'PHOSPHATE ION' ? 'O4 P -3'        94.971  
PRO 'L-peptide linking' y PROLINE         ? 'C5 H9 N O2'     115.130 
SER 'L-peptide linking' y SERINE          ? 'C3 H7 N O3'     105.093 
THR 'L-peptide linking' y THREONINE       ? 'C4 H9 N O3'     119.119 
TRP 'L-peptide linking' y TRYPTOPHAN      ? 'C11 H12 N2 O2'  204.225 
TYR 'L-peptide linking' y TYROSINE        ? 'C9 H11 N O3'    181.189 
VAL 'L-peptide linking' y VALINE          ? 'C5 H11 N O2'    117.146 
# 
loop_
_pdbx_poly_seq_scheme.asym_id 
_pdbx_poly_seq_scheme.entity_id 
_pdbx_poly_seq_scheme.seq_id 
_pdbx_poly_seq_scheme.mon_id 
_pdbx_poly_seq_scheme.ndb_seq_num 
_pdbx_poly_seq_scheme.pdb_seq_num 
_pdbx_poly_seq_scheme.auth_seq_num 
_pdbx_poly_seq_scheme.pdb_mon_id 
_pdbx_poly_seq_scheme.auth_mon_id 
_pdbx_poly_seq_scheme.pdb_strand_id 
_pdbx_poly_seq_scheme.pdb_ins_code 
_pdbx_poly_seq_scheme.hetero 
A 1 1   MET 1   148 ?   ?   ?   A . n 
A 1 2   GLN 2   149 ?   ?   ?   A . n 
A 1 3   THR 3   150 ?   ?   ?   A . n 
A 1 4   GLY 4   151 ?   ?   ?   A . n 
A 1 5   ARG 5   152 ?   ?   ?   A . n 
A 1 6   THR 6   153 ?   ?   ?   A . n 
A 1 7   GLU 7   154 ?   ?   ?   A . n 
A 1 8   ASP 8   155 ?   ?   ?   A . n 
A 1 9   ASP 9   156 ?   ?   ?   A . n 
A 1 10  LEU 10  157 157 LEU LEU A . n 
A 1 11  VAL 11  158 158 VAL VAL A . n 
A 1 12  PRO 12  159 159 PRO PRO A . n 
A 1 13  THR 13  160 160 THR THR A . n 
A 1 14  ALA 14  161 161 ALA ALA A . n 
A 1 15  PRO 15  162 162 PRO PRO A . n 
A 1 16  SER 16  163 163 SER SER A . n 
A 1 17  LEU 17  164 164 LEU LEU A . n 
A 1 18  GLY 18  165 165 GLY GLY A . n 
A 1 19  THR 19  166 166 THR THR A . n 
A 1 20  LYS 20  167 167 LYS LYS A . n 
A 1 21  GLU 21  168 168 GLU GLU A . n 
A 1 22  GLY 22  169 169 GLY GLY A . n 
A 1 23  TYR 23  170 170 TYR TYR A . n 
A 1 24  LEU 24  171 171 LEU LEU A . n 
A 1 25  THR 25  172 172 THR THR A . n 
A 1 26  LYS 26  173 173 LYS LYS A . n 
A 1 27  GLN 27  174 174 GLN GLN A . n 
A 1 28  GLY 28  175 175 GLY GLY A . n 
A 1 29  GLY 29  176 176 GLY GLY A . n 
A 1 30  LEU 30  177 177 LEU LEU A . n 
A 1 31  VAL 31  178 178 VAL VAL A . n 
A 1 32  LYS 32  179 179 LYS ALA A . n 
A 1 33  THR 33  180 180 THR THR A . n 
A 1 34  TRP 34  181 181 TRP TRP A . n 
A 1 35  LYS 35  182 182 LYS LYS A . n 
A 1 36  THR 36  183 183 THR THR A . n 
A 1 37  ARG 37  184 184 ARG ARG A . n 
A 1 38  TRP 38  185 185 TRP TRP A . n 
A 1 39  PHE 39  186 186 PHE PHE A . n 
A 1 40  THR 40  187 187 THR THR A . n 
A 1 41  LEU 41  188 188 LEU LEU A . n 
A 1 42  HIS 42  189 189 HIS HIS A . n 
A 1 43  ARG 43  190 190 ARG ARG A . n 
A 1 44  ASN 44  191 191 ASN ASN A . n 
A 1 45  GLU 45  192 192 GLU GLU A . n 
A 1 46  LEU 46  193 193 LEU LEU A . n 
A 1 47  LYS 47  194 194 LYS LYS A . n 
A 1 48  TYR 48  195 195 TYR TYR A . n 
A 1 49  PHE 49  196 196 PHE PHE A . n 
A 1 50  LYS 50  197 197 LYS LYS A . n 
A 1 51  ASP 51  198 198 ASP ASP A . n 
A 1 52  GLN 52  199 199 GLN GLN A . n 
A 1 53  MET 53  200 200 MET MET A . n 
A 1 54  SER 54  201 201 SER SER A . n 
A 1 55  PRO 55  202 202 PRO PRO A . n 
A 1 56  GLU 56  203 203 GLU GLU A . n 
A 1 57  PRO 57  204 204 PRO PRO A . n 
A 1 58  ILE 58  205 205 ILE ILE A . n 
A 1 59  ARG 59  206 206 ARG ARG A . n 
A 1 60  ILE 60  207 207 ILE ILE A . n 
A 1 61  LEU 61  208 208 LEU LEU A . n 
A 1 62  ASP 62  209 209 ASP ASP A . n 
A 1 63  LEU 63  210 210 LEU LEU A . n 
A 1 64  THR 64  211 211 THR THR A . n 
A 1 65  GLU 65  212 212 GLU GLU A . n 
A 1 66  CYS 66  213 213 CYS CYS A . n 
A 1 67  SER 67  214 214 SER SER A . n 
A 1 68  ALA 68  215 215 ALA ALA A . n 
A 1 69  VAL 69  216 216 VAL VAL A . n 
A 1 70  GLN 70  217 217 GLN GLN A . n 
A 1 71  PHE 71  218 218 PHE PHE A . n 
A 1 72  ASP 72  219 219 ASP ASP A . n 
A 1 73  TYR 73  220 220 TYR TYR A . n 
A 1 74  SER 74  221 221 SER SER A . n 
A 1 75  GLN 75  222 222 GLN GLN A . n 
A 1 76  GLU 76  223 223 GLU GLU A . n 
A 1 77  ARG 77  224 224 ARG ARG A . n 
A 1 78  VAL 78  225 225 VAL VAL A . n 
A 1 79  ASN 79  226 226 ASN ASN A . n 
A 1 80  CYS 80  227 227 CYS CYS A . n 
A 1 81  PHE 81  228 228 PHE PHE A . n 
A 1 82  CYS 82  229 229 CYS CYS A . n 
A 1 83  LEU 83  230 230 LEU LEU A . n 
A 1 84  VAL 84  231 231 VAL VAL A . n 
A 1 85  PHE 85  232 232 PHE PHE A . n 
A 1 86  PRO 86  233 233 PRO PRO A . n 
A 1 87  PHE 87  234 234 PHE PHE A . n 
A 1 88  ARG 88  235 235 ARG ARG A . n 
A 1 89  THR 89  236 236 THR THR A . n 
A 1 90  PHE 90  237 237 PHE PHE A . n 
A 1 91  TYR 91  238 238 TYR TYR A . n 
A 1 92  LEU 92  239 239 LEU LEU A . n 
A 1 93  CYS 93  240 240 CYS CYS A . n 
A 1 94  ALA 94  241 241 ALA ALA A . n 
A 1 95  LYS 95  242 242 LYS LYS A . n 
A 1 96  THR 96  243 243 THR THR A . n 
A 1 97  GLY 97  244 244 GLY GLY A . n 
A 1 98  VAL 98  245 245 VAL VAL A . n 
A 1 99  GLU 99  246 246 GLU GLU A . n 
A 1 100 ALA 100 247 247 ALA ALA A . n 
A 1 101 ASP 101 248 248 ASP ASP A . n 
A 1 102 GLU 102 249 249 GLU GLU A . n 
A 1 103 TRP 103 250 250 TRP TRP A . n 
A 1 104 ILE 104 251 251 ILE ILE A . n 
A 1 105 LYS 105 252 252 LYS LYS A . n 
A 1 106 ILE 106 253 253 ILE ILE A . n 
A 1 107 LEU 107 254 254 LEU LEU A . n 
A 1 108 ARG 108 255 255 ARG ARG A . n 
A 1 109 TRP 109 256 256 TRP TRP A . n 
A 1 110 LYS 110 257 257 LYS LYS A . n 
A 1 111 LEU 111 258 258 LEU LEU A . n 
A 1 112 SER 112 259 259 SER SER A . n 
A 1 113 GLN 113 260 260 GLN GLN A . n 
A 1 114 ILE 114 261 261 ILE ILE A . n 
A 1 115 ARG 115 262 262 ARG ARG A . n 
A 1 116 LYS 116 263 ?   ?   ?   A . n 
A 1 117 GLN 117 264 ?   ?   ?   A . n 
A 1 118 LEU 118 265 ?   ?   ?   A . n 
A 1 119 ASN 119 266 ?   ?   ?   A . n 
A 1 120 GLN 120 267 ?   ?   ?   A . n 
A 1 121 GLY 121 268 ?   ?   ?   A . n 
A 1 122 GLU 122 269 ?   ?   ?   A . n 
A 1 123 GLY 123 270 ?   ?   ?   A . n 
A 1 124 THR 124 271 ?   ?   ?   A . n 
A 1 125 ILE 125 272 ?   ?   ?   A . n 
A 1 126 ARG 126 273 ?   ?   ?   A . n 
# 
loop_
_pdbx_nonpoly_scheme.asym_id 
_pdbx_nonpoly_scheme.entity_id 
_pdbx_nonpoly_scheme.mon_id 
_pdbx_nonpoly_scheme.ndb_seq_num 
_pdbx_nonpoly_scheme.pdb_seq_num 
_pdbx_nonpoly_scheme.auth_seq_num 
_pdbx_nonpoly_scheme.pdb_mon_id 
_pdbx_nonpoly_scheme.auth_mon_id 
_pdbx_nonpoly_scheme.pdb_strand_id 
_pdbx_nonpoly_scheme.pdb_ins_code 
B 2 PO4 1  31 1  PO4 PO4 A . 
C 2 PO4 1  32 2  PO4 PO4 A . 
D 3 HOH 1  1  1  HOH TIP A . 
D 3 HOH 2  2  2  HOH TIP A . 
D 3 HOH 3  3  3  HOH TIP A . 
D 3 HOH 4  4  4  HOH TIP A . 
D 3 HOH 5  5  5  HOH TIP A . 
D 3 HOH 6  6  6  HOH TIP A . 
D 3 HOH 7  7  7  HOH TIP A . 
D 3 HOH 8  8  8  HOH TIP A . 
D 3 HOH 9  9  9  HOH TIP A . 
D 3 HOH 10 10 10 HOH TIP A . 
D 3 HOH 11 11 11 HOH TIP A . 
D 3 HOH 12 12 12 HOH TIP A . 
D 3 HOH 13 13 13 HOH TIP A . 
D 3 HOH 14 14 14 HOH TIP A . 
D 3 HOH 15 15 15 HOH TIP A . 
D 3 HOH 16 16 16 HOH TIP A . 
D 3 HOH 17 17 17 HOH TIP A . 
D 3 HOH 18 18 18 HOH TIP A . 
D 3 HOH 19 19 19 HOH TIP A . 
D 3 HOH 20 20 20 HOH TIP A . 
D 3 HOH 21 21 21 HOH TIP A . 
D 3 HOH 22 22 22 HOH TIP A . 
D 3 HOH 23 23 23 HOH TIP A . 
D 3 HOH 24 24 24 HOH TIP A . 
D 3 HOH 25 25 25 HOH TIP A . 
D 3 HOH 26 26 26 HOH TIP A . 
D 3 HOH 27 27 27 HOH TIP A . 
D 3 HOH 28 28 28 HOH TIP A . 
# 
loop_
_pdbx_unobs_or_zero_occ_atoms.id 
_pdbx_unobs_or_zero_occ_atoms.PDB_model_num 
_pdbx_unobs_or_zero_occ_atoms.polymer_flag 
_pdbx_unobs_or_zero_occ_atoms.occupancy_flag 
_pdbx_unobs_or_zero_occ_atoms.auth_asym_id 
_pdbx_unobs_or_zero_occ_atoms.auth_comp_id 
_pdbx_unobs_or_zero_occ_atoms.auth_seq_id 
_pdbx_unobs_or_zero_occ_atoms.PDB_ins_code 
_pdbx_unobs_or_zero_occ_atoms.auth_atom_id 
_pdbx_unobs_or_zero_occ_atoms.label_alt_id 
_pdbx_unobs_or_zero_occ_atoms.label_asym_id 
_pdbx_unobs_or_zero_occ_atoms.label_comp_id 
_pdbx_unobs_or_zero_occ_atoms.label_seq_id 
_pdbx_unobs_or_zero_occ_atoms.label_atom_id 
1 1 Y 1 A LYS 179 ? CG ? A LYS 32 CG 
2 1 Y 1 A LYS 179 ? CD ? A LYS 32 CD 
3 1 Y 1 A LYS 179 ? CE ? A LYS 32 CE 
4 1 Y 1 A LYS 179 ? NZ ? A LYS 32 NZ 
# 
loop_
_software.name 
_software.classification 
_software.version 
_software.citation_id 
_software.pdbx_ordinal 
DENZO     'data reduction' .   ? 1 
SCALEPACK 'data scaling'   .   ? 2 
MLPHARE   phasing          .   ? 3 
CNS       refinement       0.9 ? 4 
# 
_cell.entry_id           1FB8 
_cell.length_a           83.380 
_cell.length_b           83.380 
_cell.length_c           38.520 
_cell.angle_alpha        90.00 
_cell.angle_beta         90.00 
_cell.angle_gamma        90.00 
_cell.Z_PDB              8 
_cell.pdbx_unique_axis   ? 
# 
_symmetry.entry_id                         1FB8 
_symmetry.space_group_name_H-M             'I 4' 
_symmetry.pdbx_full_space_group_name_H-M   ? 
_symmetry.cell_setting                     ? 
_symmetry.Int_Tables_number                79 
# 
_exptl.entry_id          1FB8 
_exptl.method            'X-RAY DIFFRACTION' 
_exptl.crystals_number   1 
# 
_exptl_crystal.id                    1 
_exptl_crystal.density_meas          ? 
_exptl_crystal.density_Matthews      2.26 
_exptl_crystal.density_percent_sol   40.8 
_exptl_crystal.description           ? 
# 
_exptl_crystal_grow.crystal_id      1 
_exptl_crystal_grow.method          'VAPOR DIFFUSION, HANGING DROP' 
_exptl_crystal_grow.temp            291 
_exptl_crystal_grow.temp_details    ? 
_exptl_crystal_grow.pH              7.0 
_exptl_crystal_grow.pdbx_details    
'PEG 3450, Ethylene Glycol, Ammonium Phosphate, Sodium Phosphate, pH 7.0, VAPOR DIFFUSION, HANGING DROP, temperature 291K' 
_exptl_crystal_grow.pdbx_pH_range   ? 
# 
_diffrn.id                     1 
_diffrn.ambient_temp           100 
_diffrn.ambient_temp_details   ? 
_diffrn.crystal_id             1 
# 
_diffrn_detector.diffrn_id              1 
_diffrn_detector.detector               CCD 
_diffrn_detector.type                   'BRANDEIS - B4' 
_diffrn_detector.pdbx_collection_date   1999-02-10 
_diffrn_detector.details                ? 
# 
_diffrn_radiation.diffrn_id                        1 
_diffrn_radiation.wavelength_id                    1 
_diffrn_radiation.pdbx_monochromatic_or_laue_m_l   M 
_diffrn_radiation.monochromator                    ? 
_diffrn_radiation.pdbx_diffrn_protocol             'SINGLE WAVELENGTH' 
_diffrn_radiation.pdbx_scattering_type             x-ray 
# 
_diffrn_radiation_wavelength.id           1 
_diffrn_radiation_wavelength.wavelength   1.0 
_diffrn_radiation_wavelength.wt           1.0 
# 
_diffrn_source.diffrn_id                   1 
_diffrn_source.source                      SYNCHROTRON 
_diffrn_source.type                        'NSLS BEAMLINE X25' 
_diffrn_source.pdbx_synchrotron_site       NSLS 
_diffrn_source.pdbx_synchrotron_beamline   X25 
_diffrn_source.pdbx_wavelength             1.0 
_diffrn_source.pdbx_wavelength_list        ? 
# 
_reflns.entry_id                     1FB8 
_reflns.observed_criterion_sigma_I   0.0 
_reflns.observed_criterion_sigma_F   0.0 
_reflns.d_resolution_low             50.0 
_reflns.d_resolution_high            2.4 
_reflns.number_obs                   4973 
_reflns.number_all                   4973 
_reflns.percent_possible_obs         94.0 
_reflns.pdbx_Rmerge_I_obs            0.05 
_reflns.pdbx_Rsym_value              0.04 
_reflns.pdbx_netI_over_sigmaI        21.5 
_reflns.B_iso_Wilson_estimate        43.0 
_reflns.pdbx_redundancy              3.5 
_reflns.R_free_details               ? 
_reflns.limit_h_max                  ? 
_reflns.limit_h_min                  ? 
_reflns.limit_k_max                  ? 
_reflns.limit_k_min                  ? 
_reflns.limit_l_max                  ? 
_reflns.limit_l_min                  ? 
_reflns.observed_criterion_F_max     ? 
_reflns.observed_criterion_F_min     ? 
_reflns.pdbx_ordinal                 1 
_reflns.pdbx_diffrn_id               1 
# 
_reflns_shell.d_res_high             2.4 
_reflns_shell.d_res_low              2.55 
_reflns_shell.percent_possible_all   84 
_reflns_shell.Rmerge_I_obs           0.14 
_reflns_shell.pdbx_Rsym_value        0.14 
_reflns_shell.meanI_over_sigI_obs    5.200 
_reflns_shell.pdbx_redundancy        3 
_reflns_shell.percent_possible_obs   ? 
_reflns_shell.number_unique_all      717 
_reflns_shell.pdbx_ordinal           1 
_reflns_shell.pdbx_diffrn_id         1 
# 
_refine.entry_id                                 1FB8 
_refine.ls_number_reflns_obs                     4973 
_refine.ls_number_reflns_all                     4973 
_refine.pdbx_ls_sigma_I                          0.0 
_refine.pdbx_ls_sigma_F                          0.0 
_refine.pdbx_data_cutoff_high_absF               708822.74 
_refine.pdbx_data_cutoff_low_absF                0.00000 
_refine.ls_d_res_low                             35 
_refine.ls_d_res_high                            2.40 
_refine.ls_percent_reflns_obs                    93.9 
_refine.ls_R_factor_obs                          0.223 
_refine.ls_R_factor_all                          ? 
_refine.ls_R_factor_R_work                       0.223 
_refine.ls_R_factor_R_free                       0.272 
_refine.ls_R_factor_R_free_error                 0.010 
_refine.ls_R_factor_R_free_error_details         ? 
_refine.ls_percent_reflns_R_free                 14.9 
_refine.ls_number_reflns_R_free                  740 
_refine.ls_number_parameters                     ? 
_refine.ls_number_restraints                     ? 
_refine.occupancy_min                            ? 
_refine.occupancy_max                            ? 
_refine.B_iso_mean                               43.7 
_refine.aniso_B[1][1]                            0.21 
_refine.aniso_B[2][2]                            0.21 
_refine.aniso_B[3][3]                            -0.42 
_refine.aniso_B[1][2]                            0.00 
_refine.aniso_B[1][3]                            0.00 
_refine.aniso_B[2][3]                            0.00 
_refine.solvent_model_details                    'FLAT MODEL' 
_refine.solvent_model_param_ksol                 0.378 
_refine.solvent_model_param_bsol                 42.75 
_refine.pdbx_ls_cross_valid_method               THROUGHOUT 
_refine.details                                  ? 
_refine.pdbx_starting_model                      ? 
_refine.pdbx_method_to_determine_struct          MIR 
_refine.pdbx_isotropic_thermal_model             RESTRAINED 
_refine.pdbx_stereochemistry_target_values       'Engh & Huber' 
_refine.pdbx_stereochem_target_val_spec_case     ? 
_refine.pdbx_R_Free_selection_details            RANDOM 
_refine.pdbx_overall_ESU_R_Free                  ? 
_refine.overall_SU_B                             ? 
_refine.ls_redundancy_reflns_obs                 ? 
_refine.B_iso_min                                ? 
_refine.B_iso_max                                ? 
_refine.overall_SU_ML                            ? 
_refine.pdbx_overall_ESU_R                       ? 
_refine.pdbx_data_cutoff_high_rms_absF           ? 
_refine.pdbx_refine_id                           'X-RAY DIFFRACTION' 
_refine.pdbx_diffrn_id                           1 
_refine.pdbx_TLS_residual_ADP_flag               ? 
_refine.correlation_coeff_Fo_to_Fc               ? 
_refine.correlation_coeff_Fo_to_Fc_free          ? 
_refine.pdbx_solvent_vdw_probe_radii             ? 
_refine.pdbx_solvent_ion_probe_radii             ? 
_refine.pdbx_solvent_shrinkage_radii             ? 
_refine.pdbx_overall_phase_error                 ? 
_refine.overall_SU_R_Cruickshank_DPI             ? 
_refine.pdbx_overall_SU_R_free_Cruickshank_DPI   ? 
_refine.pdbx_overall_SU_R_Blow_DPI               ? 
_refine.pdbx_overall_SU_R_free_Blow_DPI          ? 
# 
_refine_analyze.entry_id                        1FB8 
_refine_analyze.Luzzati_coordinate_error_obs    0.30 
_refine_analyze.Luzzati_sigma_a_obs             0.27 
_refine_analyze.Luzzati_d_res_low_obs           5.00 
_refine_analyze.Luzzati_coordinate_error_free   0.38 
_refine_analyze.Luzzati_sigma_a_free            0.32 
_refine_analyze.Luzzati_d_res_low_free          ? 
_refine_analyze.number_disordered_residues      ? 
_refine_analyze.occupancy_sum_hydrogen          ? 
_refine_analyze.occupancy_sum_non_hydrogen      ? 
_refine_analyze.pdbx_Luzzati_d_res_high_obs     ? 
_refine_analyze.pdbx_refine_id                  'X-RAY DIFFRACTION' 
# 
_refine_hist.pdbx_refine_id                   'X-RAY DIFFRACTION' 
_refine_hist.cycle_id                         LAST 
_refine_hist.pdbx_number_atoms_protein        879 
_refine_hist.pdbx_number_atoms_nucleic_acid   0 
_refine_hist.pdbx_number_atoms_ligand         10 
_refine_hist.number_atoms_solvent             28 
_refine_hist.number_atoms_total               917 
_refine_hist.d_res_high                       2.40 
_refine_hist.d_res_low                        35 
# 
loop_
_refine_ls_restr.type 
_refine_ls_restr.dev_ideal 
_refine_ls_restr.dev_ideal_target 
_refine_ls_restr.weight 
_refine_ls_restr.number 
_refine_ls_restr.pdbx_refine_id 
_refine_ls_restr.pdbx_restraint_function 
c_bond_d           0.007 ?    ? ? 'X-RAY DIFFRACTION' ? 
c_angle_deg        1.24  ?    ? ? 'X-RAY DIFFRACTION' ? 
c_dihedral_angle_d 24.5  ?    ? ? 'X-RAY DIFFRACTION' ? 
c_improper_angle_d 0.68  ?    ? ? 'X-RAY DIFFRACTION' ? 
c_mcbond_it        2.28  1.50 ? ? 'X-RAY DIFFRACTION' ? 
c_mcangle_it       3.44  2.00 ? ? 'X-RAY DIFFRACTION' ? 
c_scbond_it        3.86  2.00 ? ? 'X-RAY DIFFRACTION' ? 
c_scangle_it       5.01  2.50 ? ? 'X-RAY DIFFRACTION' ? 
# 
_refine_ls_shell.pdbx_total_number_of_bins_used   6 
_refine_ls_shell.d_res_high                       2.40 
_refine_ls_shell.d_res_low                        2.55 
_refine_ls_shell.number_reflns_R_work             615 
_refine_ls_shell.R_factor_R_work                  0.271 
_refine_ls_shell.percent_reflns_obs               84.0 
_refine_ls_shell.R_factor_R_free                  0.321 
_refine_ls_shell.R_factor_R_free_error            0.032 
_refine_ls_shell.percent_reflns_R_free            14.2 
_refine_ls_shell.number_reflns_R_free             102 
_refine_ls_shell.redundancy_reflns_obs            ? 
_refine_ls_shell.number_reflns_all                ? 
_refine_ls_shell.number_reflns_obs                ? 
_refine_ls_shell.pdbx_refine_id                   'X-RAY DIFFRACTION' 
_refine_ls_shell.R_factor_all                     ? 
# 
loop_
_pdbx_xplor_file.serial_no 
_pdbx_xplor_file.param_file 
_pdbx_xplor_file.topol_file 
_pdbx_xplor_file.pdbx_refine_id 
1 PROTEIN_REP.PARAM PROTEIN.TOP 'X-RAY DIFFRACTION' 
2 WATER_REP.PARAM   WATER.TOP   'X-RAY DIFFRACTION' 
3 ION.PARAM         ION.TOP     'X-RAY DIFFRACTION' 
4 ?                 ?           'X-RAY DIFFRACTION' 
5 ?                 ?           'X-RAY DIFFRACTION' 
# 
_struct.entry_id                  1FB8 
_struct.title                     'STRUCTURE OF THE PLECKSTRIN HOMOLOGY DOMAIN FROM DAPP1/PHISH' 
_struct.pdbx_model_details        ? 
_struct.pdbx_CASP_flag            ? 
_struct.pdbx_model_type_details   ? 
# 
_struct_keywords.entry_id        1FB8 
_struct_keywords.pdbx_keywords   'SIGNALING PROTEIN' 
_struct_keywords.text            
'PLECKSTRIN, 3-PHOSPHOINOSITIDES, INOSITOL TETRAKISPHOSPHATE SIGNAL TRANSDUCTION PROTEIN, ADAPTOR PROTEIN, SIGNALING PROTEIN' 
# 
loop_
_struct_asym.id 
_struct_asym.pdbx_blank_PDB_chainid_flag 
_struct_asym.pdbx_modified 
_struct_asym.entity_id 
_struct_asym.details 
A N N 1 ? 
B N N 2 ? 
C N N 2 ? 
D N N 3 ? 
# 
_struct_ref.id                         1 
_struct_ref.db_code                    DAPP1_HUMAN 
_struct_ref.db_name                    UNP 
_struct_ref.entity_id                  1 
_struct_ref.pdbx_db_accession          Q9UN19 
_struct_ref.pdbx_align_begin           148 
_struct_ref.pdbx_seq_one_letter_code   
;MQTGRTEDDLVPTAPSLGTKEGYLTKQGGLVKTWKTRWFTLHRNELKYFKDQMSPEPIRILDLTECSAVQFDYSQERVNC
FCLVFPFRTFYLCAKTGVEADEWIKILRWKLSQIRKQLNQGEGTIR
;
_struct_ref.pdbx_db_isoform            ? 
# 
_struct_ref_seq.align_id                      1 
_struct_ref_seq.ref_id                        1 
_struct_ref_seq.pdbx_PDB_id_code              1FB8 
_struct_ref_seq.pdbx_strand_id                A 
_struct_ref_seq.seq_align_beg                 1 
_struct_ref_seq.pdbx_seq_align_beg_ins_code   ? 
_struct_ref_seq.seq_align_end                 126 
_struct_ref_seq.pdbx_seq_align_end_ins_code   ? 
_struct_ref_seq.pdbx_db_accession             Q9UN19 
_struct_ref_seq.db_align_beg                  148 
_struct_ref_seq.pdbx_db_align_beg_ins_code    ? 
_struct_ref_seq.db_align_end                  273 
_struct_ref_seq.pdbx_db_align_end_ins_code    ? 
_struct_ref_seq.pdbx_auth_seq_align_beg       148 
_struct_ref_seq.pdbx_auth_seq_align_end       273 
# 
loop_
_pdbx_struct_assembly.id 
_pdbx_struct_assembly.details 
_pdbx_struct_assembly.method_details 
_pdbx_struct_assembly.oligomeric_details 
_pdbx_struct_assembly.oligomeric_count 
1 author_defined_assembly   ?        monomeric  1 
2 software_defined_assembly PISA,PQS tetrameric 4 
# 
loop_
_pdbx_struct_assembly_prop.biol_id 
_pdbx_struct_assembly_prop.type 
_pdbx_struct_assembly_prop.value 
_pdbx_struct_assembly_prop.details 
2 'ABSA (A^2)' 6780  ? 
2 MORE         -84   ? 
2 'SSA (A^2)'  23670 ? 
# 
loop_
_pdbx_struct_assembly_gen.assembly_id 
_pdbx_struct_assembly_gen.oper_expression 
_pdbx_struct_assembly_gen.asym_id_list 
1 1       A,B,C,D 
2 1,2,3,4 A,B,C,D 
# 
loop_
_pdbx_struct_oper_list.id 
_pdbx_struct_oper_list.type 
_pdbx_struct_oper_list.name 
_pdbx_struct_oper_list.symmetry_operation 
_pdbx_struct_oper_list.matrix[1][1] 
_pdbx_struct_oper_list.matrix[1][2] 
_pdbx_struct_oper_list.matrix[1][3] 
_pdbx_struct_oper_list.vector[1] 
_pdbx_struct_oper_list.matrix[2][1] 
_pdbx_struct_oper_list.matrix[2][2] 
_pdbx_struct_oper_list.matrix[2][3] 
_pdbx_struct_oper_list.vector[2] 
_pdbx_struct_oper_list.matrix[3][1] 
_pdbx_struct_oper_list.matrix[3][2] 
_pdbx_struct_oper_list.matrix[3][3] 
_pdbx_struct_oper_list.vector[3] 
1 'identity operation'         1_555 x,y,z   1.0000000000  0.0000000000  0.0000000000  0.0000000000  0.0000000000  1.0000000000  0.0000000000  0.0000000000  0.0000000000  0.0000000000  1.0000000000 0.0000000000  
2 'crystal symmetry operation' 2_555 -x,-y,z -0.3216023829 0.1496060428  -0.9349812508 22.9722365439 0.1496060428  -0.9670075963 -0.2061900595 23.3006672498 -0.9349812508 -0.2061900595 0.2886099792 20.3963781491 
3 'crystal symmetry operation' 3_555 -y,x,z  0.3391988086  -0.7278830876 -0.5959281660 22.1475095615 0.8774891304  0.0164962018  0.4793127386  -3.5089184979 -0.3390530848 -0.6855027980 0.6443049896 15.5081850987 
4 'crystal symmetry operation' 4_555 y,-x,z  0.3391988086  0.8774891304  -0.3390530848 0.8247269824  -0.7278830876 0.0164962018  -0.6855027980 26.8095857477 -0.5959281660 0.4793127386  0.6443049896 4.8881930505 
# 
_struct_biol.id                    1 
_struct_biol.details               'The biological assembly is a monomer' 
_struct_biol.pdbx_parent_biol_id   ? 
# 
loop_
_struct_conf.conf_type_id 
_struct_conf.id 
_struct_conf.pdbx_PDB_helix_id 
_struct_conf.beg_label_comp_id 
_struct_conf.beg_label_asym_id 
_struct_conf.beg_label_seq_id 
_struct_conf.pdbx_beg_PDB_ins_code 
_struct_conf.end_label_comp_id 
_struct_conf.end_label_asym_id 
_struct_conf.end_label_seq_id 
_struct_conf.pdbx_end_PDB_ins_code 
_struct_conf.beg_auth_comp_id 
_struct_conf.beg_auth_asym_id 
_struct_conf.beg_auth_seq_id 
_struct_conf.end_auth_comp_id 
_struct_conf.end_auth_asym_id 
_struct_conf.end_auth_seq_id 
_struct_conf.pdbx_PDB_helix_class 
_struct_conf.details 
_struct_conf.pdbx_PDB_helix_length 
HELX_P HELX_P1 1 THR A 64 ? CYS A 66  ? THR A 211 CYS A 213 5 ? 3  
HELX_P HELX_P2 2 THR A 96 ? ARG A 115 ? THR A 243 ARG A 262 1 ? 20 
# 
_struct_conf_type.id          HELX_P 
_struct_conf_type.criteria    ? 
_struct_conf_type.reference   ? 
# 
_struct_conn.id                            disulf1 
_struct_conn.conn_type_id                  disulf 
_struct_conn.pdbx_leaving_atom_flag        ? 
_struct_conn.pdbx_PDB_id                   ? 
_struct_conn.ptnr1_label_asym_id           A 
_struct_conn.ptnr1_label_comp_id           CYS 
_struct_conn.ptnr1_label_seq_id            80 
_struct_conn.ptnr1_label_atom_id           SG 
_struct_conn.pdbx_ptnr1_label_alt_id       ? 
_struct_conn.pdbx_ptnr1_PDB_ins_code       ? 
_struct_conn.pdbx_ptnr1_standard_comp_id   ? 
_struct_conn.ptnr1_symmetry                1_555 
_struct_conn.ptnr2_label_asym_id           A 
_struct_conn.ptnr2_label_comp_id           CYS 
_struct_conn.ptnr2_label_seq_id            93 
_struct_conn.ptnr2_label_atom_id           SG 
_struct_conn.pdbx_ptnr2_label_alt_id       ? 
_struct_conn.pdbx_ptnr2_PDB_ins_code       ? 
_struct_conn.ptnr1_auth_asym_id            A 
_struct_conn.ptnr1_auth_comp_id            CYS 
_struct_conn.ptnr1_auth_seq_id             227 
_struct_conn.ptnr2_auth_asym_id            A 
_struct_conn.ptnr2_auth_comp_id            CYS 
_struct_conn.ptnr2_auth_seq_id             240 
_struct_conn.ptnr2_symmetry                1_555 
_struct_conn.pdbx_ptnr3_label_atom_id      ? 
_struct_conn.pdbx_ptnr3_label_seq_id       ? 
_struct_conn.pdbx_ptnr3_label_comp_id      ? 
_struct_conn.pdbx_ptnr3_label_asym_id      ? 
_struct_conn.pdbx_ptnr3_label_alt_id       ? 
_struct_conn.pdbx_ptnr3_PDB_ins_code       ? 
_struct_conn.details                       ? 
_struct_conn.pdbx_dist_value               2.033 
_struct_conn.pdbx_value_order              ? 
_struct_conn.pdbx_role                     ? 
# 
_struct_conn_type.id          disulf 
_struct_conn_type.criteria    ? 
_struct_conn_type.reference   ? 
# 
_pdbx_modification_feature.ordinal                            1 
_pdbx_modification_feature.label_comp_id                      CYS 
_pdbx_modification_feature.label_asym_id                      A 
_pdbx_modification_feature.label_seq_id                       80 
_pdbx_modification_feature.label_alt_id                       ? 
_pdbx_modification_feature.modified_residue_label_comp_id     CYS 
_pdbx_modification_feature.modified_residue_label_asym_id     A 
_pdbx_modification_feature.modified_residue_label_seq_id      93 
_pdbx_modification_feature.modified_residue_label_alt_id      ? 
_pdbx_modification_feature.auth_comp_id                       CYS 
_pdbx_modification_feature.auth_asym_id                       A 
_pdbx_modification_feature.auth_seq_id                        227 
_pdbx_modification_feature.PDB_ins_code                       ? 
_pdbx_modification_feature.symmetry                           1_555 
_pdbx_modification_feature.modified_residue_auth_comp_id      CYS 
_pdbx_modification_feature.modified_residue_auth_asym_id      A 
_pdbx_modification_feature.modified_residue_auth_seq_id       240 
_pdbx_modification_feature.modified_residue_PDB_ins_code      ? 
_pdbx_modification_feature.modified_residue_symmetry          1_555 
_pdbx_modification_feature.comp_id_linking_atom               SG 
_pdbx_modification_feature.modified_residue_id_linking_atom   SG 
_pdbx_modification_feature.modified_residue_id                . 
_pdbx_modification_feature.ref_pcm_id                         . 
_pdbx_modification_feature.ref_comp_id                        . 
_pdbx_modification_feature.type                               None 
_pdbx_modification_feature.category                           'Disulfide bridge' 
# 
_struct_sheet.id               A 
_struct_sheet.type             ? 
_struct_sheet.number_strands   7 
_struct_sheet.details          ? 
# 
loop_
_struct_sheet_order.sheet_id 
_struct_sheet_order.range_id_1 
_struct_sheet_order.range_id_2 
_struct_sheet_order.offset 
_struct_sheet_order.sense 
A 1 2 ? anti-parallel 
A 2 3 ? anti-parallel 
A 3 4 ? anti-parallel 
A 4 5 ? anti-parallel 
A 5 6 ? anti-parallel 
A 6 7 ? anti-parallel 
# 
loop_
_struct_sheet_range.sheet_id 
_struct_sheet_range.id 
_struct_sheet_range.beg_label_comp_id 
_struct_sheet_range.beg_label_asym_id 
_struct_sheet_range.beg_label_seq_id 
_struct_sheet_range.pdbx_beg_PDB_ins_code 
_struct_sheet_range.end_label_comp_id 
_struct_sheet_range.end_label_asym_id 
_struct_sheet_range.end_label_seq_id 
_struct_sheet_range.pdbx_end_PDB_ins_code 
_struct_sheet_range.beg_auth_comp_id 
_struct_sheet_range.beg_auth_asym_id 
_struct_sheet_range.beg_auth_seq_id 
_struct_sheet_range.end_auth_comp_id 
_struct_sheet_range.end_auth_asym_id 
_struct_sheet_range.end_auth_seq_id 
A 1 ARG A 59 ? ASP A 62 ? ARG A 206 ASP A 209 
A 2 GLU A 45 ? PHE A 49 ? GLU A 192 PHE A 196 
A 3 TRP A 34 ? HIS A 42 ? TRP A 181 HIS A 189 
A 4 LYS A 20 ? GLN A 27 ? LYS A 167 GLN A 174 
A 5 ARG A 88 ? ALA A 94 ? ARG A 235 ALA A 241 
A 6 ASN A 79 ? PHE A 85 ? ASN A 226 PHE A 232 
A 7 ALA A 68 ? PHE A 71 ? ALA A 215 PHE A 218 
# 
loop_
_pdbx_struct_sheet_hbond.sheet_id 
_pdbx_struct_sheet_hbond.range_id_1 
_pdbx_struct_sheet_hbond.range_id_2 
_pdbx_struct_sheet_hbond.range_1_label_atom_id 
_pdbx_struct_sheet_hbond.range_1_label_comp_id 
_pdbx_struct_sheet_hbond.range_1_label_asym_id 
_pdbx_struct_sheet_hbond.range_1_label_seq_id 
_pdbx_struct_sheet_hbond.range_1_PDB_ins_code 
_pdbx_struct_sheet_hbond.range_1_auth_atom_id 
_pdbx_struct_sheet_hbond.range_1_auth_comp_id 
_pdbx_struct_sheet_hbond.range_1_auth_asym_id 
_pdbx_struct_sheet_hbond.range_1_auth_seq_id 
_pdbx_struct_sheet_hbond.range_2_label_atom_id 
_pdbx_struct_sheet_hbond.range_2_label_comp_id 
_pdbx_struct_sheet_hbond.range_2_label_asym_id 
_pdbx_struct_sheet_hbond.range_2_label_seq_id 
_pdbx_struct_sheet_hbond.range_2_PDB_ins_code 
_pdbx_struct_sheet_hbond.range_2_auth_atom_id 
_pdbx_struct_sheet_hbond.range_2_auth_comp_id 
_pdbx_struct_sheet_hbond.range_2_auth_asym_id 
_pdbx_struct_sheet_hbond.range_2_auth_seq_id 
A 1 2 N LEU A 61 ? N LEU A 208 O LEU A 46 ? O LEU A 193 
A 2 3 N PHE A 49 ? N PHE A 196 O TRP A 38 ? O TRP A 185 
A 3 4 N LEU A 41 ? N LEU A 188 O LYS A 20 ? O LYS A 167 
A 4 5 N GLN A 27 ? N GLN A 174 O TYR A 91 ? O TYR A 238 
A 5 6 N ALA A 94 ? N ALA A 241 O ASN A 79 ? O ASN A 226 
A 6 7 N VAL A 84 ? N VAL A 231 O ALA A 68 ? O ALA A 215 
# 
loop_
_struct_site.id 
_struct_site.pdbx_evidence_code 
_struct_site.pdbx_auth_asym_id 
_struct_site.pdbx_auth_comp_id 
_struct_site.pdbx_auth_seq_id 
_struct_site.pdbx_auth_ins_code 
_struct_site.pdbx_num_residues 
_struct_site.details 
AC1 Software A PO4 31 ? 7 'BINDING SITE FOR RESIDUE PO4 A 31' 
AC2 Software A PO4 32 ? 9 'BINDING SITE FOR RESIDUE PO4 A 32' 
# 
loop_
_struct_site_gen.id 
_struct_site_gen.site_id 
_struct_site_gen.pdbx_num_res 
_struct_site_gen.label_comp_id 
_struct_site_gen.label_asym_id 
_struct_site_gen.label_seq_id 
_struct_site_gen.pdbx_auth_ins_code 
_struct_site_gen.auth_comp_id 
_struct_site_gen.auth_asym_id 
_struct_site_gen.auth_seq_id 
_struct_site_gen.label_atom_id 
_struct_site_gen.label_alt_id 
_struct_site_gen.symmetry 
_struct_site_gen.details 
1  AC1 7 PO4 C .  ? PO4 A 32  . ? 1_555 ? 
2  AC1 7 LYS A 26 ? LYS A 173 . ? 1_555 ? 
3  AC1 7 LYS A 35 ? LYS A 182 . ? 1_555 ? 
4  AC1 7 THR A 36 ? THR A 183 . ? 3_555 ? 
5  AC1 7 ARG A 37 ? ARG A 184 . ? 1_555 ? 
6  AC1 7 ILE A 58 ? ILE A 205 . ? 1_555 ? 
7  AC1 7 LYS A 95 ? LYS A 242 . ? 3_555 ? 
8  AC2 9 HOH D .  ? HOH A 19  . ? 1_555 ? 
9  AC2 9 PO4 B .  ? PO4 A 31  . ? 1_555 ? 
10 AC2 9 LYS A 26 ? LYS A 173 . ? 1_555 ? 
11 AC2 9 GLY A 28 ? GLY A 175 . ? 1_555 ? 
12 AC2 9 GLY A 29 ? GLY A 176 . ? 1_555 ? 
13 AC2 9 TYR A 48 ? TYR A 195 . ? 1_555 ? 
14 AC2 9 ARG A 59 ? ARG A 206 . ? 1_555 ? 
15 AC2 9 ARG A 88 ? ARG A 235 . ? 1_555 ? 
16 AC2 9 LYS A 95 ? LYS A 242 . ? 3_555 ? 
# 
_pdbx_entry_details.entry_id                   1FB8 
_pdbx_entry_details.compound_details           ? 
_pdbx_entry_details.source_details             ? 
_pdbx_entry_details.nonpolymer_details         ? 
_pdbx_entry_details.sequence_details           ? 
_pdbx_entry_details.has_ligand_of_interest     ? 
_pdbx_entry_details.has_protein_modification   Y 
# 
loop_
_pdbx_validate_torsion.id 
_pdbx_validate_torsion.PDB_model_num 
_pdbx_validate_torsion.auth_comp_id 
_pdbx_validate_torsion.auth_asym_id 
_pdbx_validate_torsion.auth_seq_id 
_pdbx_validate_torsion.PDB_ins_code 
_pdbx_validate_torsion.label_alt_id 
_pdbx_validate_torsion.phi 
_pdbx_validate_torsion.psi 
1 1 THR A 160 ? ? -150.08 -94.35  
2 1 SER A 163 ? ? -85.44  35.05   
3 1 LEU A 164 ? ? 61.20   113.63  
4 1 LYS A 179 ? ? -74.79  42.49   
5 1 ARG A 190 ? ? 62.58   -122.03 
6 1 ARG A 235 ? ? -177.82 142.63  
# 
loop_
_pdbx_unobs_or_zero_occ_residues.id 
_pdbx_unobs_or_zero_occ_residues.PDB_model_num 
_pdbx_unobs_or_zero_occ_residues.polymer_flag 
_pdbx_unobs_or_zero_occ_residues.occupancy_flag 
_pdbx_unobs_or_zero_occ_residues.auth_asym_id 
_pdbx_unobs_or_zero_occ_residues.auth_comp_id 
_pdbx_unobs_or_zero_occ_residues.auth_seq_id 
_pdbx_unobs_or_zero_occ_residues.PDB_ins_code 
_pdbx_unobs_or_zero_occ_residues.label_asym_id 
_pdbx_unobs_or_zero_occ_residues.label_comp_id 
_pdbx_unobs_or_zero_occ_residues.label_seq_id 
1  1 Y 1 A MET 148 ? A MET 1   
2  1 Y 1 A GLN 149 ? A GLN 2   
3  1 Y 1 A THR 150 ? A THR 3   
4  1 Y 1 A GLY 151 ? A GLY 4   
5  1 Y 1 A ARG 152 ? A ARG 5   
6  1 Y 1 A THR 153 ? A THR 6   
7  1 Y 1 A GLU 154 ? A GLU 7   
8  1 Y 1 A ASP 155 ? A ASP 8   
9  1 Y 1 A ASP 156 ? A ASP 9   
10 1 Y 1 A LYS 263 ? A LYS 116 
11 1 Y 1 A GLN 264 ? A GLN 117 
12 1 Y 1 A LEU 265 ? A LEU 118 
13 1 Y 1 A ASN 266 ? A ASN 119 
14 1 Y 1 A GLN 267 ? A GLN 120 
15 1 Y 1 A GLY 268 ? A GLY 121 
16 1 Y 1 A GLU 269 ? A GLU 122 
17 1 Y 1 A GLY 270 ? A GLY 123 
18 1 Y 1 A THR 271 ? A THR 124 
19 1 Y 1 A ILE 272 ? A ILE 125 
20 1 Y 1 A ARG 273 ? A ARG 126 
# 
loop_
_chem_comp_atom.comp_id 
_chem_comp_atom.atom_id 
_chem_comp_atom.type_symbol 
_chem_comp_atom.pdbx_aromatic_flag 
_chem_comp_atom.pdbx_stereo_config 
_chem_comp_atom.pdbx_ordinal 
ALA N    N N N 1   
ALA CA   C N S 2   
ALA C    C N N 3   
ALA O    O N N 4   
ALA CB   C N N 5   
ALA OXT  O N N 6   
ALA H    H N N 7   
ALA H2   H N N 8   
ALA HA   H N N 9   
ALA HB1  H N N 10  
ALA HB2  H N N 11  
ALA HB3  H N N 12  
ALA HXT  H N N 13  
ARG N    N N N 14  
ARG CA   C N S 15  
ARG C    C N N 16  
ARG O    O N N 17  
ARG CB   C N N 18  
ARG CG   C N N 19  
ARG CD   C N N 20  
ARG NE   N N N 21  
ARG CZ   C N N 22  
ARG NH1  N N N 23  
ARG NH2  N N N 24  
ARG OXT  O N N 25  
ARG H    H N N 26  
ARG H2   H N N 27  
ARG HA   H N N 28  
ARG HB2  H N N 29  
ARG HB3  H N N 30  
ARG HG2  H N N 31  
ARG HG3  H N N 32  
ARG HD2  H N N 33  
ARG HD3  H N N 34  
ARG HE   H N N 35  
ARG HH11 H N N 36  
ARG HH12 H N N 37  
ARG HH21 H N N 38  
ARG HH22 H N N 39  
ARG HXT  H N N 40  
ASN N    N N N 41  
ASN CA   C N S 42  
ASN C    C N N 43  
ASN O    O N N 44  
ASN CB   C N N 45  
ASN CG   C N N 46  
ASN OD1  O N N 47  
ASN ND2  N N N 48  
ASN OXT  O N N 49  
ASN H    H N N 50  
ASN H2   H N N 51  
ASN HA   H N N 52  
ASN HB2  H N N 53  
ASN HB3  H N N 54  
ASN HD21 H N N 55  
ASN HD22 H N N 56  
ASN HXT  H N N 57  
ASP N    N N N 58  
ASP CA   C N S 59  
ASP C    C N N 60  
ASP O    O N N 61  
ASP CB   C N N 62  
ASP CG   C N N 63  
ASP OD1  O N N 64  
ASP OD2  O N N 65  
ASP OXT  O N N 66  
ASP H    H N N 67  
ASP H2   H N N 68  
ASP HA   H N N 69  
ASP HB2  H N N 70  
ASP HB3  H N N 71  
ASP HD2  H N N 72  
ASP HXT  H N N 73  
CYS N    N N N 74  
CYS CA   C N R 75  
CYS C    C N N 76  
CYS O    O N N 77  
CYS CB   C N N 78  
CYS SG   S N N 79  
CYS OXT  O N N 80  
CYS H    H N N 81  
CYS H2   H N N 82  
CYS HA   H N N 83  
CYS HB2  H N N 84  
CYS HB3  H N N 85  
CYS HG   H N N 86  
CYS HXT  H N N 87  
GLN N    N N N 88  
GLN CA   C N S 89  
GLN C    C N N 90  
GLN O    O N N 91  
GLN CB   C N N 92  
GLN CG   C N N 93  
GLN CD   C N N 94  
GLN OE1  O N N 95  
GLN NE2  N N N 96  
GLN OXT  O N N 97  
GLN H    H N N 98  
GLN H2   H N N 99  
GLN HA   H N N 100 
GLN HB2  H N N 101 
GLN HB3  H N N 102 
GLN HG2  H N N 103 
GLN HG3  H N N 104 
GLN HE21 H N N 105 
GLN HE22 H N N 106 
GLN HXT  H N N 107 
GLU N    N N N 108 
GLU CA   C N S 109 
GLU C    C N N 110 
GLU O    O N N 111 
GLU CB   C N N 112 
GLU CG   C N N 113 
GLU CD   C N N 114 
GLU OE1  O N N 115 
GLU OE2  O N N 116 
GLU OXT  O N N 117 
GLU H    H N N 118 
GLU H2   H N N 119 
GLU HA   H N N 120 
GLU HB2  H N N 121 
GLU HB3  H N N 122 
GLU HG2  H N N 123 
GLU HG3  H N N 124 
GLU HE2  H N N 125 
GLU HXT  H N N 126 
GLY N    N N N 127 
GLY CA   C N N 128 
GLY C    C N N 129 
GLY O    O N N 130 
GLY OXT  O N N 131 
GLY H    H N N 132 
GLY H2   H N N 133 
GLY HA2  H N N 134 
GLY HA3  H N N 135 
GLY HXT  H N N 136 
HIS N    N N N 137 
HIS CA   C N S 138 
HIS C    C N N 139 
HIS O    O N N 140 
HIS CB   C N N 141 
HIS CG   C Y N 142 
HIS ND1  N Y N 143 
HIS CD2  C Y N 144 
HIS CE1  C Y N 145 
HIS NE2  N Y N 146 
HIS OXT  O N N 147 
HIS H    H N N 148 
HIS H2   H N N 149 
HIS HA   H N N 150 
HIS HB2  H N N 151 
HIS HB3  H N N 152 
HIS HD1  H N N 153 
HIS HD2  H N N 154 
HIS HE1  H N N 155 
HIS HE2  H N N 156 
HIS HXT  H N N 157 
HOH O    O N N 158 
HOH H1   H N N 159 
HOH H2   H N N 160 
ILE N    N N N 161 
ILE CA   C N S 162 
ILE C    C N N 163 
ILE O    O N N 164 
ILE CB   C N S 165 
ILE CG1  C N N 166 
ILE CG2  C N N 167 
ILE CD1  C N N 168 
ILE OXT  O N N 169 
ILE H    H N N 170 
ILE H2   H N N 171 
ILE HA   H N N 172 
ILE HB   H N N 173 
ILE HG12 H N N 174 
ILE HG13 H N N 175 
ILE HG21 H N N 176 
ILE HG22 H N N 177 
ILE HG23 H N N 178 
ILE HD11 H N N 179 
ILE HD12 H N N 180 
ILE HD13 H N N 181 
ILE HXT  H N N 182 
LEU N    N N N 183 
LEU CA   C N S 184 
LEU C    C N N 185 
LEU O    O N N 186 
LEU CB   C N N 187 
LEU CG   C N N 188 
LEU CD1  C N N 189 
LEU CD2  C N N 190 
LEU OXT  O N N 191 
LEU H    H N N 192 
LEU H2   H N N 193 
LEU HA   H N N 194 
LEU HB2  H N N 195 
LEU HB3  H N N 196 
LEU HG   H N N 197 
LEU HD11 H N N 198 
LEU HD12 H N N 199 
LEU HD13 H N N 200 
LEU HD21 H N N 201 
LEU HD22 H N N 202 
LEU HD23 H N N 203 
LEU HXT  H N N 204 
LYS N    N N N 205 
LYS CA   C N S 206 
LYS C    C N N 207 
LYS O    O N N 208 
LYS CB   C N N 209 
LYS CG   C N N 210 
LYS CD   C N N 211 
LYS CE   C N N 212 
LYS NZ   N N N 213 
LYS OXT  O N N 214 
LYS H    H N N 215 
LYS H2   H N N 216 
LYS HA   H N N 217 
LYS HB2  H N N 218 
LYS HB3  H N N 219 
LYS HG2  H N N 220 
LYS HG3  H N N 221 
LYS HD2  H N N 222 
LYS HD3  H N N 223 
LYS HE2  H N N 224 
LYS HE3  H N N 225 
LYS HZ1  H N N 226 
LYS HZ2  H N N 227 
LYS HZ3  H N N 228 
LYS HXT  H N N 229 
MET N    N N N 230 
MET CA   C N S 231 
MET C    C N N 232 
MET O    O N N 233 
MET CB   C N N 234 
MET CG   C N N 235 
MET SD   S N N 236 
MET CE   C N N 237 
MET OXT  O N N 238 
MET H    H N N 239 
MET H2   H N N 240 
MET HA   H N N 241 
MET HB2  H N N 242 
MET HB3  H N N 243 
MET HG2  H N N 244 
MET HG3  H N N 245 
MET HE1  H N N 246 
MET HE2  H N N 247 
MET HE3  H N N 248 
MET HXT  H N N 249 
PHE N    N N N 250 
PHE CA   C N S 251 
PHE C    C N N 252 
PHE O    O N N 253 
PHE CB   C N N 254 
PHE CG   C Y N 255 
PHE CD1  C Y N 256 
PHE CD2  C Y N 257 
PHE CE1  C Y N 258 
PHE CE2  C Y N 259 
PHE CZ   C Y N 260 
PHE OXT  O N N 261 
PHE H    H N N 262 
PHE H2   H N N 263 
PHE HA   H N N 264 
PHE HB2  H N N 265 
PHE HB3  H N N 266 
PHE HD1  H N N 267 
PHE HD2  H N N 268 
PHE HE1  H N N 269 
PHE HE2  H N N 270 
PHE HZ   H N N 271 
PHE HXT  H N N 272 
PO4 P    P N N 273 
PO4 O1   O N N 274 
PO4 O2   O N N 275 
PO4 O3   O N N 276 
PO4 O4   O N N 277 
PRO N    N N N 278 
PRO CA   C N S 279 
PRO C    C N N 280 
PRO O    O N N 281 
PRO CB   C N N 282 
PRO CG   C N N 283 
PRO CD   C N N 284 
PRO OXT  O N N 285 
PRO H    H N N 286 
PRO HA   H N N 287 
PRO HB2  H N N 288 
PRO HB3  H N N 289 
PRO HG2  H N N 290 
PRO HG3  H N N 291 
PRO HD2  H N N 292 
PRO HD3  H N N 293 
PRO HXT  H N N 294 
SER N    N N N 295 
SER CA   C N S 296 
SER C    C N N 297 
SER O    O N N 298 
SER CB   C N N 299 
SER OG   O N N 300 
SER OXT  O N N 301 
SER H    H N N 302 
SER H2   H N N 303 
SER HA   H N N 304 
SER HB2  H N N 305 
SER HB3  H N N 306 
SER HG   H N N 307 
SER HXT  H N N 308 
THR N    N N N 309 
THR CA   C N S 310 
THR C    C N N 311 
THR O    O N N 312 
THR CB   C N R 313 
THR OG1  O N N 314 
THR CG2  C N N 315 
THR OXT  O N N 316 
THR H    H N N 317 
THR H2   H N N 318 
THR HA   H N N 319 
THR HB   H N N 320 
THR HG1  H N N 321 
THR HG21 H N N 322 
THR HG22 H N N 323 
THR HG23 H N N 324 
THR HXT  H N N 325 
TRP N    N N N 326 
TRP CA   C N S 327 
TRP C    C N N 328 
TRP O    O N N 329 
TRP CB   C N N 330 
TRP CG   C Y N 331 
TRP CD1  C Y N 332 
TRP CD2  C Y N 333 
TRP NE1  N Y N 334 
TRP CE2  C Y N 335 
TRP CE3  C Y N 336 
TRP CZ2  C Y N 337 
TRP CZ3  C Y N 338 
TRP CH2  C Y N 339 
TRP OXT  O N N 340 
TRP H    H N N 341 
TRP H2   H N N 342 
TRP HA   H N N 343 
TRP HB2  H N N 344 
TRP HB3  H N N 345 
TRP HD1  H N N 346 
TRP HE1  H N N 347 
TRP HE3  H N N 348 
TRP HZ2  H N N 349 
TRP HZ3  H N N 350 
TRP HH2  H N N 351 
TRP HXT  H N N 352 
TYR N    N N N 353 
TYR CA   C N S 354 
TYR C    C N N 355 
TYR O    O N N 356 
TYR CB   C N N 357 
TYR CG   C Y N 358 
TYR CD1  C Y N 359 
TYR CD2  C Y N 360 
TYR CE1  C Y N 361 
TYR CE2  C Y N 362 
TYR CZ   C Y N 363 
TYR OH   O N N 364 
TYR OXT  O N N 365 
TYR H    H N N 366 
TYR H2   H N N 367 
TYR HA   H N N 368 
TYR HB2  H N N 369 
TYR HB3  H N N 370 
TYR HD1  H N N 371 
TYR HD2  H N N 372 
TYR HE1  H N N 373 
TYR HE2  H N N 374 
TYR HH   H N N 375 
TYR HXT  H N N 376 
VAL N    N N N 377 
VAL CA   C N S 378 
VAL C    C N N 379 
VAL O    O N N 380 
VAL CB   C N N 381 
VAL CG1  C N N 382 
VAL CG2  C N N 383 
VAL OXT  O N N 384 
VAL H    H N N 385 
VAL H2   H N N 386 
VAL HA   H N N 387 
VAL HB   H N N 388 
VAL HG11 H N N 389 
VAL HG12 H N N 390 
VAL HG13 H N N 391 
VAL HG21 H N N 392 
VAL HG22 H N N 393 
VAL HG23 H N N 394 
VAL HXT  H N N 395 
# 
loop_
_chem_comp_bond.comp_id 
_chem_comp_bond.atom_id_1 
_chem_comp_bond.atom_id_2 
_chem_comp_bond.value_order 
_chem_comp_bond.pdbx_aromatic_flag 
_chem_comp_bond.pdbx_stereo_config 
_chem_comp_bond.pdbx_ordinal 
ALA N   CA   sing N N 1   
ALA N   H    sing N N 2   
ALA N   H2   sing N N 3   
ALA CA  C    sing N N 4   
ALA CA  CB   sing N N 5   
ALA CA  HA   sing N N 6   
ALA C   O    doub N N 7   
ALA C   OXT  sing N N 8   
ALA CB  HB1  sing N N 9   
ALA CB  HB2  sing N N 10  
ALA CB  HB3  sing N N 11  
ALA OXT HXT  sing N N 12  
ARG N   CA   sing N N 13  
ARG N   H    sing N N 14  
ARG N   H2   sing N N 15  
ARG CA  C    sing N N 16  
ARG CA  CB   sing N N 17  
ARG CA  HA   sing N N 18  
ARG C   O    doub N N 19  
ARG C   OXT  sing N N 20  
ARG CB  CG   sing N N 21  
ARG CB  HB2  sing N N 22  
ARG CB  HB3  sing N N 23  
ARG CG  CD   sing N N 24  
ARG CG  HG2  sing N N 25  
ARG CG  HG3  sing N N 26  
ARG CD  NE   sing N N 27  
ARG CD  HD2  sing N N 28  
ARG CD  HD3  sing N N 29  
ARG NE  CZ   sing N N 30  
ARG NE  HE   sing N N 31  
ARG CZ  NH1  sing N N 32  
ARG CZ  NH2  doub N N 33  
ARG NH1 HH11 sing N N 34  
ARG NH1 HH12 sing N N 35  
ARG NH2 HH21 sing N N 36  
ARG NH2 HH22 sing N N 37  
ARG OXT HXT  sing N N 38  
ASN N   CA   sing N N 39  
ASN N   H    sing N N 40  
ASN N   H2   sing N N 41  
ASN CA  C    sing N N 42  
ASN CA  CB   sing N N 43  
ASN CA  HA   sing N N 44  
ASN C   O    doub N N 45  
ASN C   OXT  sing N N 46  
ASN CB  CG   sing N N 47  
ASN CB  HB2  sing N N 48  
ASN CB  HB3  sing N N 49  
ASN CG  OD1  doub N N 50  
ASN CG  ND2  sing N N 51  
ASN ND2 HD21 sing N N 52  
ASN ND2 HD22 sing N N 53  
ASN OXT HXT  sing N N 54  
ASP N   CA   sing N N 55  
ASP N   H    sing N N 56  
ASP N   H2   sing N N 57  
ASP CA  C    sing N N 58  
ASP CA  CB   sing N N 59  
ASP CA  HA   sing N N 60  
ASP C   O    doub N N 61  
ASP C   OXT  sing N N 62  
ASP CB  CG   sing N N 63  
ASP CB  HB2  sing N N 64  
ASP CB  HB3  sing N N 65  
ASP CG  OD1  doub N N 66  
ASP CG  OD2  sing N N 67  
ASP OD2 HD2  sing N N 68  
ASP OXT HXT  sing N N 69  
CYS N   CA   sing N N 70  
CYS N   H    sing N N 71  
CYS N   H2   sing N N 72  
CYS CA  C    sing N N 73  
CYS CA  CB   sing N N 74  
CYS CA  HA   sing N N 75  
CYS C   O    doub N N 76  
CYS C   OXT  sing N N 77  
CYS CB  SG   sing N N 78  
CYS CB  HB2  sing N N 79  
CYS CB  HB3  sing N N 80  
CYS SG  HG   sing N N 81  
CYS OXT HXT  sing N N 82  
GLN N   CA   sing N N 83  
GLN N   H    sing N N 84  
GLN N   H2   sing N N 85  
GLN CA  C    sing N N 86  
GLN CA  CB   sing N N 87  
GLN CA  HA   sing N N 88  
GLN C   O    doub N N 89  
GLN C   OXT  sing N N 90  
GLN CB  CG   sing N N 91  
GLN CB  HB2  sing N N 92  
GLN CB  HB3  sing N N 93  
GLN CG  CD   sing N N 94  
GLN CG  HG2  sing N N 95  
GLN CG  HG3  sing N N 96  
GLN CD  OE1  doub N N 97  
GLN CD  NE2  sing N N 98  
GLN NE2 HE21 sing N N 99  
GLN NE2 HE22 sing N N 100 
GLN OXT HXT  sing N N 101 
GLU N   CA   sing N N 102 
GLU N   H    sing N N 103 
GLU N   H2   sing N N 104 
GLU CA  C    sing N N 105 
GLU CA  CB   sing N N 106 
GLU CA  HA   sing N N 107 
GLU C   O    doub N N 108 
GLU C   OXT  sing N N 109 
GLU CB  CG   sing N N 110 
GLU CB  HB2  sing N N 111 
GLU CB  HB3  sing N N 112 
GLU CG  CD   sing N N 113 
GLU CG  HG2  sing N N 114 
GLU CG  HG3  sing N N 115 
GLU CD  OE1  doub N N 116 
GLU CD  OE2  sing N N 117 
GLU OE2 HE2  sing N N 118 
GLU OXT HXT  sing N N 119 
GLY N   CA   sing N N 120 
GLY N   H    sing N N 121 
GLY N   H2   sing N N 122 
GLY CA  C    sing N N 123 
GLY CA  HA2  sing N N 124 
GLY CA  HA3  sing N N 125 
GLY C   O    doub N N 126 
GLY C   OXT  sing N N 127 
GLY OXT HXT  sing N N 128 
HIS N   CA   sing N N 129 
HIS N   H    sing N N 130 
HIS N   H2   sing N N 131 
HIS CA  C    sing N N 132 
HIS CA  CB   sing N N 133 
HIS CA  HA   sing N N 134 
HIS C   O    doub N N 135 
HIS C   OXT  sing N N 136 
HIS CB  CG   sing N N 137 
HIS CB  HB2  sing N N 138 
HIS CB  HB3  sing N N 139 
HIS CG  ND1  sing Y N 140 
HIS CG  CD2  doub Y N 141 
HIS ND1 CE1  doub Y N 142 
HIS ND1 HD1  sing N N 143 
HIS CD2 NE2  sing Y N 144 
HIS CD2 HD2  sing N N 145 
HIS CE1 NE2  sing Y N 146 
HIS CE1 HE1  sing N N 147 
HIS NE2 HE2  sing N N 148 
HIS OXT HXT  sing N N 149 
HOH O   H1   sing N N 150 
HOH O   H2   sing N N 151 
ILE N   CA   sing N N 152 
ILE N   H    sing N N 153 
ILE N   H2   sing N N 154 
ILE CA  C    sing N N 155 
ILE CA  CB   sing N N 156 
ILE CA  HA   sing N N 157 
ILE C   O    doub N N 158 
ILE C   OXT  sing N N 159 
ILE CB  CG1  sing N N 160 
ILE CB  CG2  sing N N 161 
ILE CB  HB   sing N N 162 
ILE CG1 CD1  sing N N 163 
ILE CG1 HG12 sing N N 164 
ILE CG1 HG13 sing N N 165 
ILE CG2 HG21 sing N N 166 
ILE CG2 HG22 sing N N 167 
ILE CG2 HG23 sing N N 168 
ILE CD1 HD11 sing N N 169 
ILE CD1 HD12 sing N N 170 
ILE CD1 HD13 sing N N 171 
ILE OXT HXT  sing N N 172 
LEU N   CA   sing N N 173 
LEU N   H    sing N N 174 
LEU N   H2   sing N N 175 
LEU CA  C    sing N N 176 
LEU CA  CB   sing N N 177 
LEU CA  HA   sing N N 178 
LEU C   O    doub N N 179 
LEU C   OXT  sing N N 180 
LEU CB  CG   sing N N 181 
LEU CB  HB2  sing N N 182 
LEU CB  HB3  sing N N 183 
LEU CG  CD1  sing N N 184 
LEU CG  CD2  sing N N 185 
LEU CG  HG   sing N N 186 
LEU CD1 HD11 sing N N 187 
LEU CD1 HD12 sing N N 188 
LEU CD1 HD13 sing N N 189 
LEU CD2 HD21 sing N N 190 
LEU CD2 HD22 sing N N 191 
LEU CD2 HD23 sing N N 192 
LEU OXT HXT  sing N N 193 
LYS N   CA   sing N N 194 
LYS N   H    sing N N 195 
LYS N   H2   sing N N 196 
LYS CA  C    sing N N 197 
LYS CA  CB   sing N N 198 
LYS CA  HA   sing N N 199 
LYS C   O    doub N N 200 
LYS C   OXT  sing N N 201 
LYS CB  CG   sing N N 202 
LYS CB  HB2  sing N N 203 
LYS CB  HB3  sing N N 204 
LYS CG  CD   sing N N 205 
LYS CG  HG2  sing N N 206 
LYS CG  HG3  sing N N 207 
LYS CD  CE   sing N N 208 
LYS CD  HD2  sing N N 209 
LYS CD  HD3  sing N N 210 
LYS CE  NZ   sing N N 211 
LYS CE  HE2  sing N N 212 
LYS CE  HE3  sing N N 213 
LYS NZ  HZ1  sing N N 214 
LYS NZ  HZ2  sing N N 215 
LYS NZ  HZ3  sing N N 216 
LYS OXT HXT  sing N N 217 
MET N   CA   sing N N 218 
MET N   H    sing N N 219 
MET N   H2   sing N N 220 
MET CA  C    sing N N 221 
MET CA  CB   sing N N 222 
MET CA  HA   sing N N 223 
MET C   O    doub N N 224 
MET C   OXT  sing N N 225 
MET CB  CG   sing N N 226 
MET CB  HB2  sing N N 227 
MET CB  HB3  sing N N 228 
MET CG  SD   sing N N 229 
MET CG  HG2  sing N N 230 
MET CG  HG3  sing N N 231 
MET SD  CE   sing N N 232 
MET CE  HE1  sing N N 233 
MET CE  HE2  sing N N 234 
MET CE  HE3  sing N N 235 
MET OXT HXT  sing N N 236 
PHE N   CA   sing N N 237 
PHE N   H    sing N N 238 
PHE N   H2   sing N N 239 
PHE CA  C    sing N N 240 
PHE CA  CB   sing N N 241 
PHE CA  HA   sing N N 242 
PHE C   O    doub N N 243 
PHE C   OXT  sing N N 244 
PHE CB  CG   sing N N 245 
PHE CB  HB2  sing N N 246 
PHE CB  HB3  sing N N 247 
PHE CG  CD1  doub Y N 248 
PHE CG  CD2  sing Y N 249 
PHE CD1 CE1  sing Y N 250 
PHE CD1 HD1  sing N N 251 
PHE CD2 CE2  doub Y N 252 
PHE CD2 HD2  sing N N 253 
PHE CE1 CZ   doub Y N 254 
PHE CE1 HE1  sing N N 255 
PHE CE2 CZ   sing Y N 256 
PHE CE2 HE2  sing N N 257 
PHE CZ  HZ   sing N N 258 
PHE OXT HXT  sing N N 259 
PO4 P   O1   doub N N 260 
PO4 P   O2   sing N N 261 
PO4 P   O3   sing N N 262 
PO4 P   O4   sing N N 263 
PRO N   CA   sing N N 264 
PRO N   CD   sing N N 265 
PRO N   H    sing N N 266 
PRO CA  C    sing N N 267 
PRO CA  CB   sing N N 268 
PRO CA  HA   sing N N 269 
PRO C   O    doub N N 270 
PRO C   OXT  sing N N 271 
PRO CB  CG   sing N N 272 
PRO CB  HB2  sing N N 273 
PRO CB  HB3  sing N N 274 
PRO CG  CD   sing N N 275 
PRO CG  HG2  sing N N 276 
PRO CG  HG3  sing N N 277 
PRO CD  HD2  sing N N 278 
PRO CD  HD3  sing N N 279 
PRO OXT HXT  sing N N 280 
SER N   CA   sing N N 281 
SER N   H    sing N N 282 
SER N   H2   sing N N 283 
SER CA  C    sing N N 284 
SER CA  CB   sing N N 285 
SER CA  HA   sing N N 286 
SER C   O    doub N N 287 
SER C   OXT  sing N N 288 
SER CB  OG   sing N N 289 
SER CB  HB2  sing N N 290 
SER CB  HB3  sing N N 291 
SER OG  HG   sing N N 292 
SER OXT HXT  sing N N 293 
THR N   CA   sing N N 294 
THR N   H    sing N N 295 
THR N   H2   sing N N 296 
THR CA  C    sing N N 297 
THR CA  CB   sing N N 298 
THR CA  HA   sing N N 299 
THR C   O    doub N N 300 
THR C   OXT  sing N N 301 
THR CB  OG1  sing N N 302 
THR CB  CG2  sing N N 303 
THR CB  HB   sing N N 304 
THR OG1 HG1  sing N N 305 
THR CG2 HG21 sing N N 306 
THR CG2 HG22 sing N N 307 
THR CG2 HG23 sing N N 308 
THR OXT HXT  sing N N 309 
TRP N   CA   sing N N 310 
TRP N   H    sing N N 311 
TRP N   H2   sing N N 312 
TRP CA  C    sing N N 313 
TRP CA  CB   sing N N 314 
TRP CA  HA   sing N N 315 
TRP C   O    doub N N 316 
TRP C   OXT  sing N N 317 
TRP CB  CG   sing N N 318 
TRP CB  HB2  sing N N 319 
TRP CB  HB3  sing N N 320 
TRP CG  CD1  doub Y N 321 
TRP CG  CD2  sing Y N 322 
TRP CD1 NE1  sing Y N 323 
TRP CD1 HD1  sing N N 324 
TRP CD2 CE2  doub Y N 325 
TRP CD2 CE3  sing Y N 326 
TRP NE1 CE2  sing Y N 327 
TRP NE1 HE1  sing N N 328 
TRP CE2 CZ2  sing Y N 329 
TRP CE3 CZ3  doub Y N 330 
TRP CE3 HE3  sing N N 331 
TRP CZ2 CH2  doub Y N 332 
TRP CZ2 HZ2  sing N N 333 
TRP CZ3 CH2  sing Y N 334 
TRP CZ3 HZ3  sing N N 335 
TRP CH2 HH2  sing N N 336 
TRP OXT HXT  sing N N 337 
TYR N   CA   sing N N 338 
TYR N   H    sing N N 339 
TYR N   H2   sing N N 340 
TYR CA  C    sing N N 341 
TYR CA  CB   sing N N 342 
TYR CA  HA   sing N N 343 
TYR C   O    doub N N 344 
TYR C   OXT  sing N N 345 
TYR CB  CG   sing N N 346 
TYR CB  HB2  sing N N 347 
TYR CB  HB3  sing N N 348 
TYR CG  CD1  doub Y N 349 
TYR CG  CD2  sing Y N 350 
TYR CD1 CE1  sing Y N 351 
TYR CD1 HD1  sing N N 352 
TYR CD2 CE2  doub Y N 353 
TYR CD2 HD2  sing N N 354 
TYR CE1 CZ   doub Y N 355 
TYR CE1 HE1  sing N N 356 
TYR CE2 CZ   sing Y N 357 
TYR CE2 HE2  sing N N 358 
TYR CZ  OH   sing N N 359 
TYR OH  HH   sing N N 360 
TYR OXT HXT  sing N N 361 
VAL N   CA   sing N N 362 
VAL N   H    sing N N 363 
VAL N   H2   sing N N 364 
VAL CA  C    sing N N 365 
VAL CA  CB   sing N N 366 
VAL CA  HA   sing N N 367 
VAL C   O    doub N N 368 
VAL C   OXT  sing N N 369 
VAL CB  CG1  sing N N 370 
VAL CB  CG2  sing N N 371 
VAL CB  HB   sing N N 372 
VAL CG1 HG11 sing N N 373 
VAL CG1 HG12 sing N N 374 
VAL CG1 HG13 sing N N 375 
VAL CG2 HG21 sing N N 376 
VAL CG2 HG22 sing N N 377 
VAL CG2 HG23 sing N N 378 
VAL OXT HXT  sing N N 379 
# 
_atom_sites.entry_id                    1FB8 
_atom_sites.fract_transf_matrix[1][1]   -0.00931396 
_atom_sites.fract_transf_matrix[1][2]   0.00455277 
_atom_sites.fract_transf_matrix[1][3]   -0.00602947 
_atom_sites.fract_transf_matrix[2][1]   -0.00288003 
_atom_sites.fract_transf_matrix[2][2]   -0.01098780 
_atom_sites.fract_transf_matrix[2][3]   -0.00384783 
_atom_sites.fract_transf_matrix[3][1]   -0.01511989 
_atom_sites.fract_transf_matrix[3][2]   -0.00333437 
_atom_sites.fract_transf_matrix[3][3]   0.02083853 
_atom_sites.fract_transf_vector[1]      0.115430 
_atom_sites.fract_transf_vector[2]      0.200333 
_atom_sites.fract_transf_vector[3]      0.198710 
# 
loop_
_atom_type.symbol 
C 
N 
O 
P 
S 
# 
loop_
_atom_site.group_PDB 
_atom_site.id 
_atom_site.type_symbol 
_atom_site.label_atom_id 
_atom_site.label_alt_id 
_atom_site.label_comp_id 
_atom_site.label_asym_id 
_atom_site.label_entity_id 
_atom_site.label_seq_id 
_atom_site.pdbx_PDB_ins_code 
_atom_site.Cartn_x 
_atom_site.Cartn_y 
_atom_site.Cartn_z 
_atom_site.occupancy 
_atom_site.B_iso_or_equiv 
_atom_site.pdbx_formal_charge 
_atom_site.auth_seq_id 
_atom_site.auth_comp_id 
_atom_site.auth_asym_id 
_atom_site.auth_atom_id 
_atom_site.pdbx_PDB_model_num 
ATOM   1   N N   . LEU A 1 10  ? 18.200  11.349  -11.937 1.00 99.02  ? 157 LEU A N   1 
ATOM   2   C CA  . LEU A 1 10  ? 16.916  10.679  -12.124 1.00 99.36  ? 157 LEU A CA  1 
ATOM   3   C C   . LEU A 1 10  ? 15.930  11.534  -12.913 1.00 99.50  ? 157 LEU A C   1 
ATOM   4   O O   . LEU A 1 10  ? 15.872  12.752  -12.758 1.00 98.84  ? 157 LEU A O   1 
ATOM   5   C CB  . LEU A 1 10  ? 16.294  10.317  -10.767 1.00 98.54  ? 157 LEU A CB  1 
ATOM   6   C CG  . LEU A 1 10  ? 14.937  9.606   -10.839 1.00 97.81  ? 157 LEU A CG  1 
ATOM   7   C CD1 . LEU A 1 10  ? 15.095  8.248   -11.521 1.00 96.52  ? 157 LEU A CD1 1 
ATOM   8   C CD2 . LEU A 1 10  ? 14.368  9.437   -9.437  1.00 97.34  ? 157 LEU A CD2 1 
ATOM   9   N N   . VAL A 1 11  ? 15.145  10.876  -13.762 1.00 99.68  ? 158 VAL A N   1 
ATOM   10  C CA  . VAL A 1 11  ? 14.145  11.556  -14.573 1.00 99.77  ? 158 VAL A CA  1 
ATOM   11  C C   . VAL A 1 11  ? 12.823  10.799  -14.493 1.00 99.98  ? 158 VAL A C   1 
ATOM   12  O O   . VAL A 1 11  ? 12.759  9.618   -14.832 1.00 100.66 ? 158 VAL A O   1 
ATOM   13  C CB  . VAL A 1 11  ? 14.582  11.648  -16.046 1.00 99.55  ? 158 VAL A CB  1 
ATOM   14  C CG1 . VAL A 1 11  ? 13.607  12.517  -16.827 1.00 99.15  ? 158 VAL A CG1 1 
ATOM   15  C CG2 . VAL A 1 11  ? 15.993  12.203  -16.139 1.00 99.54  ? 158 VAL A CG2 1 
ATOM   16  N N   . PRO A 1 12  ? 11.749  11.471  -14.041 1.00 99.89  ? 159 PRO A N   1 
ATOM   17  C CA  . PRO A 1 12  ? 10.425  10.853  -13.919 1.00 99.83  ? 159 PRO A CA  1 
ATOM   18  C C   . PRO A 1 12  ? 9.765   10.555  -15.269 1.00 98.72  ? 159 PRO A C   1 
ATOM   19  O O   . PRO A 1 12  ? 10.206  11.047  -16.306 1.00 98.03  ? 159 PRO A O   1 
ATOM   20  C CB  . PRO A 1 12  ? 9.645   11.877  -13.102 1.00 99.95  ? 159 PRO A CB  1 
ATOM   21  C CG  . PRO A 1 12  ? 10.232  13.171  -13.563 1.00 99.96  ? 159 PRO A CG  1 
ATOM   22  C CD  . PRO A 1 12  ? 11.716  12.866  -13.566 1.00 100.04 ? 159 PRO A CD  1 
ATOM   23  N N   . THR A 1 13  ? 8.711   9.744   -15.237 1.00 97.29  ? 160 THR A N   1 
ATOM   24  C CA  . THR A 1 13  ? 7.977   9.374   -16.445 1.00 96.07  ? 160 THR A CA  1 
ATOM   25  C C   . THR A 1 13  ? 6.498   9.099   -16.144 1.00 95.74  ? 160 THR A C   1 
ATOM   26  O O   . THR A 1 13  ? 5.682   10.021  -16.116 1.00 95.91  ? 160 THR A O   1 
ATOM   27  C CB  . THR A 1 13  ? 8.605   8.126   -17.111 1.00 95.85  ? 160 THR A CB  1 
ATOM   28  O OG1 . THR A 1 13  ? 8.852   7.123   -16.118 1.00 95.42  ? 160 THR A OG1 1 
ATOM   29  C CG2 . THR A 1 13  ? 9.910   8.479   -17.806 1.00 92.96  ? 160 THR A CG2 1 
ATOM   30  N N   . ALA A 1 14  ? 6.164   7.831   -15.920 1.00 95.40  ? 161 ALA A N   1 
ATOM   31  C CA  . ALA A 1 14  ? 4.787   7.427   -15.628 1.00 94.45  ? 161 ALA A CA  1 
ATOM   32  C C   . ALA A 1 14  ? 4.735   5.932   -15.297 1.00 93.96  ? 161 ALA A C   1 
ATOM   33  O O   . ALA A 1 14  ? 5.660   5.186   -15.626 1.00 95.59  ? 161 ALA A O   1 
ATOM   34  C CB  . ALA A 1 14  ? 3.890   7.730   -16.826 1.00 93.19  ? 161 ALA A CB  1 
ATOM   35  N N   . PRO A 1 15  ? 3.653   5.476   -14.641 1.00 92.67  ? 162 PRO A N   1 
ATOM   36  C CA  . PRO A 1 15  ? 3.510   4.060   -14.277 1.00 90.50  ? 162 PRO A CA  1 
ATOM   37  C C   . PRO A 1 15  ? 3.450   3.110   -15.478 1.00 88.12  ? 162 PRO A C   1 
ATOM   38  O O   . PRO A 1 15  ? 2.837   3.423   -16.500 1.00 87.74  ? 162 PRO A O   1 
ATOM   39  C CB  . PRO A 1 15  ? 2.224   4.048   -13.447 1.00 91.69  ? 162 PRO A CB  1 
ATOM   40  C CG  . PRO A 1 15  ? 1.433   5.178   -14.036 1.00 91.73  ? 162 PRO A CG  1 
ATOM   41  C CD  . PRO A 1 15  ? 2.485   6.252   -14.186 1.00 92.79  ? 162 PRO A CD  1 
ATOM   42  N N   . SER A 1 16  ? 4.088   1.950   -15.339 1.00 85.97  ? 163 SER A N   1 
ATOM   43  C CA  . SER A 1 16  ? 4.133   0.948   -16.402 1.00 83.44  ? 163 SER A CA  1 
ATOM   44  C C   . SER A 1 16  ? 2.924   0.015   -16.410 1.00 81.45  ? 163 SER A C   1 
ATOM   45  O O   . SER A 1 16  ? 3.056   -1.168  -16.736 1.00 81.68  ? 163 SER A O   1 
ATOM   46  C CB  . SER A 1 16  ? 5.408   0.107   -16.276 1.00 85.45  ? 163 SER A CB  1 
ATOM   47  O OG  . SER A 1 16  ? 6.572   0.908   -16.401 1.00 86.05  ? 163 SER A OG  1 
ATOM   48  N N   . LEU A 1 17  ? 1.755   0.551   -16.062 1.00 76.91  ? 164 LEU A N   1 
ATOM   49  C CA  . LEU A 1 17  ? 0.515   -0.227  -16.023 1.00 71.23  ? 164 LEU A CA  1 
ATOM   50  C C   . LEU A 1 17  ? 0.617   -1.367  -15.019 1.00 68.02  ? 164 LEU A C   1 
ATOM   51  O O   . LEU A 1 17  ? 1.383   -2.314  -15.212 1.00 68.67  ? 164 LEU A O   1 
ATOM   52  C CB  . LEU A 1 17  ? 0.189   -0.797  -17.405 1.00 72.41  ? 164 LEU A CB  1 
ATOM   53  C CG  . LEU A 1 17  ? -1.047  -1.702  -17.474 1.00 71.70  ? 164 LEU A CG  1 
ATOM   54  C CD1 . LEU A 1 17  ? -2.265  -0.927  -17.005 1.00 72.48  ? 164 LEU A CD1 1 
ATOM   55  C CD2 . LEU A 1 17  ? -1.251  -2.208  -18.900 1.00 71.95  ? 164 LEU A CD2 1 
ATOM   56  N N   . GLY A 1 18  ? -0.178  -1.283  -13.956 1.00 61.56  ? 165 GLY A N   1 
ATOM   57  C CA  . GLY A 1 18  ? -0.133  -2.303  -12.927 1.00 56.29  ? 165 GLY A CA  1 
ATOM   58  C C   . GLY A 1 18  ? 0.893   -1.894  -11.886 1.00 49.95  ? 165 GLY A C   1 
ATOM   59  O O   . GLY A 1 18  ? 1.317   -2.693  -11.058 1.00 49.28  ? 165 GLY A O   1 
ATOM   60  N N   . THR A 1 19  ? 1.297   -0.632  -11.942 1.00 44.05  ? 166 THR A N   1 
ATOM   61  C CA  . THR A 1 19  ? 2.268   -0.098  -11.011 1.00 43.41  ? 166 THR A CA  1 
ATOM   62  C C   . THR A 1 19  ? 1.749   1.222   -10.457 1.00 42.19  ? 166 THR A C   1 
ATOM   63  O O   . THR A 1 19  ? 0.900   1.873   -11.071 1.00 41.86  ? 166 THR A O   1 
ATOM   64  C CB  . THR A 1 19  ? 3.634   0.136   -11.695 1.00 44.57  ? 166 THR A CB  1 
ATOM   65  O OG1 . THR A 1 19  ? 3.570   1.300   -12.525 1.00 43.89  ? 166 THR A OG1 1 
ATOM   66  C CG2 . THR A 1 19  ? 4.009   -1.070  -12.543 1.00 45.18  ? 166 THR A CG2 1 
ATOM   67  N N   . LYS A 1 20  ? 2.247   1.606   -9.288  1.00 37.38  ? 167 LYS A N   1 
ATOM   68  C CA  . LYS A 1 20  ? 1.818   2.850   -8.651  1.00 37.14  ? 167 LYS A CA  1 
ATOM   69  C C   . LYS A 1 20  ? 2.782   3.180   -7.516  1.00 35.83  ? 167 LYS A C   1 
ATOM   70  O O   . LYS A 1 20  ? 3.342   2.286   -6.884  1.00 35.28  ? 167 LYS A O   1 
ATOM   71  C CB  . LYS A 1 20  ? 0.389   2.708   -8.102  1.00 37.09  ? 167 LYS A CB  1 
ATOM   72  C CG  . LYS A 1 20  ? -0.206  3.990   -7.509  1.00 33.06  ? 167 LYS A CG  1 
ATOM   73  C CD  . LYS A 1 20  ? -1.564  3.707   -6.865  1.00 40.19  ? 167 LYS A CD  1 
ATOM   74  C CE  . LYS A 1 20  ? -2.185  4.942   -6.193  1.00 38.00  ? 167 LYS A CE  1 
ATOM   75  N NZ  . LYS A 1 20  ? -2.504  6.044   -7.141  1.00 30.79  ? 167 LYS A NZ  1 
ATOM   76  N N   . GLU A 1 21  ? 2.984   4.467   -7.279  1.00 31.51  ? 168 GLU A N   1 
ATOM   77  C CA  . GLU A 1 21  ? 3.867   4.914   -6.222  1.00 33.57  ? 168 GLU A CA  1 
ATOM   78  C C   . GLU A 1 21  ? 3.248   6.121   -5.568  1.00 30.49  ? 168 GLU A C   1 
ATOM   79  O O   . GLU A 1 21  ? 2.583   6.922   -6.229  1.00 31.36  ? 168 GLU A O   1 
ATOM   80  C CB  . GLU A 1 21  ? 5.245   5.272   -6.780  1.00 33.15  ? 168 GLU A CB  1 
ATOM   81  C CG  . GLU A 1 21  ? 6.032   4.047   -7.209  1.00 41.36  ? 168 GLU A CG  1 
ATOM   82  C CD  . GLU A 1 21  ? 7.438   4.377   -7.642  1.00 39.52  ? 168 GLU A CD  1 
ATOM   83  O OE1 . GLU A 1 21  ? 7.975   5.404   -7.175  1.00 43.59  ? 168 GLU A OE1 1 
ATOM   84  O OE2 . GLU A 1 21  ? 8.011   3.601   -8.435  1.00 45.91  ? 168 GLU A OE2 1 
ATOM   85  N N   . GLY A 1 22  ? 3.463   6.245   -4.264  1.00 27.91  ? 169 GLY A N   1 
ATOM   86  C CA  . GLY A 1 22  ? 2.915   7.372   -3.545  1.00 27.31  ? 169 GLY A CA  1 
ATOM   87  C C   . GLY A 1 22  ? 2.929   7.153   -2.049  1.00 31.13  ? 169 GLY A C   1 
ATOM   88  O O   . GLY A 1 22  ? 3.167   6.042   -1.554  1.00 29.85  ? 169 GLY A O   1 
ATOM   89  N N   . TYR A 1 23  ? 2.664   8.236   -1.329  1.00 29.70  ? 170 TYR A N   1 
ATOM   90  C CA  . TYR A 1 23  ? 2.633   8.213   0.120   1.00 28.47  ? 170 TYR A CA  1 
ATOM   91  C C   . TYR A 1 23  ? 1.358   7.608   0.685   1.00 27.45  ? 170 TYR A C   1 
ATOM   92  O O   . TYR A 1 23  ? 0.259   7.800   0.151   1.00 27.36  ? 170 TYR A O   1 
ATOM   93  C CB  . TYR A 1 23  ? 2.758   9.638   0.669   1.00 26.87  ? 170 TYR A CB  1 
ATOM   94  C CG  . TYR A 1 23  ? 4.092   10.307  0.439   1.00 29.42  ? 170 TYR A CG  1 
ATOM   95  C CD1 . TYR A 1 23  ? 4.183   11.481  -0.305  1.00 32.61  ? 170 TYR A CD1 1 
ATOM   96  C CD2 . TYR A 1 23  ? 5.259   9.789   0.997   1.00 28.75  ? 170 TYR A CD2 1 
ATOM   97  C CE1 . TYR A 1 23  ? 5.405   12.135  -0.482  1.00 30.30  ? 170 TYR A CE1 1 
ATOM   98  C CE2 . TYR A 1 23  ? 6.482   10.429  0.821   1.00 33.61  ? 170 TYR A CE2 1 
ATOM   99  C CZ  . TYR A 1 23  ? 6.544   11.606  0.085   1.00 30.43  ? 170 TYR A CZ  1 
ATOM   100 O OH  . TYR A 1 23  ? 7.747   12.267  -0.051  1.00 40.24  ? 170 TYR A OH  1 
ATOM   101 N N   . LEU A 1 24  ? 1.517   6.873   1.774   1.00 30.68  ? 171 LEU A N   1 
ATOM   102 C CA  . LEU A 1 24  ? 0.383   6.292   2.493   1.00 29.37  ? 171 LEU A CA  1 
ATOM   103 C C   . LEU A 1 24  ? 0.758   6.384   3.967   1.00 31.29  ? 171 LEU A C   1 
ATOM   104 O O   . LEU A 1 24  ? 1.941   6.383   4.315   1.00 29.38  ? 171 LEU A O   1 
ATOM   105 C CB  . LEU A 1 24  ? 0.147   4.825   2.117   1.00 26.42  ? 171 LEU A CB  1 
ATOM   106 C CG  . LEU A 1 24  ? -0.449  4.534   0.739   1.00 24.50  ? 171 LEU A CG  1 
ATOM   107 C CD1 . LEU A 1 24  ? -0.638  3.043   0.573   1.00 20.32  ? 171 LEU A CD1 1 
ATOM   108 C CD2 . LEU A 1 24  ? -1.769  5.236   0.600   1.00 21.79  ? 171 LEU A CD2 1 
ATOM   109 N N   . THR A 1 25  ? -0.242  6.507   4.829   1.00 30.36  ? 172 THR A N   1 
ATOM   110 C CA  . THR A 1 25  ? 0.028   6.558   6.247   1.00 29.45  ? 172 THR A CA  1 
ATOM   111 C C   . THR A 1 25  ? -0.095  5.119   6.725   1.00 30.52  ? 172 THR A C   1 
ATOM   112 O O   . THR A 1 25  ? -1.041  4.406   6.371   1.00 32.09  ? 172 THR A O   1 
ATOM   113 C CB  . THR A 1 25  ? -0.979  7.446   6.981   1.00 28.59  ? 172 THR A CB  1 
ATOM   114 O OG1 . THR A 1 25  ? -0.837  8.786   6.512   1.00 37.83  ? 172 THR A OG1 1 
ATOM   115 C CG2 . THR A 1 25  ? -0.717  7.430   8.487   1.00 30.10  ? 172 THR A CG2 1 
ATOM   116 N N   . LYS A 1 26  ? 0.866   4.690   7.525   1.00 27.64  ? 173 LYS A N   1 
ATOM   117 C CA  . LYS A 1 26  ? 0.866   3.322   8.008   1.00 30.35  ? 173 LYS A CA  1 
ATOM   118 C C   . LYS A 1 26  ? 0.780   3.227   9.530   1.00 31.05  ? 173 LYS A C   1 
ATOM   119 O O   . LYS A 1 26  ? 1.196   4.134   10.252  1.00 30.12  ? 173 LYS A O   1 
ATOM   120 C CB  . LYS A 1 26  ? 2.135   2.628   7.502   1.00 27.84  ? 173 LYS A CB  1 
ATOM   121 C CG  . LYS A 1 26  ? 2.329   1.205   7.976   1.00 38.56  ? 173 LYS A CG  1 
ATOM   122 C CD  . LYS A 1 26  ? 3.674   0.664   7.506   1.00 38.85  ? 173 LYS A CD  1 
ATOM   123 C CE  . LYS A 1 26  ? 4.378   -0.078  8.627   1.00 33.51  ? 173 LYS A CE  1 
ATOM   124 N NZ  . LYS A 1 26  ? 4.824   0.870   9.694   1.00 35.18  ? 173 LYS A NZ  1 
ATOM   125 N N   . GLN A 1 27  ? 0.220   2.118   10.000  1.00 32.33  ? 174 GLN A N   1 
ATOM   126 C CA  . GLN A 1 27  ? 0.104   1.858   11.423  1.00 32.42  ? 174 GLN A CA  1 
ATOM   127 C C   . GLN A 1 27  ? 1.261   0.944   11.789  1.00 34.96  ? 174 GLN A C   1 
ATOM   128 O O   . GLN A 1 27  ? 1.496   -0.070  11.115  1.00 32.39  ? 174 GLN A O   1 
ATOM   129 C CB  . GLN A 1 27  ? -1.210  1.159   11.742  1.00 33.70  ? 174 GLN A CB  1 
ATOM   130 C CG  . GLN A 1 27  ? -1.413  0.952   13.231  1.00 43.33  ? 174 GLN A CG  1 
ATOM   131 C CD  . GLN A 1 27  ? -2.662  0.153   13.550  1.00 47.61  ? 174 GLN A CD  1 
ATOM   132 O OE1 . GLN A 1 27  ? -2.701  -1.067  13.365  1.00 49.57  ? 174 GLN A OE1 1 
ATOM   133 N NE2 . GLN A 1 27  ? -3.692  0.839   14.027  1.00 48.04  ? 174 GLN A NE2 1 
ATOM   134 N N   . GLY A 1 28  ? 1.967   1.298   12.862  1.00 34.03  ? 175 GLY A N   1 
ATOM   135 C CA  . GLY A 1 28  ? 3.123   0.529   13.294  1.00 38.31  ? 175 GLY A CA  1 
ATOM   136 C C   . GLY A 1 28  ? 2.903   -0.920  13.676  1.00 43.09  ? 175 GLY A C   1 
ATOM   137 O O   . GLY A 1 28  ? 1.799   -1.318  14.059  1.00 44.82  ? 175 GLY A O   1 
ATOM   138 N N   . GLY A 1 29  ? 3.977   -1.703  13.570  1.00 44.16  ? 176 GLY A N   1 
ATOM   139 C CA  . GLY A 1 29  ? 3.934   -3.115  13.908  1.00 45.96  ? 176 GLY A CA  1 
ATOM   140 C C   . GLY A 1 29  ? 4.132   -3.376  15.393  1.00 47.59  ? 176 GLY A C   1 
ATOM   141 O O   . GLY A 1 29  ? 3.370   -4.126  16.002  1.00 49.63  ? 176 GLY A O   1 
ATOM   142 N N   . LEU A 1 30  ? 5.153   -2.759  15.982  1.00 51.10  ? 177 LEU A N   1 
ATOM   143 C CA  . LEU A 1 30  ? 5.432   -2.930  17.413  1.00 51.72  ? 177 LEU A CA  1 
ATOM   144 C C   . LEU A 1 30  ? 4.476   -2.058  18.234  1.00 50.31  ? 177 LEU A C   1 
ATOM   145 O O   . LEU A 1 30  ? 3.826   -2.534  19.166  1.00 50.80  ? 177 LEU A O   1 
ATOM   146 C CB  . LEU A 1 30  ? 6.889   -2.557  17.719  1.00 52.97  ? 177 LEU A CB  1 
ATOM   147 C CG  . LEU A 1 30  ? 7.345   -2.729  19.171  1.00 54.46  ? 177 LEU A CG  1 
ATOM   148 C CD1 . LEU A 1 30  ? 7.106   -4.147  19.646  1.00 55.98  ? 177 LEU A CD1 1 
ATOM   149 C CD2 . LEU A 1 30  ? 8.808   -2.391  19.266  1.00 56.89  ? 177 LEU A CD2 1 
ATOM   150 N N   . VAL A 1 31  ? 4.399   -0.782  17.869  1.00 47.12  ? 178 VAL A N   1 
ATOM   151 C CA  . VAL A 1 31  ? 3.516   0.176   18.520  1.00 42.29  ? 178 VAL A CA  1 
ATOM   152 C C   . VAL A 1 31  ? 2.594   0.745   17.438  1.00 44.65  ? 178 VAL A C   1 
ATOM   153 O O   . VAL A 1 31  ? 3.028   0.981   16.308  1.00 41.59  ? 178 VAL A O   1 
ATOM   154 C CB  . VAL A 1 31  ? 4.322   1.305   19.168  1.00 40.15  ? 178 VAL A CB  1 
ATOM   155 C CG1 . VAL A 1 31  ? 3.390   2.330   19.778  1.00 40.22  ? 178 VAL A CG1 1 
ATOM   156 C CG2 . VAL A 1 31  ? 5.246   0.725   20.210  1.00 41.09  ? 178 VAL A CG2 1 
ATOM   157 N N   . LYS A 1 32  ? 1.325   0.962   17.782  1.00 45.56  ? 179 LYS A N   1 
ATOM   158 C CA  . LYS A 1 32  ? 0.340   1.466   16.824  1.00 45.75  ? 179 LYS A CA  1 
ATOM   159 C C   . LYS A 1 32  ? 0.455   2.948   16.474  1.00 47.84  ? 179 LYS A C   1 
ATOM   160 O O   . LYS A 1 32  ? -0.558  3.645   16.387  1.00 48.96  ? 179 LYS A O   1 
ATOM   161 C CB  . LYS A 1 32  ? -1.070  1.161   17.320  1.00 44.60  ? 179 LYS A CB  1 
ATOM   162 N N   . THR A 1 33  ? 1.682   3.428   16.272  1.00 45.58  ? 180 THR A N   1 
ATOM   163 C CA  . THR A 1 33  ? 1.907   4.825   15.902  1.00 43.70  ? 180 THR A CA  1 
ATOM   164 C C   . THR A 1 33  ? 1.638   4.987   14.402  1.00 38.74  ? 180 THR A C   1 
ATOM   165 O O   . THR A 1 33  ? 1.646   4.010   13.654  1.00 29.32  ? 180 THR A O   1 
ATOM   166 C CB  . THR A 1 33  ? 3.359   5.256   16.180  1.00 48.85  ? 180 THR A CB  1 
ATOM   167 O OG1 . THR A 1 33  ? 4.260   4.382   15.486  1.00 54.14  ? 180 THR A OG1 1 
ATOM   168 C CG2 . THR A 1 33  ? 3.654   5.199   17.670  1.00 54.65  ? 180 THR A CG2 1 
ATOM   169 N N   . TRP A 1 34  ? 1.399   6.218   13.965  1.00 37.36  ? 181 TRP A N   1 
ATOM   170 C CA  . TRP A 1 34  ? 1.131   6.458   12.557  1.00 38.46  ? 181 TRP A CA  1 
ATOM   171 C C   . TRP A 1 34  ? 2.278   7.166   11.857  1.00 36.75  ? 181 TRP A C   1 
ATOM   172 O O   . TRP A 1 34  ? 2.686   8.251   12.263  1.00 41.40  ? 181 TRP A O   1 
ATOM   173 C CB  . TRP A 1 34  ? -0.161  7.257   12.405  1.00 42.20  ? 181 TRP A CB  1 
ATOM   174 C CG  . TRP A 1 34  ? -1.339  6.500   12.904  1.00 41.71  ? 181 TRP A CG  1 
ATOM   175 C CD1 . TRP A 1 34  ? -1.807  6.459   14.184  1.00 42.20  ? 181 TRP A CD1 1 
ATOM   176 C CD2 . TRP A 1 34  ? -2.150  5.594   12.148  1.00 39.76  ? 181 TRP A CD2 1 
ATOM   177 N NE1 . TRP A 1 34  ? -2.860  5.578   14.276  1.00 44.20  ? 181 TRP A NE1 1 
ATOM   178 C CE2 . TRP A 1 34  ? -3.092  5.033   13.042  1.00 37.25  ? 181 TRP A CE2 1 
ATOM   179 C CE3 . TRP A 1 34  ? -2.172  5.200   10.804  1.00 37.86  ? 181 TRP A CE3 1 
ATOM   180 C CZ2 . TRP A 1 34  ? -4.049  4.100   12.636  1.00 39.84  ? 181 TRP A CZ2 1 
ATOM   181 C CZ3 . TRP A 1 34  ? -3.123  4.269   10.396  1.00 40.77  ? 181 TRP A CZ3 1 
ATOM   182 C CH2 . TRP A 1 34  ? -4.051  3.729   11.316  1.00 44.96  ? 181 TRP A CH2 1 
ATOM   183 N N   . LYS A 1 35  ? 2.785   6.539   10.801  1.00 31.83  ? 182 LYS A N   1 
ATOM   184 C CA  . LYS A 1 35  ? 3.898   7.080   10.028  1.00 30.36  ? 182 LYS A CA  1 
ATOM   185 C C   . LYS A 1 35  ? 3.568   7.155   8.543   1.00 33.71  ? 182 LYS A C   1 
ATOM   186 O O   . LYS A 1 35  ? 2.899   6.279   7.985   1.00 29.45  ? 182 LYS A O   1 
ATOM   187 C CB  . LYS A 1 35  ? 5.149   6.210   10.210  1.00 32.60  ? 182 LYS A CB  1 
ATOM   188 C CG  . LYS A 1 35  ? 5.691   6.173   11.632  1.00 33.56  ? 182 LYS A CG  1 
ATOM   189 C CD  . LYS A 1 35  ? 6.888   5.239   11.746  1.00 42.32  ? 182 LYS A CD  1 
ATOM   190 C CE  . LYS A 1 35  ? 7.399   5.130   13.195  1.00 48.51  ? 182 LYS A CE  1 
ATOM   191 N NZ  . LYS A 1 35  ? 8.619   4.258   13.324  1.00 48.09  ? 182 LYS A NZ  1 
ATOM   192 N N   . THR A 1 36  ? 4.051   8.212   7.906   1.00 29.63  ? 183 THR A N   1 
ATOM   193 C CA  . THR A 1 36  ? 3.825   8.413   6.490   1.00 30.24  ? 183 THR A CA  1 
ATOM   194 C C   . THR A 1 36  ? 5.006   7.822   5.746   1.00 28.89  ? 183 THR A C   1 
ATOM   195 O O   . THR A 1 36  ? 6.134   8.248   5.949   1.00 28.48  ? 183 THR A O   1 
ATOM   196 C CB  . THR A 1 36  ? 3.707   9.898   6.186   1.00 29.02  ? 183 THR A CB  1 
ATOM   197 O OG1 . THR A 1 36  ? 2.590   10.420  6.909   1.00 34.75  ? 183 THR A OG1 1 
ATOM   198 C CG2 . THR A 1 36  ? 3.502   10.137  4.695   1.00 32.60  ? 183 THR A CG2 1 
ATOM   199 N N   . ARG A 1 37  ? 4.747   6.825   4.906   1.00 28.44  ? 184 ARG A N   1 
ATOM   200 C CA  . ARG A 1 37  ? 5.814   6.181   4.138   1.00 31.66  ? 184 ARG A CA  1 
ATOM   201 C C   . ARG A 1 37  ? 5.510   6.267   2.646   1.00 34.27  ? 184 ARG A C   1 
ATOM   202 O O   . ARG A 1 37  ? 4.380   6.536   2.242   1.00 34.01  ? 184 ARG A O   1 
ATOM   203 C CB  . ARG A 1 37  ? 5.974   4.692   4.524   1.00 33.32  ? 184 ARG A CB  1 
ATOM   204 C CG  . ARG A 1 37  ? 6.296   4.395   5.995   1.00 29.16  ? 184 ARG A CG  1 
ATOM   205 C CD  . ARG A 1 37  ? 7.390   5.281   6.502   1.00 40.17  ? 184 ARG A CD  1 
ATOM   206 N NE  . ARG A 1 37  ? 7.921   4.870   7.797   1.00 41.32  ? 184 ARG A NE  1 
ATOM   207 C CZ  . ARG A 1 37  ? 8.765   5.617   8.503   1.00 43.75  ? 184 ARG A CZ  1 
ATOM   208 N NH1 . ARG A 1 37  ? 9.147   6.799   8.034   1.00 44.69  ? 184 ARG A NH1 1 
ATOM   209 N NH2 . ARG A 1 37  ? 9.258   5.177   9.651   1.00 43.41  ? 184 ARG A NH2 1 
ATOM   210 N N   . TRP A 1 38  ? 6.540   6.035   1.844   1.00 34.63  ? 185 TRP A N   1 
ATOM   211 C CA  . TRP A 1 38  ? 6.439   6.054   0.393   1.00 35.43  ? 185 TRP A CA  1 
ATOM   212 C C   . TRP A 1 38  ? 6.301   4.595   -0.058  1.00 36.34  ? 185 TRP A C   1 
ATOM   213 O O   . TRP A 1 38  ? 7.150   3.759   0.260   1.00 34.88  ? 185 TRP A O   1 
ATOM   214 C CB  . TRP A 1 38  ? 7.710   6.698   -0.197  1.00 34.47  ? 185 TRP A CB  1 
ATOM   215 C CG  . TRP A 1 38  ? 7.726   6.763   -1.707  1.00 36.87  ? 185 TRP A CG  1 
ATOM   216 C CD1 . TRP A 1 38  ? 8.347   5.894   -2.565  1.00 37.09  ? 185 TRP A CD1 1 
ATOM   217 C CD2 . TRP A 1 38  ? 7.062   7.730   -2.528  1.00 34.73  ? 185 TRP A CD2 1 
ATOM   218 N NE1 . TRP A 1 38  ? 8.108   6.261   -3.869  1.00 37.59  ? 185 TRP A NE1 1 
ATOM   219 C CE2 . TRP A 1 38  ? 7.320   7.385   -3.878  1.00 38.54  ? 185 TRP A CE2 1 
ATOM   220 C CE3 . TRP A 1 38  ? 6.272   8.857   -2.257  1.00 33.42  ? 185 TRP A CE3 1 
ATOM   221 C CZ2 . TRP A 1 38  ? 6.817   8.127   -4.955  1.00 35.98  ? 185 TRP A CZ2 1 
ATOM   222 C CZ3 . TRP A 1 38  ? 5.769   9.595   -3.325  1.00 35.65  ? 185 TRP A CZ3 1 
ATOM   223 C CH2 . TRP A 1 38  ? 6.045   9.225   -4.662  1.00 32.57  ? 185 TRP A CH2 1 
ATOM   224 N N   . PHE A 1 39  ? 5.223   4.294   -0.779  1.00 34.62  ? 186 PHE A N   1 
ATOM   225 C CA  . PHE A 1 39  ? 4.961   2.934   -1.254  1.00 31.87  ? 186 PHE A CA  1 
ATOM   226 C C   . PHE A 1 39  ? 5.110   2.780   -2.765  1.00 33.02  ? 186 PHE A C   1 
ATOM   227 O O   . PHE A 1 39  ? 4.782   3.681   -3.531  1.00 34.26  ? 186 PHE A O   1 
ATOM   228 C CB  . PHE A 1 39  ? 3.534   2.491   -0.886  1.00 30.77  ? 186 PHE A CB  1 
ATOM   229 C CG  . PHE A 1 39  ? 3.327   2.216   0.586   1.00 28.30  ? 186 PHE A CG  1 
ATOM   230 C CD1 . PHE A 1 39  ? 3.424   3.243   1.529   1.00 24.80  ? 186 PHE A CD1 1 
ATOM   231 C CD2 . PHE A 1 39  ? 3.008   0.928   1.021   1.00 22.49  ? 186 PHE A CD2 1 
ATOM   232 C CE1 . PHE A 1 39  ? 3.203   2.988   2.893   1.00 29.01  ? 186 PHE A CE1 1 
ATOM   233 C CE2 . PHE A 1 39  ? 2.781   0.660   2.381   1.00 28.26  ? 186 PHE A CE2 1 
ATOM   234 C CZ  . PHE A 1 39  ? 2.880   1.691   3.316   1.00 25.05  ? 186 PHE A CZ  1 
ATOM   235 N N   . THR A 1 40  ? 5.596   1.629   -3.195  1.00 31.60  ? 187 THR A N   1 
ATOM   236 C CA  . THR A 1 40  ? 5.718   1.371   -4.619  1.00 33.21  ? 187 THR A CA  1 
ATOM   237 C C   . THR A 1 40  ? 5.090   0.013   -4.910  1.00 32.22  ? 187 THR A C   1 
ATOM   238 O O   . THR A 1 40  ? 5.149   -0.911  -4.089  1.00 31.67  ? 187 THR A O   1 
ATOM   239 C CB  . THR A 1 40  ? 7.195   1.343   -5.097  1.00 31.13  ? 187 THR A CB  1 
ATOM   240 O OG1 . THR A 1 40  ? 7.874   0.253   -4.481  1.00 35.49  ? 187 THR A OG1 1 
ATOM   241 C CG2 . THR A 1 40  ? 7.911   2.643   -4.740  1.00 35.29  ? 187 THR A CG2 1 
ATOM   242 N N   . LEU A 1 41  ? 4.463   -0.100  -6.068  1.00 33.29  ? 188 LEU A N   1 
ATOM   243 C CA  . LEU A 1 41  ? 3.869   -1.361  -6.476  1.00 33.90  ? 188 LEU A CA  1 
ATOM   244 C C   . LEU A 1 41  ? 4.427   -1.701  -7.839  1.00 35.97  ? 188 LEU A C   1 
ATOM   245 O O   . LEU A 1 41  ? 4.170   -1.007  -8.822  1.00 38.38  ? 188 LEU A O   1 
ATOM   246 C CB  . LEU A 1 41  ? 2.338   -1.273  -6.545  1.00 29.85  ? 188 LEU A CB  1 
ATOM   247 C CG  . LEU A 1 41  ? 1.611   -2.479  -7.166  1.00 36.36  ? 188 LEU A CG  1 
ATOM   248 C CD1 . LEU A 1 41  ? 1.976   -3.767  -6.445  1.00 37.26  ? 188 LEU A CD1 1 
ATOM   249 C CD2 . LEU A 1 41  ? 0.111   -2.247  -7.112  1.00 36.11  ? 188 LEU A CD2 1 
ATOM   250 N N   . HIS A 1 42  ? 5.217   -2.762  -7.878  1.00 40.95  ? 189 HIS A N   1 
ATOM   251 C CA  . HIS A 1 42  ? 5.817   -3.239  -9.106  1.00 41.76  ? 189 HIS A CA  1 
ATOM   252 C C   . HIS A 1 42  ? 5.679   -4.744  -9.082  1.00 43.93  ? 189 HIS A C   1 
ATOM   253 O O   . HIS A 1 42  ? 6.062   -5.390  -8.109  1.00 45.24  ? 189 HIS A O   1 
ATOM   254 C CB  . HIS A 1 42  ? 7.286   -2.830  -9.179  1.00 38.51  ? 189 HIS A CB  1 
ATOM   255 C CG  . HIS A 1 42  ? 7.488   -1.349  -9.283  1.00 41.98  ? 189 HIS A CG  1 
ATOM   256 N ND1 . HIS A 1 42  ? 8.155   -0.616  -8.322  1.00 43.59  ? 189 HIS A ND1 1 
ATOM   257 C CD2 . HIS A 1 42  ? 7.108   -0.461  -10.233 1.00 41.39  ? 189 HIS A CD2 1 
ATOM   258 C CE1 . HIS A 1 42  ? 8.179   0.656   -8.679  1.00 40.48  ? 189 HIS A CE1 1 
ATOM   259 N NE2 . HIS A 1 42  ? 7.550   0.778   -9.836  1.00 41.92  ? 189 HIS A NE2 1 
ATOM   260 N N   . ARG A 1 43  ? 5.114   -5.295  -10.150 1.00 47.53  ? 190 ARG A N   1 
ATOM   261 C CA  . ARG A 1 43  ? 4.907   -6.731  -10.245 1.00 49.27  ? 190 ARG A CA  1 
ATOM   262 C C   . ARG A 1 43  ? 3.963   -7.158  -9.136  1.00 46.87  ? 190 ARG A C   1 
ATOM   263 O O   . ARG A 1 43  ? 2.849   -6.656  -9.044  1.00 48.48  ? 190 ARG A O   1 
ATOM   264 C CB  . ARG A 1 43  ? 6.238   -7.470  -10.109 1.00 55.41  ? 190 ARG A CB  1 
ATOM   265 C CG  . ARG A 1 43  ? 7.237   -7.144  -11.198 1.00 63.44  ? 190 ARG A CG  1 
ATOM   266 C CD  . ARG A 1 43  ? 8.558   -7.833  -10.930 1.00 71.37  ? 190 ARG A CD  1 
ATOM   267 N NE  . ARG A 1 43  ? 9.562   -7.477  -11.923 1.00 79.76  ? 190 ARG A NE  1 
ATOM   268 C CZ  . ARG A 1 43  ? 10.786  -7.994  -11.961 1.00 85.01  ? 190 ARG A CZ  1 
ATOM   269 N NH1 . ARG A 1 43  ? 11.154  -8.894  -11.055 1.00 87.48  ? 190 ARG A NH1 1 
ATOM   270 N NH2 . ARG A 1 43  ? 11.641  -7.610  -12.902 1.00 83.77  ? 190 ARG A NH2 1 
ATOM   271 N N   . ASN A 1 44  ? 4.420   -8.076  -8.292  1.00 47.61  ? 191 ASN A N   1 
ATOM   272 C CA  . ASN A 1 44  ? 3.620   -8.575  -7.181  1.00 47.16  ? 191 ASN A CA  1 
ATOM   273 C C   . ASN A 1 44  ? 4.260   -8.166  -5.853  1.00 45.00  ? 191 ASN A C   1 
ATOM   274 O O   . ASN A 1 44  ? 4.025   -8.783  -4.805  1.00 41.34  ? 191 ASN A O   1 
ATOM   275 C CB  . ASN A 1 44  ? 3.522   -10.098 -7.269  1.00 50.91  ? 191 ASN A CB  1 
ATOM   276 C CG  . ASN A 1 44  ? 3.090   -10.567 -8.645  1.00 54.42  ? 191 ASN A CG  1 
ATOM   277 O OD1 . ASN A 1 44  ? 2.056   -10.144 -9.164  1.00 57.13  ? 191 ASN A OD1 1 
ATOM   278 N ND2 . ASN A 1 44  ? 3.882   -11.442 -9.248  1.00 52.64  ? 191 ASN A ND2 1 
ATOM   279 N N   . GLU A 1 45  ? 5.070   -7.116  -5.913  1.00 39.71  ? 192 GLU A N   1 
ATOM   280 C CA  . GLU A 1 45  ? 5.763   -6.617  -4.736  1.00 42.20  ? 192 GLU A CA  1 
ATOM   281 C C   . GLU A 1 45  ? 5.363   -5.211  -4.333  1.00 40.08  ? 192 GLU A C   1 
ATOM   282 O O   . GLU A 1 45  ? 5.517   -4.263  -5.104  1.00 39.71  ? 192 GLU A O   1 
ATOM   283 C CB  . GLU A 1 45  ? 7.276   -6.620  -4.957  1.00 43.69  ? 192 GLU A CB  1 
ATOM   284 C CG  . GLU A 1 45  ? 7.973   -7.943  -4.715  1.00 48.60  ? 192 GLU A CG  1 
ATOM   285 C CD  . GLU A 1 45  ? 9.471   -7.831  -4.940  1.00 54.40  ? 192 GLU A CD  1 
ATOM   286 O OE1 . GLU A 1 45  ? 10.219  -8.711  -4.462  1.00 55.62  ? 192 GLU A OE1 1 
ATOM   287 O OE2 . GLU A 1 45  ? 9.895   -6.858  -5.602  1.00 54.47  ? 192 GLU A OE2 1 
ATOM   288 N N   . LEU A 1 46  ? 4.848   -5.091  -3.116  1.00 37.13  ? 193 LEU A N   1 
ATOM   289 C CA  . LEU A 1 46  ? 4.477   -3.797  -2.566  1.00 35.93  ? 193 LEU A CA  1 
ATOM   290 C C   . LEU A 1 46  ? 5.590   -3.467  -1.571  1.00 34.75  ? 193 LEU A C   1 
ATOM   291 O O   . LEU A 1 46  ? 5.847   -4.240  -0.646  1.00 32.93  ? 193 LEU A O   1 
ATOM   292 C CB  . LEU A 1 46  ? 3.137   -3.875  -1.827  1.00 32.41  ? 193 LEU A CB  1 
ATOM   293 C CG  . LEU A 1 46  ? 2.621   -2.540  -1.272  1.00 34.82  ? 193 LEU A CG  1 
ATOM   294 C CD1 . LEU A 1 46  ? 2.208   -1.630  -2.431  1.00 34.55  ? 193 LEU A CD1 1 
ATOM   295 C CD2 . LEU A 1 46  ? 1.435   -2.776  -0.337  1.00 32.04  ? 193 LEU A CD2 1 
ATOM   296 N N   . LYS A 1 47  ? 6.268   -2.344  -1.775  1.00 31.76  ? 194 LYS A N   1 
ATOM   297 C CA  . LYS A 1 47  ? 7.339   -1.934  -0.874  1.00 33.74  ? 194 LYS A CA  1 
ATOM   298 C C   . LYS A 1 47  ? 7.050   -0.561  -0.284  1.00 34.04  ? 194 LYS A C   1 
ATOM   299 O O   . LYS A 1 47  ? 6.235   0.202   -0.812  1.00 31.53  ? 194 LYS A O   1 
ATOM   300 C CB  . LYS A 1 47  ? 8.677   -1.815  -1.608  1.00 31.88  ? 194 LYS A CB  1 
ATOM   301 C CG  . LYS A 1 47  ? 9.151   -3.039  -2.366  1.00 37.37  ? 194 LYS A CG  1 
ATOM   302 C CD  . LYS A 1 47  ? 10.504  -2.753  -3.021  1.00 36.17  ? 194 LYS A CD  1 
ATOM   303 C CE  . LYS A 1 47  ? 10.961  -3.934  -3.874  1.00 46.02  ? 194 LYS A CE  1 
ATOM   304 N NZ  . LYS A 1 47  ? 12.234  -3.674  -4.612  1.00 44.99  ? 194 LYS A NZ  1 
ATOM   305 N N   . TYR A 1 48  ? 7.721   -0.251  0.818   1.00 34.27  ? 195 TYR A N   1 
ATOM   306 C CA  . TYR A 1 48  ? 7.598   1.067   1.408   1.00 34.18  ? 195 TYR A CA  1 
ATOM   307 C C   . TYR A 1 48  ? 8.968   1.513   1.919   1.00 33.13  ? 195 TYR A C   1 
ATOM   308 O O   . TYR A 1 48  ? 9.754   0.720   2.443   1.00 30.55  ? 195 TYR A O   1 
ATOM   309 C CB  . TYR A 1 48  ? 6.488   1.130   2.477   1.00 33.63  ? 195 TYR A CB  1 
ATOM   310 C CG  . TYR A 1 48  ? 6.618   0.272   3.705   1.00 31.63  ? 195 TYR A CG  1 
ATOM   311 C CD1 . TYR A 1 48  ? 7.436   0.647   4.773   1.00 36.40  ? 195 TYR A CD1 1 
ATOM   312 C CD2 . TYR A 1 48  ? 5.816   -0.853  3.859   1.00 36.45  ? 195 TYR A CD2 1 
ATOM   313 C CE1 . TYR A 1 48  ? 7.430   -0.080  5.974   1.00 33.32  ? 195 TYR A CE1 1 
ATOM   314 C CE2 . TYR A 1 48  ? 5.804   -1.571  5.035   1.00 31.31  ? 195 TYR A CE2 1 
ATOM   315 C CZ  . TYR A 1 48  ? 6.602   -1.181  6.092   1.00 31.84  ? 195 TYR A CZ  1 
ATOM   316 O OH  . TYR A 1 48  ? 6.513   -1.888  7.275   1.00 34.02  ? 195 TYR A OH  1 
ATOM   317 N N   . PHE A 1 49  ? 9.253   2.788   1.680   1.00 34.85  ? 196 PHE A N   1 
ATOM   318 C CA  . PHE A 1 49  ? 10.519  3.411   2.028   1.00 31.35  ? 196 PHE A CA  1 
ATOM   319 C C   . PHE A 1 49  ? 10.311  4.547   3.015   1.00 30.13  ? 196 PHE A C   1 
ATOM   320 O O   . PHE A 1 49  ? 9.195   5.022   3.185   1.00 28.79  ? 196 PHE A O   1 
ATOM   321 C CB  . PHE A 1 49  ? 11.175  3.964   0.765   1.00 25.31  ? 196 PHE A CB  1 
ATOM   322 C CG  . PHE A 1 49  ? 11.355  2.950   -0.325  1.00 29.57  ? 196 PHE A CG  1 
ATOM   323 C CD1 . PHE A 1 49  ? 10.252  2.434   -1.003  1.00 27.71  ? 196 PHE A CD1 1 
ATOM   324 C CD2 . PHE A 1 49  ? 12.634  2.524   -0.688  1.00 27.60  ? 196 PHE A CD2 1 
ATOM   325 C CE1 . PHE A 1 49  ? 10.420  1.503   -2.037  1.00 33.46  ? 196 PHE A CE1 1 
ATOM   326 C CE2 . PHE A 1 49  ? 12.815  1.597   -1.715  1.00 34.37  ? 196 PHE A CE2 1 
ATOM   327 C CZ  . PHE A 1 49  ? 11.701  1.083   -2.395  1.00 32.10  ? 196 PHE A CZ  1 
ATOM   328 N N   . LYS A 1 50  ? 11.386  4.981   3.662   1.00 29.67  ? 197 LYS A N   1 
ATOM   329 C CA  . LYS A 1 50  ? 11.281  6.074   4.617   1.00 33.99  ? 197 LYS A CA  1 
ATOM   330 C C   . LYS A 1 50  ? 10.714  7.245   3.825   1.00 33.94  ? 197 LYS A C   1 
ATOM   331 O O   . LYS A 1 50  ? 9.786   7.937   4.269   1.00 36.37  ? 197 LYS A O   1 
ATOM   332 C CB  . LYS A 1 50  ? 12.660  6.415   5.196   1.00 35.03  ? 197 LYS A CB  1 
ATOM   333 C CG  . LYS A 1 50  ? 12.667  6.660   6.708   1.00 38.04  ? 197 LYS A CG  1 
ATOM   334 C CD  . LYS A 1 50  ? 13.502  5.599   7.431   1.00 39.88  ? 197 LYS A CD  1 
ATOM   335 C CE  . LYS A 1 50  ? 13.460  5.761   8.942   1.00 33.30  ? 197 LYS A CE  1 
ATOM   336 N NZ  . LYS A 1 50  ? 14.217  6.932   9.443   1.00 37.76  ? 197 LYS A NZ  1 
ATOM   337 N N   . ASP A 1 51  ? 11.284  7.460   2.645   1.00 34.16  ? 198 ASP A N   1 
ATOM   338 C CA  . ASP A 1 51  ? 10.829  8.513   1.746   1.00 34.43  ? 198 ASP A CA  1 
ATOM   339 C C   . ASP A 1 51  ? 11.172  8.067   0.336   1.00 35.37  ? 198 ASP A C   1 
ATOM   340 O O   . ASP A 1 51  ? 11.801  7.026   0.153   1.00 36.95  ? 198 ASP A O   1 
ATOM   341 C CB  . ASP A 1 51  ? 11.485  9.860   2.052   1.00 27.89  ? 198 ASP A CB  1 
ATOM   342 C CG  . ASP A 1 51  ? 10.664  11.028  1.531   1.00 34.95  ? 198 ASP A CG  1 
ATOM   343 O OD1 . ASP A 1 51  ? 9.662   10.777  0.812   1.00 29.11  ? 198 ASP A OD1 1 
ATOM   344 O OD2 . ASP A 1 51  ? 11.009  12.195  1.839   1.00 32.37  ? 198 ASP A OD2 1 
ATOM   345 N N   . GLN A 1 52  ? 10.761  8.847   -0.654  1.00 35.46  ? 199 GLN A N   1 
ATOM   346 C CA  . GLN A 1 52  ? 10.982  8.485   -2.043  1.00 43.91  ? 199 GLN A CA  1 
ATOM   347 C C   . GLN A 1 52  ? 12.424  8.208   -2.453  1.00 46.17  ? 199 GLN A C   1 
ATOM   348 O O   . GLN A 1 52  ? 12.682  7.274   -3.212  1.00 46.75  ? 199 GLN A O   1 
ATOM   349 C CB  . GLN A 1 52  ? 10.397  9.557   -2.971  1.00 47.33  ? 199 GLN A CB  1 
ATOM   350 C CG  . GLN A 1 52  ? 10.201  9.061   -4.403  1.00 48.51  ? 199 GLN A CG  1 
ATOM   351 C CD  . GLN A 1 52  ? 9.668   10.126  -5.339  1.00 48.57  ? 199 GLN A CD  1 
ATOM   352 O OE1 . GLN A 1 52  ? 8.909   11.004  -4.930  1.00 49.77  ? 199 GLN A OE1 1 
ATOM   353 N NE2 . GLN A 1 52  ? 10.048  10.039  -6.615  1.00 44.20  ? 199 GLN A NE2 1 
ATOM   354 N N   . MET A 1 53  ? 13.359  9.013   -1.955  1.00 47.50  ? 200 MET A N   1 
ATOM   355 C CA  . MET A 1 53  ? 14.769  8.860   -2.317  1.00 48.48  ? 200 MET A CA  1 
ATOM   356 C C   . MET A 1 53  ? 15.563  7.807   -1.545  1.00 46.99  ? 200 MET A C   1 
ATOM   357 O O   . MET A 1 53  ? 16.763  7.662   -1.761  1.00 48.26  ? 200 MET A O   1 
ATOM   358 C CB  . MET A 1 53  ? 15.479  10.217  -2.218  1.00 54.34  ? 200 MET A CB  1 
ATOM   359 C CG  . MET A 1 53  ? 14.838  11.303  -3.081  1.00 60.27  ? 200 MET A CG  1 
ATOM   360 S SD  . MET A 1 53  ? 14.676  10.829  -4.831  1.00 69.83  ? 200 MET A SD  1 
ATOM   361 C CE  . MET A 1 53  ? 15.788  12.042  -5.621  1.00 68.71  ? 200 MET A CE  1 
ATOM   362 N N   . SER A 1 54  ? 14.907  7.079   -0.646  1.00 46.10  ? 201 SER A N   1 
ATOM   363 C CA  . SER A 1 54  ? 15.583  6.029   0.115   1.00 41.68  ? 201 SER A CA  1 
ATOM   364 C C   . SER A 1 54  ? 15.869  4.897   -0.858  1.00 40.47  ? 201 SER A C   1 
ATOM   365 O O   . SER A 1 54  ? 14.945  4.278   -1.372  1.00 40.51  ? 201 SER A O   1 
ATOM   366 C CB  . SER A 1 54  ? 14.684  5.501   1.241   1.00 43.23  ? 201 SER A CB  1 
ATOM   367 O OG  . SER A 1 54  ? 14.504  6.458   2.266   1.00 39.15  ? 201 SER A OG  1 
ATOM   368 N N   . PRO A 1 55  ? 17.152  4.608   -1.126  1.00 40.96  ? 202 PRO A N   1 
ATOM   369 C CA  . PRO A 1 55  ? 17.478  3.524   -2.063  1.00 39.07  ? 202 PRO A CA  1 
ATOM   370 C C   . PRO A 1 55  ? 16.962  2.130   -1.704  1.00 39.72  ? 202 PRO A C   1 
ATOM   371 O O   . PRO A 1 55  ? 16.619  1.358   -2.604  1.00 37.44  ? 202 PRO A O   1 
ATOM   372 C CB  . PRO A 1 55  ? 19.009  3.583   -2.154  1.00 37.13  ? 202 PRO A CB  1 
ATOM   373 C CG  . PRO A 1 55  ? 19.419  4.245   -0.861  1.00 42.23  ? 202 PRO A CG  1 
ATOM   374 C CD  . PRO A 1 55  ? 18.372  5.302   -0.675  1.00 38.97  ? 202 PRO A CD  1 
ATOM   375 N N   . GLU A 1 56  ? 16.914  1.814   -0.404  1.00 38.13  ? 203 GLU A N   1 
ATOM   376 C CA  . GLU A 1 56  ? 16.444  0.511   0.079   1.00 35.97  ? 203 GLU A CA  1 
ATOM   377 C C   . GLU A 1 56  ? 15.107  0.617   0.809   1.00 35.82  ? 203 GLU A C   1 
ATOM   378 O O   . GLU A 1 56  ? 14.873  1.568   1.560   1.00 33.87  ? 203 GLU A O   1 
ATOM   379 C CB  . GLU A 1 56  ? 17.460  -0.123  1.040   1.00 36.39  ? 203 GLU A CB  1 
ATOM   380 C CG  . GLU A 1 56  ? 18.813  -0.481  0.439   1.00 43.73  ? 203 GLU A CG  1 
ATOM   381 C CD  . GLU A 1 56  ? 18.707  -1.376  -0.785  1.00 48.00  ? 203 GLU A CD  1 
ATOM   382 O OE1 . GLU A 1 56  ? 17.920  -2.351  -0.762  1.00 47.58  ? 203 GLU A OE1 1 
ATOM   383 O OE2 . GLU A 1 56  ? 19.422  -1.105  -1.775  1.00 51.38  ? 203 GLU A OE2 1 
ATOM   384 N N   . PRO A 1 57  ? 14.224  -0.381  0.620   1.00 33.25  ? 204 PRO A N   1 
ATOM   385 C CA  . PRO A 1 57  ? 12.899  -0.431  1.241   1.00 33.07  ? 204 PRO A CA  1 
ATOM   386 C C   . PRO A 1 57  ? 12.936  -0.962  2.668   1.00 34.19  ? 204 PRO A C   1 
ATOM   387 O O   . PRO A 1 57  ? 13.683  -1.893  2.973   1.00 30.93  ? 204 PRO A O   1 
ATOM   388 C CB  . PRO A 1 57  ? 12.145  -1.383  0.324   1.00 36.28  ? 204 PRO A CB  1 
ATOM   389 C CG  . PRO A 1 57  ? 13.210  -2.431  0.051   1.00 31.65  ? 204 PRO A CG  1 
ATOM   390 C CD  . PRO A 1 57  ? 14.461  -1.595  -0.192  1.00 31.53  ? 204 PRO A CD  1 
ATOM   391 N N   . ILE A 1 58  ? 12.123  -0.380  3.539   1.00 34.99  ? 205 ILE A N   1 
ATOM   392 C CA  . ILE A 1 58  ? 12.059  -0.849  4.917   1.00 31.41  ? 205 ILE A CA  1 
ATOM   393 C C   . ILE A 1 58  ? 11.536  -2.289  4.904   1.00 33.26  ? 205 ILE A C   1 
ATOM   394 O O   . ILE A 1 58  ? 12.022  -3.145  5.644   1.00 35.19  ? 205 ILE A O   1 
ATOM   395 C CB  . ILE A 1 58  ? 11.094  0.006   5.752   1.00 33.88  ? 205 ILE A CB  1 
ATOM   396 C CG1 . ILE A 1 58  ? 11.574  1.460   5.779   1.00 32.49  ? 205 ILE A CG1 1 
ATOM   397 C CG2 . ILE A 1 58  ? 10.960  -0.583  7.144   1.00 26.74  ? 205 ILE A CG2 1 
ATOM   398 C CD1 . ILE A 1 58  ? 10.563  2.423   6.376   1.00 32.30  ? 205 ILE A CD1 1 
ATOM   399 N N   . ARG A 1 59  ? 10.544  -2.540  4.053   1.00 31.22  ? 206 ARG A N   1 
ATOM   400 C CA  . ARG A 1 59  ? 9.938   -3.858  3.928   1.00 30.94  ? 206 ARG A CA  1 
ATOM   401 C C   . ARG A 1 59  ? 9.473   -4.074  2.503   1.00 35.86  ? 206 ARG A C   1 
ATOM   402 O O   . ARG A 1 59  ? 9.210   -3.122  1.772   1.00 35.82  ? 206 ARG A O   1 
ATOM   403 C CB  . ARG A 1 59  ? 8.733   -3.987  4.862   1.00 32.05  ? 206 ARG A CB  1 
ATOM   404 C CG  . ARG A 1 59  ? 8.115   -5.393  4.905   1.00 37.75  ? 206 ARG A CG  1 
ATOM   405 C CD  . ARG A 1 59  ? 6.756   -5.409  5.623   1.00 41.34  ? 206 ARG A CD  1 
ATOM   406 N NE  . ARG A 1 59  ? 6.839   -5.048  7.038   1.00 44.16  ? 206 ARG A NE  1 
ATOM   407 C CZ  . ARG A 1 59  ? 7.372   -5.830  7.975   1.00 46.75  ? 206 ARG A CZ  1 
ATOM   408 N NH1 . ARG A 1 59  ? 7.868   -7.015  7.637   1.00 44.25  ? 206 ARG A NH1 1 
ATOM   409 N NH2 . ARG A 1 59  ? 7.411   -5.434  9.244   1.00 35.97  ? 206 ARG A NH2 1 
ATOM   410 N N   . ILE A 1 60  ? 9.374   -5.340  2.117   1.00 39.21  ? 207 ILE A N   1 
ATOM   411 C CA  . ILE A 1 60  ? 8.922   -5.721  0.786   1.00 40.83  ? 207 ILE A CA  1 
ATOM   412 C C   . ILE A 1 60  ? 7.836   -6.757  1.021   1.00 40.24  ? 207 ILE A C   1 
ATOM   413 O O   . ILE A 1 60  ? 8.105   -7.849  1.519   1.00 41.22  ? 207 ILE A O   1 
ATOM   414 C CB  . ILE A 1 60  ? 10.046  -6.383  -0.035  1.00 42.20  ? 207 ILE A CB  1 
ATOM   415 C CG1 . ILE A 1 60  ? 11.337  -5.569  0.072   1.00 42.37  ? 207 ILE A CG1 1 
ATOM   416 C CG2 . ILE A 1 60  ? 9.619   -6.503  -1.478  1.00 41.64  ? 207 ILE A CG2 1 
ATOM   417 C CD1 . ILE A 1 60  ? 12.550  -6.285  -0.495  1.00 41.10  ? 207 ILE A CD1 1 
ATOM   418 N N   . LEU A 1 61  ? 6.607   -6.411  0.671   1.00 41.35  ? 208 LEU A N   1 
ATOM   419 C CA  . LEU A 1 61  ? 5.486   -7.312  0.863   1.00 39.57  ? 208 LEU A CA  1 
ATOM   420 C C   . LEU A 1 61  ? 5.184   -8.110  -0.393  1.00 40.59  ? 208 LEU A C   1 
ATOM   421 O O   . LEU A 1 61  ? 4.852   -7.542  -1.440  1.00 40.54  ? 208 LEU A O   1 
ATOM   422 C CB  . LEU A 1 61  ? 4.252   -6.512  1.286   1.00 37.52  ? 208 LEU A CB  1 
ATOM   423 C CG  . LEU A 1 61  ? 4.320   -5.930  2.702   1.00 39.60  ? 208 LEU A CG  1 
ATOM   424 C CD1 . LEU A 1 61  ? 3.193   -4.916  2.906   1.00 29.80  ? 208 LEU A CD1 1 
ATOM   425 C CD2 . LEU A 1 61  ? 4.231   -7.076  3.727   1.00 35.50  ? 208 LEU A CD2 1 
ATOM   426 N N   . ASP A 1 62  ? 5.308   -9.429  -0.288  1.00 39.21  ? 209 ASP A N   1 
ATOM   427 C CA  . ASP A 1 62  ? 5.027   -10.320 -1.408  1.00 40.63  ? 209 ASP A CA  1 
ATOM   428 C C   . ASP A 1 62  ? 3.508   -10.492 -1.475  1.00 40.44  ? 209 ASP A C   1 
ATOM   429 O O   . ASP A 1 62  ? 2.903   -11.140 -0.620  1.00 43.24  ? 209 ASP A O   1 
ATOM   430 C CB  . ASP A 1 62  ? 5.731   -11.662 -1.178  1.00 47.22  ? 209 ASP A CB  1 
ATOM   431 C CG  . ASP A 1 62  ? 5.381   -12.706 -2.228  1.00 49.97  ? 209 ASP A CG  1 
ATOM   432 O OD1 . ASP A 1 62  ? 4.920   -12.328 -3.328  1.00 47.96  ? 209 ASP A OD1 1 
ATOM   433 O OD2 . ASP A 1 62  ? 5.584   -13.909 -1.948  1.00 49.58  ? 209 ASP A OD2 1 
ATOM   434 N N   . LEU A 1 63  ? 2.888   -9.898  -2.488  1.00 41.42  ? 210 LEU A N   1 
ATOM   435 C CA  . LEU A 1 63  ? 1.440   -9.961  -2.621  1.00 37.09  ? 210 LEU A CA  1 
ATOM   436 C C   . LEU A 1 63  ? 0.844   -11.326 -2.918  1.00 38.40  ? 210 LEU A C   1 
ATOM   437 O O   . LEU A 1 63  ? -0.361  -11.521 -2.722  1.00 34.81  ? 210 LEU A O   1 
ATOM   438 C CB  . LEU A 1 63  ? 0.968   -8.956  -3.670  1.00 39.49  ? 210 LEU A CB  1 
ATOM   439 C CG  . LEU A 1 63  ? 1.254   -7.493  -3.304  1.00 40.51  ? 210 LEU A CG  1 
ATOM   440 C CD1 . LEU A 1 63  ? 0.767   -6.585  -4.414  1.00 43.59  ? 210 LEU A CD1 1 
ATOM   441 C CD2 . LEU A 1 63  ? 0.569   -7.142  -1.988  1.00 40.57  ? 210 LEU A CD2 1 
ATOM   442 N N   . THR A 1 64  ? 1.658   -12.274 -3.388  1.00 37.76  ? 211 THR A N   1 
ATOM   443 C CA  . THR A 1 64  ? 1.134   -13.614 -3.669  1.00 43.32  ? 211 THR A CA  1 
ATOM   444 C C   . THR A 1 64  ? 0.692   -14.257 -2.360  1.00 41.66  ? 211 THR A C   1 
ATOM   445 O O   . THR A 1 64  ? 0.093   -15.331 -2.354  1.00 43.01  ? 211 THR A O   1 
ATOM   446 C CB  . THR A 1 64  ? 2.179   -14.543 -4.327  1.00 42.56  ? 211 THR A CB  1 
ATOM   447 O OG1 . THR A 1 64  ? 3.237   -14.797 -3.399  1.00 45.88  ? 211 THR A OG1 1 
ATOM   448 C CG2 . THR A 1 64  ? 2.747   -13.909 -5.593  1.00 38.73  ? 211 THR A CG2 1 
ATOM   449 N N   . GLU A 1 65  ? 0.989   -13.586 -1.249  1.00 42.64  ? 212 GLU A N   1 
ATOM   450 C CA  . GLU A 1 65  ? 0.601   -14.080 0.068   1.00 42.57  ? 212 GLU A CA  1 
ATOM   451 C C   . GLU A 1 65  ? -0.583  -13.291 0.622   1.00 42.00  ? 212 GLU A C   1 
ATOM   452 O O   . GLU A 1 65  ? -1.140  -13.636 1.668   1.00 41.25  ? 212 GLU A O   1 
ATOM   453 C CB  . GLU A 1 65  ? 1.777   -13.980 1.032   1.00 44.65  ? 212 GLU A CB  1 
ATOM   454 C CG  . GLU A 1 65  ? 2.928   -14.898 0.689   1.00 54.14  ? 212 GLU A CG  1 
ATOM   455 C CD  . GLU A 1 65  ? 4.088   -14.737 1.647   1.00 60.34  ? 212 GLU A CD  1 
ATOM   456 O OE1 . GLU A 1 65  ? 3.871   -14.897 2.868   1.00 60.94  ? 212 GLU A OE1 1 
ATOM   457 O OE2 . GLU A 1 65  ? 5.214   -14.452 1.180   1.00 64.63  ? 212 GLU A OE2 1 
ATOM   458 N N   . CYS A 1 66  ? -0.966  -12.229 -0.083  1.00 36.33  ? 213 CYS A N   1 
ATOM   459 C CA  . CYS A 1 66  ? -2.076  -11.393 0.350   1.00 37.46  ? 213 CYS A CA  1 
ATOM   460 C C   . CYS A 1 66  ? -3.422  -12.008 -0.014  1.00 38.12  ? 213 CYS A C   1 
ATOM   461 O O   . CYS A 1 66  ? -3.696  -12.289 -1.176  1.00 39.10  ? 213 CYS A O   1 
ATOM   462 C CB  . CYS A 1 66  ? -1.949  -10.009 -0.275  1.00 35.80  ? 213 CYS A CB  1 
ATOM   463 S SG  . CYS A 1 66  ? -3.252  -8.899  0.241   1.00 34.05  ? 213 CYS A SG  1 
ATOM   464 N N   . SER A 1 67  ? -4.272  -12.200 0.987   1.00 39.84  ? 214 SER A N   1 
ATOM   465 C CA  . SER A 1 67  ? -5.574  -12.813 0.771   1.00 36.75  ? 214 SER A CA  1 
ATOM   466 C C   . SER A 1 67  ? -6.711  -11.808 0.681   1.00 36.38  ? 214 SER A C   1 
ATOM   467 O O   . SER A 1 67  ? -7.811  -12.156 0.252   1.00 37.43  ? 214 SER A O   1 
ATOM   468 C CB  . SER A 1 67  ? -5.861  -13.824 1.889   1.00 38.25  ? 214 SER A CB  1 
ATOM   469 O OG  . SER A 1 67  ? -5.780  -13.216 3.170   1.00 37.34  ? 214 SER A OG  1 
ATOM   470 N N   . ALA A 1 68  ? -6.461  -10.563 1.073   1.00 37.84  ? 215 ALA A N   1 
ATOM   471 C CA  . ALA A 1 68  ? -7.516  -9.560  1.009   1.00 36.78  ? 215 ALA A CA  1 
ATOM   472 C C   . ALA A 1 68  ? -7.087  -8.100  1.133   1.00 38.58  ? 215 ALA A C   1 
ATOM   473 O O   . ALA A 1 68  ? -6.080  -7.766  1.761   1.00 38.17  ? 215 ALA A O   1 
ATOM   474 C CB  . ALA A 1 68  ? -8.571  -9.861  2.062   1.00 37.20  ? 215 ALA A CB  1 
ATOM   475 N N   . VAL A 1 69  ? -7.886  -7.244  0.508   1.00 39.71  ? 216 VAL A N   1 
ATOM   476 C CA  . VAL A 1 69  ? -7.710  -5.799  0.529   1.00 42.74  ? 216 VAL A CA  1 
ATOM   477 C C   . VAL A 1 69  ? -9.110  -5.243  0.808   1.00 42.78  ? 216 VAL A C   1 
ATOM   478 O O   . VAL A 1 69  ? -10.023 -5.403  -0.005  1.00 41.55  ? 216 VAL A O   1 
ATOM   479 C CB  . VAL A 1 69  ? -7.219  -5.256  -0.820  1.00 41.96  ? 216 VAL A CB  1 
ATOM   480 C CG1 . VAL A 1 69  ? -6.914  -3.757  -0.691  1.00 40.57  ? 216 VAL A CG1 1 
ATOM   481 C CG2 . VAL A 1 69  ? -5.984  -6.014  -1.261  1.00 46.08  ? 216 VAL A CG2 1 
ATOM   482 N N   . GLN A 1 70  ? -9.283  -4.595  1.951   1.00 40.48  ? 217 GLN A N   1 
ATOM   483 C CA  . GLN A 1 70  ? -10.598 -4.084  2.300   1.00 43.63  ? 217 GLN A CA  1 
ATOM   484 C C   . GLN A 1 70  ? -10.606 -2.661  2.808   1.00 41.54  ? 217 GLN A C   1 
ATOM   485 O O   . GLN A 1 70  ? -9.781  -2.267  3.631   1.00 39.72  ? 217 GLN A O   1 
ATOM   486 C CB  . GLN A 1 70  ? -11.230 -4.980  3.359   1.00 48.58  ? 217 GLN A CB  1 
ATOM   487 C CG  . GLN A 1 70  ? -11.198 -6.453  3.010   1.00 58.92  ? 217 GLN A CG  1 
ATOM   488 C CD  . GLN A 1 70  ? -11.557 -7.332  4.191   1.00 65.73  ? 217 GLN A CD  1 
ATOM   489 O OE1 . GLN A 1 70  ? -10.907 -7.284  5.238   1.00 69.14  ? 217 GLN A OE1 1 
ATOM   490 N NE2 . GLN A 1 70  ? -12.598 -8.142  4.029   1.00 69.20  ? 217 GLN A NE2 1 
ATOM   491 N N   . PHE A 1 71  ? -11.562 -1.895  2.309   1.00 40.14  ? 218 PHE A N   1 
ATOM   492 C CA  . PHE A 1 71  ? -11.721 -0.522  2.728   1.00 38.56  ? 218 PHE A CA  1 
ATOM   493 C C   . PHE A 1 71  ? -12.324 -0.618  4.120   1.00 39.37  ? 218 PHE A C   1 
ATOM   494 O O   . PHE A 1 71  ? -13.094 -1.531  4.395   1.00 42.32  ? 218 PHE A O   1 
ATOM   495 C CB  . PHE A 1 71  ? -12.681 0.183   1.785   1.00 38.08  ? 218 PHE A CB  1 
ATOM   496 C CG  . PHE A 1 71  ? -12.921 1.616   2.130   1.00 40.42  ? 218 PHE A CG  1 
ATOM   497 C CD1 . PHE A 1 71  ? -11.973 2.588   1.819   1.00 32.59  ? 218 PHE A CD1 1 
ATOM   498 C CD2 . PHE A 1 71  ? -14.098 1.999   2.764   1.00 34.00  ? 218 PHE A CD2 1 
ATOM   499 C CE1 . PHE A 1 71  ? -12.194 3.917   2.130   1.00 35.34  ? 218 PHE A CE1 1 
ATOM   500 C CE2 . PHE A 1 71  ? -14.327 3.331   3.081   1.00 38.00  ? 218 PHE A CE2 1 
ATOM   501 C CZ  . PHE A 1 71  ? -13.374 4.296   2.763   1.00 37.67  ? 218 PHE A CZ  1 
ATOM   502 N N   . ASP A 1 72  ? -11.976 0.309   5.002   1.00 37.97  ? 219 ASP A N   1 
ATOM   503 C CA  . ASP A 1 72  ? -12.514 0.281   6.355   1.00 35.07  ? 219 ASP A CA  1 
ATOM   504 C C   . ASP A 1 72  ? -13.631 1.309   6.515   1.00 36.36  ? 219 ASP A C   1 
ATOM   505 O O   . ASP A 1 72  ? -13.392 2.465   6.871   1.00 35.81  ? 219 ASP A O   1 
ATOM   506 C CB  . ASP A 1 72  ? -11.397 0.540   7.369   1.00 38.57  ? 219 ASP A CB  1 
ATOM   507 C CG  . ASP A 1 72  ? -11.884 0.480   8.798   1.00 38.51  ? 219 ASP A CG  1 
ATOM   508 O OD1 . ASP A 1 72  ? -13.051 0.087   9.016   1.00 41.90  ? 219 ASP A OD1 1 
ATOM   509 O OD2 . ASP A 1 72  ? -11.102 0.822   9.703   1.00 38.58  ? 219 ASP A OD2 1 
ATOM   510 N N   . TYR A 1 73  ? -14.857 0.874   6.251   1.00 37.66  ? 220 TYR A N   1 
ATOM   511 C CA  . TYR A 1 73  ? -16.015 1.747   6.335   1.00 36.96  ? 220 TYR A CA  1 
ATOM   512 C C   . TYR A 1 73  ? -16.356 2.203   7.742   1.00 37.21  ? 220 TYR A C   1 
ATOM   513 O O   . TYR A 1 73  ? -17.263 3.006   7.922   1.00 37.83  ? 220 TYR A O   1 
ATOM   514 C CB  . TYR A 1 73  ? -17.235 1.084   5.691   1.00 35.89  ? 220 TYR A CB  1 
ATOM   515 C CG  . TYR A 1 73  ? -17.157 0.976   4.177   1.00 29.52  ? 220 TYR A CG  1 
ATOM   516 C CD1 . TYR A 1 73  ? -16.798 -0.227  3.559   1.00 30.51  ? 220 TYR A CD1 1 
ATOM   517 C CD2 . TYR A 1 73  ? -17.474 2.066   3.364   1.00 29.89  ? 220 TYR A CD2 1 
ATOM   518 C CE1 . TYR A 1 73  ? -16.762 -0.339  2.161   1.00 34.99  ? 220 TYR A CE1 1 
ATOM   519 C CE2 . TYR A 1 73  ? -17.442 1.967   1.967   1.00 34.05  ? 220 TYR A CE2 1 
ATOM   520 C CZ  . TYR A 1 73  ? -17.087 0.767   1.378   1.00 39.38  ? 220 TYR A CZ  1 
ATOM   521 O OH  . TYR A 1 73  ? -17.055 0.676   0.007   1.00 48.16  ? 220 TYR A OH  1 
ATOM   522 N N   . SER A 1 74  ? -15.627 1.693   8.731   1.00 39.26  ? 221 SER A N   1 
ATOM   523 C CA  . SER A 1 74  ? -15.831 2.083   10.124  1.00 40.10  ? 221 SER A CA  1 
ATOM   524 C C   . SER A 1 74  ? -15.143 3.419   10.389  1.00 40.50  ? 221 SER A C   1 
ATOM   525 O O   . SER A 1 74  ? -15.614 4.221   11.197  1.00 41.54  ? 221 SER A O   1 
ATOM   526 C CB  . SER A 1 74  ? -15.250 1.028   11.068  1.00 41.55  ? 221 SER A CB  1 
ATOM   527 O OG  . SER A 1 74  ? -15.989 -0.181  10.988  1.00 51.64  ? 221 SER A OG  1 
ATOM   528 N N   . GLN A 1 75  ? -14.021 3.641   9.712   1.00 37.95  ? 222 GLN A N   1 
ATOM   529 C CA  . GLN A 1 75  ? -13.249 4.875   9.847   1.00 40.59  ? 222 GLN A CA  1 
ATOM   530 C C   . GLN A 1 75  ? -13.880 5.898   8.905   1.00 43.06  ? 222 GLN A C   1 
ATOM   531 O O   . GLN A 1 75  ? -13.623 5.904   7.698   1.00 45.02  ? 222 GLN A O   1 
ATOM   532 C CB  . GLN A 1 75  ? -11.781 4.609   9.477   1.00 41.21  ? 222 GLN A CB  1 
ATOM   533 C CG  . GLN A 1 75  ? -10.852 5.798   9.620   1.00 43.05  ? 222 GLN A CG  1 
ATOM   534 C CD  . GLN A 1 75  ? -10.997 6.495   10.954  1.00 43.84  ? 222 GLN A CD  1 
ATOM   535 O OE1 . GLN A 1 75  ? -11.564 7.584   11.038  1.00 49.08  ? 222 GLN A OE1 1 
ATOM   536 N NE2 . GLN A 1 75  ? -10.490 5.870   12.007  1.00 47.43  ? 222 GLN A NE2 1 
ATOM   537 N N   . GLU A 1 76  ? -14.716 6.762   9.468   1.00 45.57  ? 223 GLU A N   1 
ATOM   538 C CA  . GLU A 1 76  ? -15.426 7.759   8.680   1.00 47.71  ? 223 GLU A CA  1 
ATOM   539 C C   . GLU A 1 76  ? -14.742 9.122   8.607   1.00 47.21  ? 223 GLU A C   1 
ATOM   540 O O   . GLU A 1 76  ? -15.229 10.027  7.929   1.00 48.46  ? 223 GLU A O   1 
ATOM   541 C CB  . GLU A 1 76  ? -16.842 7.902   9.238   1.00 47.49  ? 223 GLU A CB  1 
ATOM   542 C CG  . GLU A 1 76  ? -17.449 6.565   9.652   1.00 49.70  ? 223 GLU A CG  1 
ATOM   543 C CD  . GLU A 1 76  ? -18.782 6.721   10.354  1.00 51.40  ? 223 GLU A CD  1 
ATOM   544 O OE1 . GLU A 1 76  ? -18.954 7.754   11.033  1.00 50.46  ? 223 GLU A OE1 1 
ATOM   545 O OE2 . GLU A 1 76  ? -19.642 5.812   10.241  1.00 47.20  ? 223 GLU A OE2 1 
ATOM   546 N N   . ARG A 1 77  ? -13.605 9.259   9.286   1.00 49.18  ? 224 ARG A N   1 
ATOM   547 C CA  . ARG A 1 77  ? -12.855 10.517  9.302   1.00 50.56  ? 224 ARG A CA  1 
ATOM   548 C C   . ARG A 1 77  ? -11.827 10.602  8.159   1.00 46.38  ? 224 ARG A C   1 
ATOM   549 O O   . ARG A 1 77  ? -11.651 11.659  7.554   1.00 44.44  ? 224 ARG A O   1 
ATOM   550 C CB  . ARG A 1 77  ? -12.155 10.679  10.658  1.00 55.14  ? 224 ARG A CB  1 
ATOM   551 C CG  . ARG A 1 77  ? -11.990 12.125  11.107  1.00 63.03  ? 224 ARG A CG  1 
ATOM   552 C CD  . ARG A 1 77  ? -11.994 12.248  12.638  1.00 67.35  ? 224 ARG A CD  1 
ATOM   553 N NE  . ARG A 1 77  ? -10.659 12.218  13.242  1.00 73.45  ? 224 ARG A NE  1 
ATOM   554 C CZ  . ARG A 1 77  ? -10.431 12.318  14.552  1.00 78.57  ? 224 ARG A CZ  1 
ATOM   555 N NH1 . ARG A 1 77  ? -11.451 12.450  15.399  1.00 78.06  ? 224 ARG A NH1 1 
ATOM   556 N NH2 . ARG A 1 77  ? -9.185  12.297  15.020  1.00 80.38  ? 224 ARG A NH2 1 
ATOM   557 N N   . VAL A 1 78  ? -11.142 9.496   7.889   1.00 41.18  ? 225 VAL A N   1 
ATOM   558 C CA  . VAL A 1 78  ? -10.153 9.429   6.810   1.00 40.77  ? 225 VAL A CA  1 
ATOM   559 C C   . VAL A 1 78  ? -10.384 8.152   5.998   1.00 39.31  ? 225 VAL A C   1 
ATOM   560 O O   . VAL A 1 78  ? -11.162 7.283   6.401   1.00 38.69  ? 225 VAL A O   1 
ATOM   561 C CB  . VAL A 1 78  ? -8.690  9.410   7.346   1.00 38.40  ? 225 VAL A CB  1 
ATOM   562 C CG1 . VAL A 1 78  ? -8.323  10.760  7.953   1.00 39.81  ? 225 VAL A CG1 1 
ATOM   563 C CG2 . VAL A 1 78  ? -8.531  8.313   8.360   1.00 39.38  ? 225 VAL A CG2 1 
ATOM   564 N N   . ASN A 1 79  ? -9.701  8.032   4.863   1.00 35.13  ? 226 ASN A N   1 
ATOM   565 C CA  . ASN A 1 79  ? -9.858  6.863   4.005   1.00 33.81  ? 226 ASN A CA  1 
ATOM   566 C C   . ASN A 1 79  ? -8.735  5.837   4.158   1.00 31.55  ? 226 ASN A C   1 
ATOM   567 O O   . ASN A 1 79  ? -7.653  5.988   3.601   1.00 32.66  ? 226 ASN A O   1 
ATOM   568 C CB  . ASN A 1 79  ? -9.981  7.316   2.545   1.00 35.20  ? 226 ASN A CB  1 
ATOM   569 C CG  . ASN A 1 79  ? -11.145 8.278   2.335   1.00 39.63  ? 226 ASN A CG  1 
ATOM   570 O OD1 . ASN A 1 79  ? -12.317 7.877   2.334   1.00 38.54  ? 226 ASN A OD1 1 
ATOM   571 N ND2 . ASN A 1 79  ? -10.825 9.562   2.178   1.00 34.90  ? 226 ASN A ND2 1 
ATOM   572 N N   . CYS A 1 80  ? -9.025  4.772   4.897   1.00 33.36  ? 227 CYS A N   1 
ATOM   573 C CA  . CYS A 1 80  ? -8.059  3.715   5.152   1.00 31.83  ? 227 CYS A CA  1 
ATOM   574 C C   . CYS A 1 80  ? -8.587  2.350   4.719   1.00 29.99  ? 227 CYS A C   1 
ATOM   575 O O   . CYS A 1 80  ? -9.797  2.141   4.563   1.00 30.76  ? 227 CYS A O   1 
ATOM   576 C CB  . CYS A 1 80  ? -7.726  3.662   6.648   1.00 37.13  ? 227 CYS A CB  1 
ATOM   577 S SG  . CYS A 1 80  ? -7.501  5.271   7.473   1.00 35.89  ? 227 CYS A SG  1 
ATOM   578 N N   . PHE A 1 81  ? -7.666  1.411   4.563   1.00 25.62  ? 228 PHE A N   1 
ATOM   579 C CA  . PHE A 1 81  ? -7.999  0.058   4.144   1.00 29.60  ? 228 PHE A CA  1 
ATOM   580 C C   . PHE A 1 81  ? -6.931  -0.860  4.710   1.00 30.75  ? 228 PHE A C   1 
ATOM   581 O O   . PHE A 1 81  ? -5.868  -0.394  5.130   1.00 26.01  ? 228 PHE A O   1 
ATOM   582 C CB  . PHE A 1 81  ? -8.029  -0.029  2.608   1.00 27.91  ? 228 PHE A CB  1 
ATOM   583 C CG  . PHE A 1 81  ? -6.727  0.374   1.942   1.00 32.01  ? 228 PHE A CG  1 
ATOM   584 C CD1 . PHE A 1 81  ? -5.777  -0.587  1.597   1.00 26.64  ? 228 PHE A CD1 1 
ATOM   585 C CD2 . PHE A 1 81  ? -6.460  1.715   1.656   1.00 27.10  ? 228 PHE A CD2 1 
ATOM   586 C CE1 . PHE A 1 81  ? -4.579  -0.222  0.971   1.00 27.22  ? 228 PHE A CE1 1 
ATOM   587 C CE2 . PHE A 1 81  ? -5.257  2.098   1.027   1.00 27.58  ? 228 PHE A CE2 1 
ATOM   588 C CZ  . PHE A 1 81  ? -4.319  1.128   0.685   1.00 30.00  ? 228 PHE A CZ  1 
ATOM   589 N N   . CYS A 1 82  ? -7.202  -2.160  4.722   1.00 31.74  ? 229 CYS A N   1 
ATOM   590 C CA  . CYS A 1 82  ? -6.234  -3.092  5.267   1.00 35.35  ? 229 CYS A CA  1 
ATOM   591 C C   . CYS A 1 82  ? -5.798  -4.167  4.300   1.00 34.79  ? 229 CYS A C   1 
ATOM   592 O O   . CYS A 1 82  ? -6.559  -4.607  3.436   1.00 34.15  ? 229 CYS A O   1 
ATOM   593 C CB  . CYS A 1 82  ? -6.792  -3.744  6.532   1.00 43.96  ? 229 CYS A CB  1 
ATOM   594 S SG  . CYS A 1 82  ? -8.264  -4.710  6.236   1.00 55.22  ? 229 CYS A SG  1 
ATOM   595 N N   . LEU A 1 83  ? -4.543  -4.563  4.439   1.00 33.06  ? 230 LEU A N   1 
ATOM   596 C CA  . LEU A 1 83  ? -3.967  -5.612  3.615   1.00 37.32  ? 230 LEU A CA  1 
ATOM   597 C C   . LEU A 1 83  ? -3.779  -6.822  4.513   1.00 34.38  ? 230 LEU A C   1 
ATOM   598 O O   . LEU A 1 83  ? -2.981  -6.791  5.444   1.00 30.14  ? 230 LEU A O   1 
ATOM   599 C CB  . LEU A 1 83  ? -2.621  -5.173  3.030   1.00 37.16  ? 230 LEU A CB  1 
ATOM   600 C CG  . LEU A 1 83  ? -2.721  -4.416  1.709   1.00 40.40  ? 230 LEU A CG  1 
ATOM   601 C CD1 . LEU A 1 83  ? -1.340  -4.060  1.214   1.00 43.33  ? 230 LEU A CD1 1 
ATOM   602 C CD2 . LEU A 1 83  ? -3.424  -5.287  0.688   1.00 39.95  ? 230 LEU A CD2 1 
ATOM   603 N N   . VAL A 1 84  ? -4.534  -7.877  4.232   1.00 37.83  ? 231 VAL A N   1 
ATOM   604 C CA  . VAL A 1 84  ? -4.488  -9.094  5.026   1.00 36.93  ? 231 VAL A CA  1 
ATOM   605 C C   . VAL A 1 84  ? -3.446  -10.090 4.537   1.00 37.59  ? 231 VAL A C   1 
ATOM   606 O O   . VAL A 1 84  ? -3.487  -10.550 3.399   1.00 38.97  ? 231 VAL A O   1 
ATOM   607 C CB  . VAL A 1 84  ? -5.864  -9.798  5.038   1.00 37.99  ? 231 VAL A CB  1 
ATOM   608 C CG1 . VAL A 1 84  ? -5.832  -10.976 5.991   1.00 36.79  ? 231 VAL A CG1 1 
ATOM   609 C CG2 . VAL A 1 84  ? -6.946  -8.828  5.445   1.00 33.68  ? 231 VAL A CG2 1 
ATOM   610 N N   . PHE A 1 85  ? -2.508  -10.407 5.418   1.00 42.16  ? 232 PHE A N   1 
ATOM   611 C CA  . PHE A 1 85  ? -1.460  -11.367 5.131   1.00 43.24  ? 232 PHE A CA  1 
ATOM   612 C C   . PHE A 1 85  ? -1.536  -12.460 6.183   1.00 48.84  ? 232 PHE A C   1 
ATOM   613 O O   . PHE A 1 85  ? -2.153  -12.279 7.239   1.00 46.24  ? 232 PHE A O   1 
ATOM   614 C CB  . PHE A 1 85  ? -0.085  -10.706 5.162   1.00 43.83  ? 232 PHE A CB  1 
ATOM   615 C CG  . PHE A 1 85  ? 0.222   -9.898  3.937   1.00 42.86  ? 232 PHE A CG  1 
ATOM   616 C CD1 . PHE A 1 85  ? -0.139  -8.556  3.862   1.00 42.24  ? 232 PHE A CD1 1 
ATOM   617 C CD2 . PHE A 1 85  ? 0.845   -10.493 2.838   1.00 39.48  ? 232 PHE A CD2 1 
ATOM   618 C CE1 . PHE A 1 85  ? 0.120   -7.813  2.708   1.00 38.74  ? 232 PHE A CE1 1 
ATOM   619 C CE2 . PHE A 1 85  ? 1.105   -9.763  1.685   1.00 39.15  ? 232 PHE A CE2 1 
ATOM   620 C CZ  . PHE A 1 85  ? 0.742   -8.416  1.621   1.00 39.32  ? 232 PHE A CZ  1 
ATOM   621 N N   . PRO A 1 86  ? -0.909  -13.614 5.912   1.00 51.77  ? 233 PRO A N   1 
ATOM   622 C CA  . PRO A 1 86  ? -0.925  -14.738 6.851   1.00 54.63  ? 233 PRO A CA  1 
ATOM   623 C C   . PRO A 1 86  ? -0.624  -14.373 8.302   1.00 55.12  ? 233 PRO A C   1 
ATOM   624 O O   . PRO A 1 86  ? -1.348  -14.785 9.210   1.00 55.30  ? 233 PRO A O   1 
ATOM   625 C CB  . PRO A 1 86  ? 0.120   -15.688 6.269   1.00 55.28  ? 233 PRO A CB  1 
ATOM   626 C CG  . PRO A 1 86  ? -0.001  -15.437 4.791   1.00 57.09  ? 233 PRO A CG  1 
ATOM   627 C CD  . PRO A 1 86  ? -0.077  -13.928 4.736   1.00 53.79  ? 233 PRO A CD  1 
ATOM   628 N N   . PHE A 1 87  ? 0.422   -13.583 8.521   1.00 53.01  ? 234 PHE A N   1 
ATOM   629 C CA  . PHE A 1 87  ? 0.805   -13.234 9.882   1.00 56.04  ? 234 PHE A CA  1 
ATOM   630 C C   . PHE A 1 87  ? 0.645   -11.784 10.329  1.00 53.64  ? 234 PHE A C   1 
ATOM   631 O O   . PHE A 1 87  ? 1.167   -11.403 11.379  1.00 53.59  ? 234 PHE A O   1 
ATOM   632 C CB  . PHE A 1 87  ? 2.243   -13.700 10.113  1.00 57.95  ? 234 PHE A CB  1 
ATOM   633 C CG  . PHE A 1 87  ? 2.426   -15.182 9.939   1.00 62.58  ? 234 PHE A CG  1 
ATOM   634 C CD1 . PHE A 1 87  ? 3.651   -15.701 9.534   1.00 64.83  ? 234 PHE A CD1 1 
ATOM   635 C CD2 . PHE A 1 87  ? 1.369   -16.060 10.178  1.00 65.18  ? 234 PHE A CD2 1 
ATOM   636 C CE1 . PHE A 1 87  ? 3.821   -17.076 9.364   1.00 69.11  ? 234 PHE A CE1 1 
ATOM   637 C CE2 . PHE A 1 87  ? 1.524   -17.436 10.013  1.00 67.95  ? 234 PHE A CE2 1 
ATOM   638 C CZ  . PHE A 1 87  ? 2.753   -17.947 9.605   1.00 68.96  ? 234 PHE A CZ  1 
ATOM   639 N N   . ARG A 1 88  ? -0.080  -10.979 9.555   1.00 49.56  ? 235 ARG A N   1 
ATOM   640 C CA  . ARG A 1 88  ? -0.298  -9.576  9.913   1.00 43.05  ? 235 ARG A CA  1 
ATOM   641 C C   . ARG A 1 88  ? -1.192  -8.871  8.917   1.00 40.59  ? 235 ARG A C   1 
ATOM   642 O O   . ARG A 1 88  ? -1.125  -9.127  7.722   1.00 38.13  ? 235 ARG A O   1 
ATOM   643 C CB  . ARG A 1 88  ? 1.036   -8.816  10.009  1.00 45.54  ? 235 ARG A CB  1 
ATOM   644 C CG  . ARG A 1 88  ? 0.874   -7.307  10.261  1.00 43.31  ? 235 ARG A CG  1 
ATOM   645 C CD  . ARG A 1 88  ? 2.218   -6.592  10.436  1.00 42.82  ? 235 ARG A CD  1 
ATOM   646 N NE  . ARG A 1 88  ? 2.053   -5.146  10.616  1.00 42.41  ? 235 ARG A NE  1 
ATOM   647 C CZ  . ARG A 1 88  ? 3.054   -4.278  10.748  1.00 39.17  ? 235 ARG A CZ  1 
ATOM   648 N NH1 . ARG A 1 88  ? 4.313   -4.698  10.723  1.00 39.53  ? 235 ARG A NH1 1 
ATOM   649 N NH2 . ARG A 1 88  ? 2.798   -2.987  10.898  1.00 35.26  ? 235 ARG A NH2 1 
ATOM   650 N N   . THR A 1 89  ? -2.045  -7.988  9.421   1.00 44.46  ? 236 THR A N   1 
ATOM   651 C CA  . THR A 1 89  ? -2.923  -7.211  8.559   1.00 43.64  ? 236 THR A CA  1 
ATOM   652 C C   . THR A 1 89  ? -2.453  -5.775  8.674   1.00 43.25  ? 236 THR A C   1 
ATOM   653 O O   . THR A 1 89  ? -2.484  -5.197  9.766   1.00 45.85  ? 236 THR A O   1 
ATOM   654 C CB  . THR A 1 89  ? -4.398  -7.261  9.006   1.00 43.85  ? 236 THR A CB  1 
ATOM   655 O OG1 . THR A 1 89  ? -4.881  -8.608  8.960   1.00 51.12  ? 236 THR A OG1 1 
ATOM   656 C CG2 . THR A 1 89  ? -5.249  -6.408  8.085   1.00 42.34  ? 236 THR A CG2 1 
ATOM   657 N N   . PHE A 1 90  ? -2.001  -5.202  7.561   1.00 36.13  ? 237 PHE A N   1 
ATOM   658 C CA  . PHE A 1 90  ? -1.551  -3.820  7.577   1.00 29.67  ? 237 PHE A CA  1 
ATOM   659 C C   . PHE A 1 90  ? -2.746  -2.905  7.456   1.00 25.52  ? 237 PHE A C   1 
ATOM   660 O O   . PHE A 1 90  ? -3.718  -3.220  6.777   1.00 26.90  ? 237 PHE A O   1 
ATOM   661 C CB  . PHE A 1 90  ? -0.568  -3.548  6.438   1.00 28.52  ? 237 PHE A CB  1 
ATOM   662 C CG  . PHE A 1 90  ? 0.728   -4.295  6.582   1.00 36.16  ? 237 PHE A CG  1 
ATOM   663 C CD1 . PHE A 1 90  ? 0.810   -5.641  6.259   1.00 31.44  ? 237 PHE A CD1 1 
ATOM   664 C CD2 . PHE A 1 90  ? 1.855   -3.665  7.097   1.00 37.58  ? 237 PHE A CD2 1 
ATOM   665 C CE1 . PHE A 1 90  ? 1.990   -6.349  6.450   1.00 37.86  ? 237 PHE A CE1 1 
ATOM   666 C CE2 . PHE A 1 90  ? 3.037   -4.365  7.290   1.00 37.10  ? 237 PHE A CE2 1 
ATOM   667 C CZ  . PHE A 1 90  ? 3.106   -5.708  6.967   1.00 37.76  ? 237 PHE A CZ  1 
ATOM   668 N N   . TYR A 1 91  ? -2.676  -1.773  8.132   1.00 23.75  ? 238 TYR A N   1 
ATOM   669 C CA  . TYR A 1 91  ? -3.758  -0.805  8.089   1.00 28.17  ? 238 TYR A CA  1 
ATOM   670 C C   . TYR A 1 91  ? -3.144  0.424   7.428   1.00 29.08  ? 238 TYR A C   1 
ATOM   671 O O   . TYR A 1 91  ? -2.148  0.956   7.914   1.00 30.23  ? 238 TYR A O   1 
ATOM   672 C CB  . TYR A 1 91  ? -4.219  -0.497  9.509   1.00 31.69  ? 238 TYR A CB  1 
ATOM   673 C CG  . TYR A 1 91  ? -5.545  0.211   9.576   1.00 39.58  ? 238 TYR A CG  1 
ATOM   674 C CD1 . TYR A 1 91  ? -6.738  -0.462  9.309   1.00 45.16  ? 238 TYR A CD1 1 
ATOM   675 C CD2 . TYR A 1 91  ? -5.613  1.559   9.909   1.00 40.66  ? 238 TYR A CD2 1 
ATOM   676 C CE1 . TYR A 1 91  ? -7.964  0.199   9.375   1.00 44.56  ? 238 TYR A CE1 1 
ATOM   677 C CE2 . TYR A 1 91  ? -6.826  2.222   9.978   1.00 42.27  ? 238 TYR A CE2 1 
ATOM   678 C CZ  . TYR A 1 91  ? -7.993  1.541   9.713   1.00 42.88  ? 238 TYR A CZ  1 
ATOM   679 O OH  . TYR A 1 91  ? -9.185  2.217   9.792   1.00 46.30  ? 238 TYR A OH  1 
ATOM   680 N N   . LEU A 1 92  ? -3.719  0.858   6.310   1.00 27.40  ? 239 LEU A N   1 
ATOM   681 C CA  . LEU A 1 92  ? -3.165  1.990   5.583   1.00 28.43  ? 239 LEU A CA  1 
ATOM   682 C C   . LEU A 1 92  ? -4.192  3.074   5.339   1.00 26.32  ? 239 LEU A C   1 
ATOM   683 O O   . LEU A 1 92  ? -5.366  2.796   5.143   1.00 31.38  ? 239 LEU A O   1 
ATOM   684 C CB  . LEU A 1 92  ? -2.591  1.507   4.240   1.00 27.21  ? 239 LEU A CB  1 
ATOM   685 C CG  . LEU A 1 92  ? -1.690  0.257   4.285   1.00 28.53  ? 239 LEU A CG  1 
ATOM   686 C CD1 . LEU A 1 92  ? -1.384  -0.195  2.875   1.00 20.97  ? 239 LEU A CD1 1 
ATOM   687 C CD2 . LEU A 1 92  ? -0.393  0.536   5.049   1.00 21.46  ? 239 LEU A CD2 1 
ATOM   688 N N   . CYS A 1 93  ? -3.747  4.319   5.366   1.00 27.69  ? 240 CYS A N   1 
ATOM   689 C CA  . CYS A 1 93  ? -4.651  5.435   5.117   1.00 32.63  ? 240 CYS A CA  1 
ATOM   690 C C   . CYS A 1 93  ? -4.086  6.327   4.015   1.00 32.21  ? 240 CYS A C   1 
ATOM   691 O O   . CYS A 1 93  ? -2.931  6.753   4.091   1.00 32.22  ? 240 CYS A O   1 
ATOM   692 C CB  . CYS A 1 93  ? -4.848  6.270   6.387   1.00 31.86  ? 240 CYS A CB  1 
ATOM   693 S SG  . CYS A 1 93  ? -5.503  5.365   7.833   1.00 42.68  ? 240 CYS A SG  1 
ATOM   694 N N   . ALA A 1 94  ? -4.893  6.594   2.992   1.00 31.67  ? 241 ALA A N   1 
ATOM   695 C CA  . ALA A 1 94  ? -4.476  7.466   1.891   1.00 33.17  ? 241 ALA A CA  1 
ATOM   696 C C   . ALA A 1 94  ? -4.767  8.904   2.326   1.00 34.60  ? 241 ALA A C   1 
ATOM   697 O O   . ALA A 1 94  ? -5.589  9.120   3.212   1.00 35.68  ? 241 ALA A O   1 
ATOM   698 C CB  . ALA A 1 94  ? -5.263  7.134   0.631   1.00 25.19  ? 241 ALA A CB  1 
ATOM   699 N N   . LYS A 1 95  ? -4.104  9.878   1.710   1.00 33.56  ? 242 LYS A N   1 
ATOM   700 C CA  . LYS A 1 95  ? -4.319  11.275  2.071   1.00 34.75  ? 242 LYS A CA  1 
ATOM   701 C C   . LYS A 1 95  ? -5.643  11.828  1.564   1.00 36.88  ? 242 LYS A C   1 
ATOM   702 O O   . LYS A 1 95  ? -6.114  12.849  2.054   1.00 34.24  ? 242 LYS A O   1 
ATOM   703 C CB  . LYS A 1 95  ? -3.165  12.146  1.559   1.00 36.08  ? 242 LYS A CB  1 
ATOM   704 C CG  . LYS A 1 95  ? -1.804  11.735  2.103   1.00 38.09  ? 242 LYS A CG  1 
ATOM   705 C CD  . LYS A 1 95  ? -1.797  11.649  3.633   1.00 38.13  ? 242 LYS A CD  1 
ATOM   706 C CE  . LYS A 1 95  ? -0.501  10.998  4.128   1.00 38.63  ? 242 LYS A CE  1 
ATOM   707 N NZ  . LYS A 1 95  ? -0.411  10.967  5.615   1.00 34.85  ? 242 LYS A NZ  1 
ATOM   708 N N   . THR A 1 96  ? -6.228  11.167  0.566   1.00 38.20  ? 243 THR A N   1 
ATOM   709 C CA  . THR A 1 96  ? -7.515  11.592  0.023   1.00 37.11  ? 243 THR A CA  1 
ATOM   710 C C   . THR A 1 96  ? -8.337  10.379  -0.424  1.00 34.29  ? 243 THR A C   1 
ATOM   711 O O   . THR A 1 96  ? -7.809  9.270   -0.559  1.00 33.95  ? 243 THR A O   1 
ATOM   712 C CB  . THR A 1 96  ? -7.342  12.554  -1.191  1.00 41.16  ? 243 THR A CB  1 
ATOM   713 O OG1 . THR A 1 96  ? -6.645  11.875  -2.245  1.00 38.73  ? 243 THR A OG1 1 
ATOM   714 C CG2 . THR A 1 96  ? -6.568  13.816  -0.782  1.00 36.82  ? 243 THR A CG2 1 
ATOM   715 N N   . GLY A 1 97  ? -9.629  10.598  -0.643  1.00 31.64  ? 244 GLY A N   1 
ATOM   716 C CA  . GLY A 1 97  ? -10.505 9.528   -1.083  1.00 33.38  ? 244 GLY A CA  1 
ATOM   717 C C   . GLY A 1 97  ? -10.072 9.004   -2.441  1.00 36.91  ? 244 GLY A C   1 
ATOM   718 O O   . GLY A 1 97  ? -10.068 7.791   -2.669  1.00 37.75  ? 244 GLY A O   1 
ATOM   719 N N   . VAL A 1 98  ? -9.701  9.916   -3.338  1.00 35.23  ? 245 VAL A N   1 
ATOM   720 C CA  . VAL A 1 98  ? -9.245  9.534   -4.678  1.00 40.67  ? 245 VAL A CA  1 
ATOM   721 C C   . VAL A 1 98  ? -8.050  8.581   -4.605  1.00 36.89  ? 245 VAL A C   1 
ATOM   722 O O   . VAL A 1 98  ? -8.021  7.548   -5.273  1.00 36.45  ? 245 VAL A O   1 
ATOM   723 C CB  . VAL A 1 98  ? -8.808  10.775  -5.515  1.00 42.19  ? 245 VAL A CB  1 
ATOM   724 C CG1 . VAL A 1 98  ? -8.080  10.322  -6.778  1.00 41.94  ? 245 VAL A CG1 1 
ATOM   725 C CG2 . VAL A 1 98  ? -10.018 11.609  -5.888  1.00 39.39  ? 245 VAL A CG2 1 
ATOM   726 N N   . GLU A 1 99  ? -7.062  8.949   -3.796  1.00 35.14  ? 246 GLU A N   1 
ATOM   727 C CA  . GLU A 1 99  ? -5.868  8.132   -3.634  1.00 36.76  ? 246 GLU A CA  1 
ATOM   728 C C   . GLU A 1 99  ? -6.211  6.776   -3.019  1.00 36.32  ? 246 GLU A C   1 
ATOM   729 O O   . GLU A 1 99  ? -5.657  5.747   -3.420  1.00 36.42  ? 246 GLU A O   1 
ATOM   730 C CB  . GLU A 1 99  ? -4.835  8.886   -2.783  1.00 33.70  ? 246 GLU A CB  1 
ATOM   731 C CG  . GLU A 1 99  ? -4.382  10.195  -3.445  1.00 35.95  ? 246 GLU A CG  1 
ATOM   732 C CD  . GLU A 1 99  ? -3.470  11.040  -2.573  1.00 37.39  ? 246 GLU A CD  1 
ATOM   733 O OE1 . GLU A 1 99  ? -2.340  10.597  -2.261  1.00 42.43  ? 246 GLU A OE1 1 
ATOM   734 O OE2 . GLU A 1 99  ? -3.883  12.155  -2.197  1.00 43.78  ? 246 GLU A OE2 1 
ATOM   735 N N   . ALA A 1 100 ? -7.131  6.776   -2.057  1.00 34.92  ? 247 ALA A N   1 
ATOM   736 C CA  . ALA A 1 100 ? -7.548  5.533   -1.411  1.00 35.99  ? 247 ALA A CA  1 
ATOM   737 C C   . ALA A 1 100 ? -8.126  4.617   -2.478  1.00 31.11  ? 247 ALA A C   1 
ATOM   738 O O   . ALA A 1 100 ? -7.731  3.463   -2.610  1.00 29.09  ? 247 ALA A O   1 
ATOM   739 C CB  . ALA A 1 100 ? -8.608  5.815   -0.340  1.00 33.06  ? 247 ALA A CB  1 
ATOM   740 N N   . ASP A 1 101 ? -9.070  5.166   -3.232  1.00 34.85  ? 248 ASP A N   1 
ATOM   741 C CA  . ASP A 1 101 ? -9.744  4.459   -4.312  1.00 35.16  ? 248 ASP A CA  1 
ATOM   742 C C   . ASP A 1 101 ? -8.756  3.928   -5.363  1.00 34.74  ? 248 ASP A C   1 
ATOM   743 O O   . ASP A 1 101 ? -8.873  2.784   -5.801  1.00 33.91  ? 248 ASP A O   1 
ATOM   744 C CB  . ASP A 1 101 ? -10.763 5.398   -4.960  1.00 40.79  ? 248 ASP A CB  1 
ATOM   745 C CG  . ASP A 1 101 ? -11.654 4.694   -5.946  1.00 48.84  ? 248 ASP A CG  1 
ATOM   746 O OD1 . ASP A 1 101 ? -12.374 3.746   -5.545  1.00 49.90  ? 248 ASP A OD1 1 
ATOM   747 O OD2 . ASP A 1 101 ? -11.631 5.094   -7.127  1.00 51.32  ? 248 ASP A OD2 1 
ATOM   748 N N   . GLU A 1 102 ? -7.794  4.755   -5.768  1.00 35.15  ? 249 GLU A N   1 
ATOM   749 C CA  . GLU A 1 102 ? -6.784  4.342   -6.747  1.00 37.36  ? 249 GLU A CA  1 
ATOM   750 C C   . GLU A 1 102 ? -5.944  3.161   -6.242  1.00 36.56  ? 249 GLU A C   1 
ATOM   751 O O   . GLU A 1 102 ? -5.644  2.239   -7.006  1.00 35.49  ? 249 GLU A O   1 
ATOM   752 C CB  . GLU A 1 102 ? -5.833  5.498   -7.072  1.00 37.73  ? 249 GLU A CB  1 
ATOM   753 C CG  . GLU A 1 102 ? -6.357  6.547   -8.040  1.00 48.77  ? 249 GLU A CG  1 
ATOM   754 C CD  . GLU A 1 102 ? -5.408  7.745   -8.162  1.00 55.98  ? 249 GLU A CD  1 
ATOM   755 O OE1 . GLU A 1 102 ? -5.654  8.625   -9.017  1.00 59.40  ? 249 GLU A OE1 1 
ATOM   756 O OE2 . GLU A 1 102 ? -4.415  7.808   -7.392  1.00 55.05  ? 249 GLU A OE2 1 
ATOM   757 N N   . TRP A 1 103 ? -5.553  3.195   -4.964  1.00 33.35  ? 250 TRP A N   1 
ATOM   758 C CA  . TRP A 1 103 ? -4.732  2.121   -4.398  1.00 32.20  ? 250 TRP A CA  1 
ATOM   759 C C   . TRP A 1 103 ? -5.478  0.810   -4.278  1.00 33.55  ? 250 TRP A C   1 
ATOM   760 O O   . TRP A 1 103 ? -4.954  -0.245  -4.654  1.00 29.32  ? 250 TRP A O   1 
ATOM   761 C CB  . TRP A 1 103 ? -4.178  2.498   -3.008  1.00 31.17  ? 250 TRP A CB  1 
ATOM   762 C CG  . TRP A 1 103 ? -2.899  3.268   -3.049  1.00 28.19  ? 250 TRP A CG  1 
ATOM   763 C CD1 . TRP A 1 103 ? -2.736  4.604   -2.814  1.00 33.00  ? 250 TRP A CD1 1 
ATOM   764 C CD2 . TRP A 1 103 ? -1.599  2.757   -3.385  1.00 28.97  ? 250 TRP A CD2 1 
ATOM   765 N NE1 . TRP A 1 103 ? -1.418  4.958   -2.984  1.00 29.57  ? 250 TRP A NE1 1 
ATOM   766 C CE2 . TRP A 1 103 ? -0.696  3.844   -3.334  1.00 27.92  ? 250 TRP A CE2 1 
ATOM   767 C CE3 . TRP A 1 103 ? -1.110  1.484   -3.729  1.00 28.24  ? 250 TRP A CE3 1 
ATOM   768 C CZ2 . TRP A 1 103 ? 0.677   3.702   -3.611  1.00 31.30  ? 250 TRP A CZ2 1 
ATOM   769 C CZ3 . TRP A 1 103 ? 0.258   1.340   -4.006  1.00 28.16  ? 250 TRP A CZ3 1 
ATOM   770 C CH2 . TRP A 1 103 ? 1.132   2.447   -3.944  1.00 23.86  ? 250 TRP A CH2 1 
ATOM   771 N N   . ILE A 1 104 ? -6.693  0.876   -3.732  1.00 31.52  ? 251 ILE A N   1 
ATOM   772 C CA  . ILE A 1 104 ? -7.512  -0.311  -3.546  1.00 30.58  ? 251 ILE A CA  1 
ATOM   773 C C   . ILE A 1 104 ? -7.815  -1.001  -4.880  1.00 30.87  ? 251 ILE A C   1 
ATOM   774 O O   . ILE A 1 104 ? -7.716  -2.225  -4.983  1.00 31.96  ? 251 ILE A O   1 
ATOM   775 C CB  . ILE A 1 104 ? -8.841  0.051   -2.819  1.00 34.68  ? 251 ILE A CB  1 
ATOM   776 C CG1 . ILE A 1 104 ? -8.553  0.386   -1.353  1.00 29.63  ? 251 ILE A CG1 1 
ATOM   777 C CG2 . ILE A 1 104 ? -9.824  -1.110  -2.896  1.00 31.06  ? 251 ILE A CG2 1 
ATOM   778 C CD1 . ILE A 1 104 ? -9.637  1.226   -0.686  1.00 33.89  ? 251 ILE A CD1 1 
ATOM   779 N N   . LYS A 1 105 ? -8.180  -0.219  -5.894  1.00 28.48  ? 252 LYS A N   1 
ATOM   780 C CA  . LYS A 1 105 ? -8.492  -0.769  -7.219  1.00 33.22  ? 252 LYS A CA  1 
ATOM   781 C C   . LYS A 1 105 ? -7.334  -1.550  -7.819  1.00 32.79  ? 252 LYS A C   1 
ATOM   782 O O   . LYS A 1 105 ? -7.502  -2.679  -8.287  1.00 32.51  ? 252 LYS A O   1 
ATOM   783 C CB  . LYS A 1 105 ? -8.882  0.344   -8.201  1.00 35.46  ? 252 LYS A CB  1 
ATOM   784 C CG  . LYS A 1 105 ? -10.342 0.758   -8.143  1.00 42.29  ? 252 LYS A CG  1 
ATOM   785 C CD  . LYS A 1 105 ? -10.697 1.657   -9.318  1.00 47.30  ? 252 LYS A CD  1 
ATOM   786 C CE  . LYS A 1 105 ? -12.199 1.924   -9.410  1.00 52.08  ? 252 LYS A CE  1 
ATOM   787 N NZ  . LYS A 1 105 ? -12.738 2.597   -8.195  1.00 52.72  ? 252 LYS A NZ  1 
ATOM   788 N N   . ILE A 1 106 ? -6.152  -0.946  -7.802  1.00 33.68  ? 253 ILE A N   1 
ATOM   789 C CA  . ILE A 1 106 ? -4.989  -1.598  -8.365  1.00 32.66  ? 253 ILE A CA  1 
ATOM   790 C C   . ILE A 1 106 ? -4.516  -2.801  -7.547  1.00 33.54  ? 253 ILE A C   1 
ATOM   791 O O   . ILE A 1 106 ? -4.034  -3.794  -8.111  1.00 32.76  ? 253 ILE A O   1 
ATOM   792 C CB  . ILE A 1 106 ? -3.833  -0.583  -8.571  1.00 34.19  ? 253 ILE A CB  1 
ATOM   793 C CG1 . ILE A 1 106 ? -2.798  -1.180  -9.526  1.00 33.10  ? 253 ILE A CG1 1 
ATOM   794 C CG2 . ILE A 1 106 ? -3.198  -0.209  -7.240  1.00 27.23  ? 253 ILE A CG2 1 
ATOM   795 C CD1 . ILE A 1 106 ? -1.833  -0.162  -10.086 1.00 36.68  ? 253 ILE A CD1 1 
ATOM   796 N N   . LEU A 1 107 ? -4.659  -2.729  -6.228  1.00 30.69  ? 254 LEU A N   1 
ATOM   797 C CA  . LEU A 1 107 ? -4.240  -3.834  -5.377  1.00 31.69  ? 254 LEU A CA  1 
ATOM   798 C C   . LEU A 1 107 ? -5.199  -5.014  -5.563  1.00 35.36  ? 254 LEU A C   1 
ATOM   799 O O   . LEU A 1 107 ? -4.762  -6.164  -5.686  1.00 34.85  ? 254 LEU A O   1 
ATOM   800 C CB  . LEU A 1 107 ? -4.181  -3.380  -3.912  1.00 35.38  ? 254 LEU A CB  1 
ATOM   801 C CG  . LEU A 1 107 ? -3.004  -2.424  -3.649  1.00 33.28  ? 254 LEU A CG  1 
ATOM   802 C CD1 . LEU A 1 107 ? -3.153  -1.716  -2.312  1.00 30.07  ? 254 LEU A CD1 1 
ATOM   803 C CD2 . LEU A 1 107 ? -1.705  -3.212  -3.705  1.00 32.12  ? 254 LEU A CD2 1 
ATOM   804 N N   . ARG A 1 108 ? -6.501  -4.732  -5.597  1.00 32.95  ? 255 ARG A N   1 
ATOM   805 C CA  . ARG A 1 108 ? -7.494  -5.783  -5.813  1.00 39.77  ? 255 ARG A CA  1 
ATOM   806 C C   . ARG A 1 108 ? -7.292  -6.433  -7.209  1.00 37.95  ? 255 ARG A C   1 
ATOM   807 O O   . ARG A 1 108 ? -7.320  -7.653  -7.348  1.00 33.98  ? 255 ARG A O   1 
ATOM   808 C CB  . ARG A 1 108 ? -8.904  -5.199  -5.688  1.00 42.55  ? 255 ARG A CB  1 
ATOM   809 C CG  . ARG A 1 108 ? -10.007 -6.165  -6.070  1.00 54.44  ? 255 ARG A CG  1 
ATOM   810 C CD  . ARG A 1 108 ? -11.369 -5.672  -5.614  1.00 61.65  ? 255 ARG A CD  1 
ATOM   811 N NE  . ARG A 1 108 ? -12.439 -6.571  -6.044  1.00 67.41  ? 255 ARG A NE  1 
ATOM   812 C CZ  . ARG A 1 108 ? -13.667 -6.577  -5.531  1.00 69.82  ? 255 ARG A CZ  1 
ATOM   813 N NH1 . ARG A 1 108 ? -13.989 -5.732  -4.558  1.00 68.47  ? 255 ARG A NH1 1 
ATOM   814 N NH2 . ARG A 1 108 ? -14.578 -7.424  -5.997  1.00 69.50  ? 255 ARG A NH2 1 
ATOM   815 N N   . TRP A 1 109 ? -7.084  -5.606  -8.229  1.00 35.31  ? 256 TRP A N   1 
ATOM   816 C CA  . TRP A 1 109 ? -6.839  -6.093  -9.587  1.00 38.73  ? 256 TRP A CA  1 
ATOM   817 C C   . TRP A 1 109 ? -5.596  -6.981  -9.592  1.00 41.17  ? 256 TRP A C   1 
ATOM   818 O O   . TRP A 1 109 ? -5.551  -8.009  -10.275 1.00 42.66  ? 256 TRP A O   1 
ATOM   819 C CB  . TRP A 1 109 ? -6.591  -4.915  -10.533 1.00 34.78  ? 256 TRP A CB  1 
ATOM   820 C CG  . TRP A 1 109 ? -6.340  -5.305  -11.963 1.00 39.51  ? 256 TRP A CG  1 
ATOM   821 C CD1 . TRP A 1 109 ? -7.281  -5.593  -12.915 1.00 32.91  ? 256 TRP A CD1 1 
ATOM   822 C CD2 . TRP A 1 109 ? -5.064  -5.417  -12.613 1.00 39.55  ? 256 TRP A CD2 1 
ATOM   823 N NE1 . TRP A 1 109 ? -6.667  -5.865  -14.112 1.00 36.42  ? 256 TRP A NE1 1 
ATOM   824 C CE2 . TRP A 1 109 ? -5.310  -5.767  -13.956 1.00 37.57  ? 256 TRP A CE2 1 
ATOM   825 C CE3 . TRP A 1 109 ? -3.737  -5.255  -12.187 1.00 39.40  ? 256 TRP A CE3 1 
ATOM   826 C CZ2 . TRP A 1 109 ? -4.281  -5.956  -14.883 1.00 40.12  ? 256 TRP A CZ2 1 
ATOM   827 C CZ3 . TRP A 1 109 ? -2.713  -5.445  -13.106 1.00 42.76  ? 256 TRP A CZ3 1 
ATOM   828 C CH2 . TRP A 1 109 ? -2.993  -5.792  -14.443 1.00 39.92  ? 256 TRP A CH2 1 
ATOM   829 N N   . LYS A 1 110 ? -4.584  -6.563  -8.830  1.00 43.87  ? 257 LYS A N   1 
ATOM   830 C CA  . LYS A 1 110 ? -3.323  -7.295  -8.755  1.00 46.17  ? 257 LYS A CA  1 
ATOM   831 C C   . LYS A 1 110 ? -3.475  -8.657  -8.089  1.00 44.24  ? 257 LYS A C   1 
ATOM   832 O O   . LYS A 1 110 ? -2.756  -9.596  -8.424  1.00 46.58  ? 257 LYS A O   1 
ATOM   833 C CB  . LYS A 1 110 ? -2.262  -6.456  -8.026  1.00 48.74  ? 257 LYS A CB  1 
ATOM   834 C CG  . LYS A 1 110 ? -0.874  -7.095  -7.975  1.00 57.88  ? 257 LYS A CG  1 
ATOM   835 C CD  . LYS A 1 110 ? -0.824  -8.235  -6.958  1.00 67.43  ? 257 LYS A CD  1 
ATOM   836 C CE  . LYS A 1 110 ? 0.249   -9.263  -7.299  1.00 72.00  ? 257 LYS A CE  1 
ATOM   837 N NZ  . LYS A 1 110 ? 0.133   -10.528 -6.497  1.00 69.65  ? 257 LYS A NZ  1 
ATOM   838 N N   . LEU A 1 111 ? -4.398  -8.763  -7.141  1.00 42.87  ? 258 LEU A N   1 
ATOM   839 C CA  . LEU A 1 111 ? -4.631  -10.032 -6.465  1.00 43.42  ? 258 LEU A CA  1 
ATOM   840 C C   . LEU A 1 111 ? -5.446  -10.932 -7.383  1.00 45.73  ? 258 LEU A C   1 
ATOM   841 O O   . LEU A 1 111 ? -5.351  -12.156 -7.320  1.00 46.49  ? 258 LEU A O   1 
ATOM   842 C CB  . LEU A 1 111 ? -5.378  -9.816  -5.147  1.00 40.43  ? 258 LEU A CB  1 
ATOM   843 C CG  . LEU A 1 111 ? -4.474  -9.417  -3.985  1.00 35.85  ? 258 LEU A CG  1 
ATOM   844 C CD1 . LEU A 1 111 ? -5.277  -8.793  -2.873  1.00 38.16  ? 258 LEU A CD1 1 
ATOM   845 C CD2 . LEU A 1 111 ? -3.758  -10.655 -3.504  1.00 40.95  ? 258 LEU A CD2 1 
ATOM   846 N N   . SER A 1 112 ? -6.247  -10.313 -8.241  1.00 45.00  ? 259 SER A N   1 
ATOM   847 C CA  . SER A 1 112 ? -7.069  -11.069 -9.168  1.00 47.98  ? 259 SER A CA  1 
ATOM   848 C C   . SER A 1 112 ? -6.170  -11.693 -10.229 1.00 48.19  ? 259 SER A C   1 
ATOM   849 O O   . SER A 1 112 ? -6.451  -12.786 -10.721 1.00 50.89  ? 259 SER A O   1 
ATOM   850 C CB  . SER A 1 112 ? -8.104  -10.156 -9.820  1.00 47.11  ? 259 SER A CB  1 
ATOM   851 O OG  . SER A 1 112 ? -9.092  -10.915 -10.496 1.00 56.57  ? 259 SER A OG  1 
ATOM   852 N N   . GLN A 1 113 ? -5.087  -11.000 -10.574 1.00 47.13  ? 260 GLN A N   1 
ATOM   853 C CA  . GLN A 1 113 ? -4.148  -11.504 -11.570 1.00 45.82  ? 260 GLN A CA  1 
ATOM   854 C C   . GLN A 1 113 ? -3.289  -12.618 -10.985 1.00 47.67  ? 260 GLN A C   1 
ATOM   855 O O   . GLN A 1 113 ? -3.156  -13.687 -11.578 1.00 43.83  ? 260 GLN A O   1 
ATOM   856 C CB  . GLN A 1 113 ? -3.247  -10.375 -12.088 1.00 46.99  ? 260 GLN A CB  1 
ATOM   857 C CG  . GLN A 1 113 ? -4.006  -9.210  -12.709 1.00 49.09  ? 260 GLN A CG  1 
ATOM   858 C CD  . GLN A 1 113 ? -5.247  -9.661  -13.471 1.00 53.50  ? 260 GLN A CD  1 
ATOM   859 O OE1 . GLN A 1 113 ? -5.172  -10.517 -14.348 1.00 52.45  ? 260 GLN A OE1 1 
ATOM   860 N NE2 . GLN A 1 113 ? -6.397  -9.084  -13.134 1.00 54.50  ? 260 GLN A NE2 1 
ATOM   861 N N   . ILE A 1 114 ? -2.706  -12.364 -9.817  1.00 49.65  ? 261 ILE A N   1 
ATOM   862 C CA  . ILE A 1 114 ? -1.868  -13.353 -9.151  1.00 54.10  ? 261 ILE A CA  1 
ATOM   863 C C   . ILE A 1 114 ? -2.681  -14.619 -8.931  1.00 55.92  ? 261 ILE A C   1 
ATOM   864 O O   . ILE A 1 114 ? -2.165  -15.731 -9.045  1.00 56.79  ? 261 ILE A O   1 
ATOM   865 C CB  . ILE A 1 114 ? -1.340  -12.812 -7.785  1.00 54.05  ? 261 ILE A CB  1 
ATOM   866 C CG1 . ILE A 1 114 ? -0.706  -13.935 -6.957  1.00 56.91  ? 261 ILE A CG1 1 
ATOM   867 C CG2 . ILE A 1 114 ? -2.467  -12.190 -7.005  1.00 57.28  ? 261 ILE A CG2 1 
ATOM   868 C CD1 . ILE A 1 114 ? -1.686  -14.769 -6.131  1.00 56.59  ? 261 ILE A CD1 1 
ATOM   869 N N   . ARG A 1 115 ? -3.957  -14.433 -8.619  1.00 57.40  ? 262 ARG A N   1 
ATOM   870 C CA  . ARG A 1 115 ? -4.866  -15.538 -8.381  1.00 60.87  ? 262 ARG A CA  1 
ATOM   871 C C   . ARG A 1 115 ? -5.091  -16.308 -9.679  1.00 63.18  ? 262 ARG A C   1 
ATOM   872 O O   . ARG A 1 115 ? -5.028  -17.538 -9.704  1.00 61.23  ? 262 ARG A O   1 
ATOM   873 C CB  . ARG A 1 115 ? -6.195  -14.996 -7.857  1.00 61.50  ? 262 ARG A CB  1 
ATOM   874 C CG  . ARG A 1 115 ? -7.195  -16.057 -7.469  1.00 65.47  ? 262 ARG A CG  1 
ATOM   875 C CD  . ARG A 1 115 ? -8.468  -15.422 -6.945  1.00 68.01  ? 262 ARG A CD  1 
ATOM   876 N NE  . ARG A 1 115 ? -9.461  -16.426 -6.583  1.00 75.89  ? 262 ARG A NE  1 
ATOM   877 C CZ  . ARG A 1 115 ? -10.674 -16.140 -6.116  1.00 81.30  ? 262 ARG A CZ  1 
ATOM   878 N NH1 . ARG A 1 115 ? -11.043 -14.876 -5.953  1.00 82.24  ? 262 ARG A NH1 1 
ATOM   879 N NH2 . ARG A 1 115 ? -11.522 -17.118 -5.815  1.00 82.17  ? 262 ARG A NH2 1 
HETATM 880 P P   . PO4 B 2 .   ? 8.214   1.782   10.337  1.00 41.59  ? 31  PO4 A P   1 
HETATM 881 O O1  . PO4 B 2 .   ? 7.288   2.371   9.332   1.00 39.69  ? 31  PO4 A O1  1 
HETATM 882 O O2  . PO4 B 2 .   ? 9.024   0.710   9.705   1.00 41.19  ? 31  PO4 A O2  1 
HETATM 883 O O3  . PO4 B 2 .   ? 9.120   2.844   10.860  1.00 40.79  ? 31  PO4 A O3  1 
HETATM 884 O O4  . PO4 B 2 .   ? 7.424   1.213   11.461  1.00 39.51  ? 31  PO4 A O4  1 
HETATM 885 P P   . PO4 C 2 .   ? 6.718   -1.844  10.898  1.00 46.17  ? 32  PO4 A P   1 
HETATM 886 O O1  . PO4 C 2 .   ? 5.379   -1.220  11.079  1.00 45.27  ? 32  PO4 A O1  1 
HETATM 887 O O2  . PO4 C 2 .   ? 7.219   -1.571  9.530   1.00 42.82  ? 32  PO4 A O2  1 
HETATM 888 O O3  . PO4 C 2 .   ? 7.672   -1.286  11.891  1.00 40.57  ? 32  PO4 A O3  1 
HETATM 889 O O4  . PO4 C 2 .   ? 6.600   -3.316  11.099  1.00 46.96  ? 32  PO4 A O4  1 
HETATM 890 O O   . HOH D 3 .   ? 1.609   10.530  -2.827  1.00 32.55  ? 1   HOH A O   1 
HETATM 891 O O   . HOH D 3 .   ? -0.477  7.599   -2.638  1.00 31.15  ? 2   HOH A O   1 
HETATM 892 O O   . HOH D 3 .   ? -2.403  9.136   0.058   1.00 31.92  ? 3   HOH A O   1 
HETATM 893 O O   . HOH D 3 .   ? 7.292   14.601  0.458   1.00 34.46  ? 4   HOH A O   1 
HETATM 894 O O   . HOH D 3 .   ? -7.438  -6.831  -16.617 1.00 37.90  ? 5   HOH A O   1 
HETATM 895 O O   . HOH D 3 .   ? -11.649 4.613   5.608   1.00 35.67  ? 6   HOH A O   1 
HETATM 896 O O   . HOH D 3 .   ? 7.661   -8.684  5.083   1.00 50.16  ? 7   HOH A O   1 
HETATM 897 O O   . HOH D 3 .   ? 8.787   12.864  -2.851  1.00 42.42  ? 8   HOH A O   1 
HETATM 898 O O   . HOH D 3 .   ? -0.150  11.640  -1.101  1.00 36.69  ? 9   HOH A O   1 
HETATM 899 O O   . HOH D 3 .   ? -9.846  -8.494  -1.127  1.00 37.11  ? 10  HOH A O   1 
HETATM 900 O O   . HOH D 3 .   ? -0.096  -1.777  9.393   1.00 38.40  ? 11  HOH A O   1 
HETATM 901 O O   . HOH D 3 .   ? 2.115   6.267   -9.627  1.00 47.55  ? 12  HOH A O   1 
HETATM 902 O O   . HOH D 3 .   ? -0.501  9.370   -4.588  1.00 48.29  ? 13  HOH A O   1 
HETATM 903 O O   . HOH D 3 .   ? -8.291  10.091  3.657   1.00 42.43  ? 14  HOH A O   1 
HETATM 904 O O   . HOH D 3 .   ? 14.857  -0.434  -4.263  1.00 51.75  ? 15  HOH A O   1 
HETATM 905 O O   . HOH D 3 .   ? -2.302  -7.855  12.393  1.00 37.39  ? 16  HOH A O   1 
HETATM 906 O O   . HOH D 3 .   ? -0.568  -3.836  10.960  1.00 43.26  ? 17  HOH A O   1 
HETATM 907 O O   . HOH D 3 .   ? -10.969 12.979  0.556   1.00 44.67  ? 18  HOH A O   1 
HETATM 908 O O   . HOH D 3 .   ? 8.343   -4.416  12.967  1.00 48.07  ? 19  HOH A O   1 
HETATM 909 O O   . HOH D 3 .   ? 4.125   -4.312  -13.038 1.00 53.60  ? 20  HOH A O   1 
HETATM 910 O O   . HOH D 3 .   ? -2.350  14.024  -1.072  1.00 56.17  ? 21  HOH A O   1 
HETATM 911 O O   . HOH D 3 .   ? 7.508   -2.217  -5.680  1.00 41.99  ? 22  HOH A O   1 
HETATM 912 O O   . HOH D 3 .   ? 3.155   12.304  -4.058  1.00 56.64  ? 23  HOH A O   1 
HETATM 913 O O   . HOH D 3 .   ? -3.357  9.374   5.960   1.00 57.98  ? 24  HOH A O   1 
HETATM 914 O O   . HOH D 3 .   ? 7.053   -9.657  -8.181  1.00 59.82  ? 25  HOH A O   1 
HETATM 915 O O   . HOH D 3 .   ? 9.750   -10.164 0.417   1.00 58.43  ? 26  HOH A O   1 
HETATM 916 O O   . HOH D 3 .   ? 6.577   2.321   -13.970 1.00 43.70  ? 27  HOH A O   1 
HETATM 917 O O   . HOH D 3 .   ? -12.069 -8.861  -7.257  1.00 55.75  ? 28  HOH A O   1 
# 
